data_6NJP
#
_entry.id   6NJP
#
_cell.length_a   1
_cell.length_b   1
_cell.length_c   1
_cell.angle_alpha   90
_cell.angle_beta   90
_cell.angle_gamma   90
#
_symmetry.space_group_name_H-M   'P 1'
#
loop_
_entity.id
_entity.type
_entity.pdbx_description
1 polymer 'Translocator EscN'
2 polymer EscO
3 non-polymer "ADENOSINE-5'-DIPHOSPHATE"
4 non-polymer 'MAGNESIUM ION'
5 non-polymer 'ALUMINUM FLUORIDE'
6 water water
#
loop_
_entity_poly.entity_id
_entity_poly.type
_entity_poly.pdbx_seq_one_letter_code
_entity_poly.pdbx_strand_id
1 'polypeptide(L)'
;GSHMISEHDSVLEKYPRIQKVLNSTVPALSLNSSTRYEGKIINIGGTIIKARLPKARIGAFYKIEPSQRLAEVIAIDEDE
VFLLPFEHVSGMYCGQWLSYQGDEFKIRVGDALLGRLIDGIGRPMESNIVAPYLPFERSLYAEPPDPLLRQVIDQPFILG
VRAIDGLLTCGIGQRIGIFAGSGVGKSTLLGMICNGASADIIVLALIGERGREVNEFLALLPQSTLSKCVLVVTTSDRPA
LERMKAAFTATTIAEYFRDQGKNVLLMMDSVTRYARAARDVGLASGEPDVRGGFPPSVFSSLPKLLERAGPAPKGSITAI
YTVLLESDNVNDPIGDEVRSILDGHIVLTRELAEENHFPAIDIGLSASRVMHNVVTSEHLRAAAECKKLIATYKNVELLI
RIGEYTMGQDPEADKAIKNRKLIQNFIQQSTKDISSYEKTIESLFKVVA
;
A,B,C,D,E,F
2 'polypeptide(L)'
;GSHMLDRILSIRKSRANRLRESMAKINSQIKEVDGKLDDCEQSIKESIASKQAYCASLVNLDKVSLYKYQIKNNAFDEQK
QRLYEKKSSLSKEKRSLLDSQKRTKENLQHVNKSVEKLSFAIKEHYFD
;
G
#
loop_
_chem_comp.id
_chem_comp.type
_chem_comp.name
_chem_comp.formula
ADP non-polymer ADENOSINE-5'-DIPHOSPHATE 'C10 H15 N5 O10 P2'
AF3 non-polymer 'ALUMINUM FLUORIDE' 'Al F3'
MG non-polymer 'MAGNESIUM ION' 'Mg 2'
#
# COMPACT_ATOMS: atom_id res chain seq x y z
N GLU A 38 -36.75 28.17 12.87
CA GLU A 38 -36.88 26.81 13.41
C GLU A 38 -35.56 26.34 14.01
N GLY A 39 -34.47 26.61 13.28
CA GLY A 39 -33.14 26.26 13.75
C GLY A 39 -32.12 26.99 12.91
N LYS A 40 -30.95 27.21 13.49
CA LYS A 40 -29.92 28.04 12.88
C LYS A 40 -28.61 27.28 12.83
N ILE A 41 -27.77 27.64 11.86
CA ILE A 41 -26.46 27.01 11.69
C ILE A 41 -25.56 27.40 12.85
N ILE A 42 -24.88 26.41 13.44
CA ILE A 42 -23.86 26.71 14.43
C ILE A 42 -22.50 26.82 13.79
N ASN A 43 -22.06 25.77 13.09
CA ASN A 43 -20.76 25.87 12.44
C ASN A 43 -20.79 25.15 11.10
N ILE A 44 -19.81 25.47 10.26
CA ILE A 44 -19.59 24.83 8.99
C ILE A 44 -18.21 24.19 9.04
N GLY A 45 -18.15 22.87 8.88
CA GLY A 45 -16.89 22.16 8.88
C GLY A 45 -16.47 21.72 7.51
N GLY A 46 -16.74 22.54 6.50
CA GLY A 46 -16.30 22.26 5.15
C GLY A 46 -17.32 21.51 4.31
N THR A 47 -17.58 20.25 4.64
CA THR A 47 -18.53 19.43 3.90
C THR A 47 -19.72 19.00 4.74
N ILE A 48 -19.66 19.20 6.04
CA ILE A 48 -20.71 18.80 6.96
C ILE A 48 -20.99 19.94 7.93
N ILE A 49 -22.26 20.23 8.17
CA ILE A 49 -22.63 21.38 8.98
C ILE A 49 -23.40 20.89 10.20
N LYS A 50 -23.46 21.74 11.20
CA LYS A 50 -24.21 21.47 12.41
C LYS A 50 -25.27 22.55 12.58
N ALA A 51 -26.39 22.19 13.17
CA ALA A 51 -27.45 23.15 13.40
C ALA A 51 -28.25 22.72 14.60
N ARG A 52 -28.66 23.68 15.43
CA ARG A 52 -29.45 23.38 16.62
C ARG A 52 -30.91 23.27 16.23
N LEU A 53 -31.43 22.04 16.27
CA LEU A 53 -32.86 21.80 16.12
C LEU A 53 -33.32 20.84 17.21
N PRO A 54 -34.15 21.26 18.17
CA PRO A 54 -34.60 20.35 19.21
C PRO A 54 -35.63 19.35 18.69
N LYS A 55 -35.38 18.08 19.00
CA LYS A 55 -36.22 16.93 18.61
C LYS A 55 -36.43 16.87 17.10
N ALA A 56 -35.34 17.02 16.35
CA ALA A 56 -35.37 16.77 14.91
C ALA A 56 -35.17 15.28 14.68
N ARG A 57 -35.87 14.73 13.69
CA ARG A 57 -35.74 13.32 13.37
C ARG A 57 -34.63 13.14 12.33
N ILE A 58 -34.35 11.88 12.01
CA ILE A 58 -33.25 11.55 11.10
C ILE A 58 -33.84 11.07 9.78
N GLY A 59 -33.13 11.35 8.70
CA GLY A 59 -33.61 11.10 7.35
C GLY A 59 -34.37 12.25 6.73
N ALA A 60 -34.70 13.28 7.51
CA ALA A 60 -35.43 14.42 7.02
C ALA A 60 -34.54 15.32 6.17
N PHE A 61 -35.18 16.18 5.38
CA PHE A 61 -34.49 17.09 4.47
C PHE A 61 -35.04 18.49 4.65
N TYR A 62 -34.16 19.49 4.55
CA TYR A 62 -34.47 20.85 4.97
C TYR A 62 -34.16 21.86 3.87
N LYS A 63 -34.91 22.97 3.87
CA LYS A 63 -34.66 24.11 3.01
C LYS A 63 -33.85 25.15 3.78
N ILE A 64 -32.76 25.60 3.18
CA ILE A 64 -32.10 26.81 3.66
C ILE A 64 -32.95 28.01 3.27
N GLU A 65 -33.40 28.80 4.27
CA GLU A 65 -34.41 29.82 4.03
C GLU A 65 -34.02 31.03 3.17
N PRO A 66 -32.80 31.57 3.17
CA PRO A 66 -32.51 32.64 2.20
C PRO A 66 -32.47 32.16 0.75
N SER A 67 -31.76 31.06 0.48
CA SER A 67 -31.66 30.47 -0.84
C SER A 67 -32.80 29.47 -1.03
N GLN A 68 -32.64 28.61 -2.02
CA GLN A 68 -33.46 27.40 -2.17
C GLN A 68 -32.49 26.24 -2.35
N ARG A 69 -32.00 25.73 -1.22
CA ARG A 69 -30.99 24.68 -1.22
C ARG A 69 -31.42 23.60 -0.24
N LEU A 70 -30.96 22.38 -0.47
CA LEU A 70 -31.42 21.24 0.30
C LEU A 70 -30.26 20.57 1.04
N ALA A 71 -30.60 19.93 2.15
CA ALA A 71 -29.63 19.25 3.00
C ALA A 71 -30.37 18.28 3.90
N GLU A 72 -29.74 17.14 4.17
CA GLU A 72 -30.40 16.08 4.95
C GLU A 72 -29.74 15.97 6.32
N VAL A 73 -30.36 15.19 7.21
CA VAL A 73 -29.78 14.92 8.51
C VAL A 73 -29.23 13.49 8.53
N ILE A 74 -28.00 13.35 9.01
CA ILE A 74 -27.34 12.06 9.07
C ILE A 74 -26.98 11.62 10.47
N ALA A 75 -26.83 12.54 11.43
CA ALA A 75 -26.45 12.18 12.78
C ALA A 75 -27.09 13.15 13.74
N ILE A 76 -27.57 12.63 14.86
CA ILE A 76 -28.28 13.43 15.85
C ILE A 76 -27.44 13.46 17.11
N ASP A 77 -27.20 14.66 17.65
CA ASP A 77 -26.60 14.85 18.96
C ASP A 77 -27.76 15.21 19.90
N GLU A 78 -27.43 15.73 21.09
CA GLU A 78 -28.45 16.13 22.07
C GLU A 78 -29.39 17.19 21.50
N ASP A 79 -28.86 18.37 21.19
CA ASP A 79 -29.70 19.40 20.61
C ASP A 79 -29.19 19.88 19.27
N GLU A 80 -28.00 19.43 18.86
CA GLU A 80 -27.19 20.09 17.84
C GLU A 80 -26.88 19.06 16.76
N VAL A 81 -27.78 18.95 15.80
CA VAL A 81 -27.72 17.84 14.84
C VAL A 81 -26.67 18.11 13.77
N PHE A 82 -25.91 17.07 13.46
CA PHE A 82 -25.10 17.05 12.25
C PHE A 82 -26.02 16.92 11.05
N LEU A 83 -25.56 17.43 9.93
CA LEU A 83 -26.46 17.68 8.83
C LEU A 83 -25.61 17.84 7.59
N LEU A 84 -25.93 17.07 6.56
CA LEU A 84 -25.09 16.95 5.37
C LEU A 84 -25.70 17.77 4.24
N PRO A 85 -25.02 18.82 3.77
CA PRO A 85 -25.44 19.51 2.56
C PRO A 85 -24.79 18.88 1.33
N PHE A 86 -25.34 19.22 0.17
CA PHE A 86 -24.69 18.71 -1.04
C PHE A 86 -24.45 19.78 -2.11
N GLU A 87 -25.32 20.79 -2.21
CA GLU A 87 -25.18 21.69 -3.34
C GLU A 87 -24.11 22.75 -3.09
N HIS A 88 -24.33 23.63 -2.10
CA HIS A 88 -23.44 24.77 -1.96
C HIS A 88 -23.21 25.04 -0.49
N VAL A 89 -21.95 25.34 -0.15
CA VAL A 89 -21.55 25.53 1.24
C VAL A 89 -21.09 26.95 1.53
N SER A 90 -20.54 27.67 0.55
CA SER A 90 -19.81 28.90 0.84
C SER A 90 -20.75 30.09 1.04
N GLY A 91 -22.04 29.90 0.83
CA GLY A 91 -22.96 30.97 1.13
C GLY A 91 -23.60 30.88 2.49
N MET A 92 -22.83 30.63 3.55
CA MET A 92 -23.41 30.30 4.84
C MET A 92 -22.82 31.14 5.96
N TYR A 93 -23.72 31.66 6.80
CA TYR A 93 -23.48 32.44 8.00
C TYR A 93 -23.50 31.56 9.24
N CYS A 94 -23.41 32.19 10.40
CA CYS A 94 -23.69 31.59 11.70
C CYS A 94 -25.01 32.16 12.15
N GLY A 95 -26.07 31.37 12.00
CA GLY A 95 -27.39 31.84 12.35
C GLY A 95 -28.29 31.86 11.13
N GLN A 96 -27.94 31.07 10.12
CA GLN A 96 -28.78 30.99 8.93
C GLN A 96 -29.85 29.93 9.15
N TRP A 97 -31.08 30.26 8.78
CA TRP A 97 -32.23 29.48 9.22
C TRP A 97 -32.48 28.27 8.33
N LEU A 98 -33.14 27.28 8.91
CA LEU A 98 -33.53 26.04 8.26
C LEU A 98 -35.05 26.05 8.09
N SER A 99 -35.55 25.13 7.27
CA SER A 99 -37.00 25.04 7.07
C SER A 99 -37.41 23.58 6.94
N TYR A 100 -38.46 23.19 7.66
CA TYR A 100 -38.92 21.81 7.69
C TYR A 100 -39.80 21.49 6.50
N GLN A 101 -39.70 20.25 6.00
CA GLN A 101 -40.64 19.74 5.01
C GLN A 101 -41.39 18.52 5.49
N GLY A 102 -40.69 17.47 5.93
CA GLY A 102 -41.35 16.24 6.29
C GLY A 102 -40.40 15.30 7.01
N ASP A 103 -40.88 14.09 7.26
CA ASP A 103 -40.11 13.12 8.02
C ASP A 103 -39.08 12.40 7.15
N GLU A 104 -39.50 11.95 5.97
CA GLU A 104 -38.63 11.19 5.08
C GLU A 104 -38.78 11.79 3.69
N PHE A 105 -37.71 11.77 2.90
CA PHE A 105 -37.76 12.33 1.57
C PHE A 105 -38.56 11.44 0.63
N LYS A 106 -39.53 12.04 -0.06
CA LYS A 106 -40.44 11.34 -0.94
C LYS A 106 -40.16 11.75 -2.38
N ILE A 107 -40.81 11.09 -3.32
CA ILE A 107 -40.88 11.55 -4.71
C ILE A 107 -42.32 11.48 -5.18
N ARG A 108 -42.58 12.19 -6.26
CA ARG A 108 -43.90 12.22 -6.89
C ARG A 108 -43.89 11.18 -8.01
N VAL A 109 -44.70 10.14 -7.86
CA VAL A 109 -44.73 9.06 -8.83
C VAL A 109 -46.15 8.88 -9.36
N GLY A 110 -46.25 8.68 -10.67
CA GLY A 110 -47.54 8.48 -11.30
C GLY A 110 -47.33 7.91 -12.69
N ASP A 111 -48.46 7.64 -13.34
CA ASP A 111 -48.42 6.92 -14.61
C ASP A 111 -48.19 7.84 -15.80
N ALA A 112 -47.88 9.12 -15.57
CA ALA A 112 -47.60 10.08 -16.63
C ALA A 112 -46.11 10.24 -16.90
N LEU A 113 -45.28 9.41 -16.26
CA LEU A 113 -43.83 9.53 -16.35
C LEU A 113 -43.25 8.87 -17.59
N LEU A 114 -44.07 8.25 -18.42
CA LEU A 114 -43.57 7.53 -19.58
C LEU A 114 -43.09 8.50 -20.65
N GLY A 115 -41.79 8.75 -20.68
CA GLY A 115 -41.23 9.69 -21.63
C GLY A 115 -40.80 10.99 -21.02
N ARG A 116 -40.17 10.95 -19.85
CA ARG A 116 -39.75 12.14 -19.12
C ARG A 116 -38.31 11.97 -18.67
N LEU A 117 -37.51 13.04 -18.83
CA LEU A 117 -36.20 13.11 -18.22
C LEU A 117 -36.39 13.64 -16.81
N ILE A 118 -36.07 12.81 -15.82
CA ILE A 118 -36.28 13.13 -14.41
C ILE A 118 -34.92 13.35 -13.77
N ASP A 119 -34.85 14.31 -12.84
CA ASP A 119 -33.67 14.47 -12.01
C ASP A 119 -33.50 13.24 -11.11
N GLY A 120 -32.27 13.03 -10.64
CA GLY A 120 -32.02 11.93 -9.75
C GLY A 120 -32.66 12.08 -8.38
N ILE A 121 -32.97 13.32 -7.99
CA ILE A 121 -33.64 13.55 -6.72
C ILE A 121 -35.15 13.39 -6.88
N GLY A 122 -35.62 13.31 -8.12
CA GLY A 122 -37.01 12.99 -8.39
C GLY A 122 -37.82 14.10 -9.02
N ARG A 123 -37.15 15.05 -9.68
CA ARG A 123 -37.86 16.19 -10.26
C ARG A 123 -37.80 16.12 -11.78
N PRO A 124 -38.83 16.58 -12.47
CA PRO A 124 -38.73 16.70 -13.94
C PRO A 124 -37.79 17.84 -14.33
N MET A 125 -36.79 17.52 -15.14
CA MET A 125 -35.76 18.50 -15.47
C MET A 125 -36.25 19.53 -16.48
N GLU A 126 -37.05 19.10 -17.45
CA GLU A 126 -37.42 19.95 -18.58
C GLU A 126 -38.43 21.00 -18.13
N SER A 127 -38.48 22.11 -18.85
CA SER A 127 -39.46 23.16 -18.59
C SER A 127 -40.39 23.40 -19.77
N ASN A 128 -40.23 22.64 -20.86
CA ASN A 128 -41.09 22.81 -22.02
C ASN A 128 -42.47 22.21 -21.80
N ILE A 129 -42.65 21.37 -20.78
CA ILE A 129 -43.94 20.78 -20.48
C ILE A 129 -44.28 21.13 -19.03
N VAL A 130 -45.57 21.27 -18.73
CA VAL A 130 -46.06 21.40 -17.37
C VAL A 130 -46.08 20.01 -16.76
N ALA A 131 -45.62 19.89 -15.52
CA ALA A 131 -45.50 18.60 -14.84
C ALA A 131 -46.88 17.98 -14.64
N PRO A 132 -47.15 16.80 -15.20
CA PRO A 132 -48.52 16.27 -15.20
C PRO A 132 -48.97 15.73 -13.85
N TYR A 133 -50.13 15.09 -13.86
CA TYR A 133 -50.75 14.61 -12.63
C TYR A 133 -50.03 13.37 -12.09
N LEU A 134 -49.23 13.57 -11.04
CA LEU A 134 -48.52 12.50 -10.33
C LEU A 134 -49.20 12.34 -8.98
N PRO A 135 -50.17 11.43 -8.83
CA PRO A 135 -50.96 11.40 -7.60
C PRO A 135 -50.28 10.73 -6.41
N PHE A 136 -49.49 9.68 -6.63
CA PHE A 136 -48.99 8.88 -5.53
C PHE A 136 -47.73 9.49 -4.94
N GLU A 137 -47.36 9.00 -3.76
CA GLU A 137 -46.34 9.63 -2.94
C GLU A 137 -45.51 8.51 -2.32
N ARG A 138 -44.42 8.14 -2.99
CA ARG A 138 -43.57 7.05 -2.53
C ARG A 138 -42.26 7.58 -1.98
N SER A 139 -41.69 6.85 -1.04
CA SER A 139 -40.36 7.12 -0.56
C SER A 139 -39.34 6.32 -1.33
N LEU A 140 -38.08 6.73 -1.23
CA LEU A 140 -37.00 6.09 -1.96
C LEU A 140 -36.52 4.82 -1.29
N TYR A 141 -36.72 4.68 0.01
CA TYR A 141 -36.25 3.53 0.79
C TYR A 141 -37.42 2.60 1.04
N ALA A 142 -37.52 1.54 0.26
CA ALA A 142 -38.52 0.51 0.44
C ALA A 142 -37.83 -0.81 0.74
N GLU A 143 -38.59 -1.83 0.79
CA GLU A 143 -37.97 -3.11 1.07
C GLU A 143 -38.35 -4.13 0.01
N PRO A 144 -37.49 -5.12 -0.24
CA PRO A 144 -37.85 -6.22 -1.12
C PRO A 144 -38.96 -7.06 -0.51
N PRO A 145 -39.67 -7.84 -1.32
CA PRO A 145 -40.79 -8.63 -0.79
C PRO A 145 -40.34 -9.75 0.14
N ASP A 146 -41.36 -10.44 0.68
CA ASP A 146 -41.14 -11.59 1.53
C ASP A 146 -40.43 -12.68 0.73
N PRO A 147 -39.31 -13.23 1.21
CA PRO A 147 -38.59 -14.26 0.46
C PRO A 147 -39.38 -15.55 0.23
N LEU A 148 -40.49 -15.78 0.93
CA LEU A 148 -41.34 -16.91 0.57
C LEU A 148 -42.40 -16.52 -0.45
N LEU A 149 -42.44 -15.24 -0.83
CA LEU A 149 -43.33 -14.82 -1.91
C LEU A 149 -42.55 -14.58 -3.20
N ARG A 150 -41.29 -14.18 -3.07
CA ARG A 150 -40.37 -14.06 -4.20
C ARG A 150 -40.03 -15.47 -4.66
N GLN A 151 -40.69 -15.94 -5.72
CA GLN A 151 -40.63 -17.34 -6.09
C GLN A 151 -39.71 -17.57 -7.29
N VAL A 152 -39.66 -18.83 -7.73
CA VAL A 152 -38.67 -19.28 -8.69
C VAL A 152 -39.03 -18.77 -10.07
N ILE A 153 -38.02 -18.36 -10.84
CA ILE A 153 -38.24 -17.84 -12.18
C ILE A 153 -38.02 -18.93 -13.21
N ASP A 154 -38.95 -19.04 -14.14
CA ASP A 154 -39.03 -20.18 -15.06
C ASP A 154 -39.24 -19.72 -16.49
N GLN A 155 -39.66 -18.46 -16.68
CA GLN A 155 -39.99 -18.00 -18.02
C GLN A 155 -38.81 -17.23 -18.64
N PRO A 156 -38.62 -17.34 -19.95
CA PRO A 156 -37.52 -16.60 -20.57
C PRO A 156 -37.87 -15.14 -20.83
N PHE A 157 -36.83 -14.32 -20.85
CA PHE A 157 -36.94 -12.90 -21.14
C PHE A 157 -36.35 -12.64 -22.51
N ILE A 158 -37.21 -12.43 -23.50
CA ILE A 158 -36.80 -12.37 -24.90
C ILE A 158 -36.05 -11.06 -25.11
N LEU A 159 -34.95 -11.11 -25.83
CA LEU A 159 -34.04 -9.99 -25.75
C LEU A 159 -33.57 -9.47 -27.11
N GLY A 160 -33.65 -10.29 -28.16
CA GLY A 160 -33.32 -9.82 -29.48
C GLY A 160 -31.89 -10.10 -29.89
N VAL A 161 -30.96 -9.98 -28.95
CA VAL A 161 -29.56 -10.31 -29.19
C VAL A 161 -29.43 -11.83 -29.22
N ARG A 162 -28.84 -12.37 -30.29
CA ARG A 162 -28.75 -13.82 -30.42
C ARG A 162 -27.73 -14.45 -29.49
N ALA A 163 -26.78 -13.67 -28.98
CA ALA A 163 -25.75 -14.26 -28.13
C ALA A 163 -26.22 -14.36 -26.68
N ILE A 164 -26.89 -13.31 -26.18
CA ILE A 164 -27.39 -13.32 -24.81
C ILE A 164 -28.62 -14.20 -24.65
N ASP A 165 -29.29 -14.53 -25.74
CA ASP A 165 -30.55 -15.27 -25.67
C ASP A 165 -30.45 -16.71 -26.14
N GLY A 166 -29.59 -17.02 -27.10
CA GLY A 166 -29.39 -18.41 -27.45
C GLY A 166 -28.50 -19.15 -26.47
N LEU A 167 -27.23 -18.75 -26.39
CA LEU A 167 -26.24 -19.50 -25.61
C LEU A 167 -26.44 -19.28 -24.11
N LEU A 168 -26.42 -18.03 -23.69
CA LEU A 168 -26.91 -17.65 -22.37
C LEU A 168 -28.41 -17.43 -22.51
N THR A 169 -29.10 -17.26 -21.39
CA THR A 169 -30.54 -16.94 -21.47
C THR A 169 -30.89 -16.18 -20.22
N CYS A 170 -31.67 -15.11 -20.39
CA CYS A 170 -32.17 -14.38 -19.24
C CYS A 170 -33.50 -14.97 -18.78
N GLY A 171 -33.96 -14.49 -17.63
CA GLY A 171 -35.25 -14.89 -17.12
C GLY A 171 -35.97 -13.67 -16.58
N ILE A 172 -37.30 -13.78 -16.49
CA ILE A 172 -38.09 -12.62 -16.10
C ILE A 172 -37.98 -12.47 -14.60
N GLY A 173 -37.00 -11.69 -14.15
CA GLY A 173 -36.68 -11.56 -12.75
C GLY A 173 -35.20 -11.74 -12.49
N GLN A 174 -34.43 -12.00 -13.54
CA GLN A 174 -32.99 -12.18 -13.41
C GLN A 174 -32.30 -10.84 -13.47
N ARG A 175 -31.30 -10.65 -12.63
CA ARG A 175 -30.53 -9.40 -12.55
C ARG A 175 -29.19 -9.64 -13.24
N ILE A 176 -29.10 -9.24 -14.50
CA ILE A 176 -27.88 -9.40 -15.27
C ILE A 176 -26.89 -8.31 -14.89
N GLY A 177 -25.60 -8.63 -14.92
CA GLY A 177 -24.59 -7.59 -14.84
C GLY A 177 -23.57 -7.61 -15.96
N ILE A 178 -23.54 -6.58 -16.79
CA ILE A 178 -22.61 -6.51 -17.91
C ILE A 178 -21.32 -5.86 -17.45
N PHE A 179 -20.23 -6.60 -17.53
CA PHE A 179 -18.92 -6.13 -17.09
C PHE A 179 -18.15 -5.74 -18.35
N ALA A 180 -18.09 -4.45 -18.63
CA ALA A 180 -17.48 -3.98 -19.86
C ALA A 180 -16.27 -3.12 -19.55
N GLY A 181 -15.53 -2.79 -20.61
CA GLY A 181 -14.42 -1.88 -20.49
C GLY A 181 -14.80 -0.53 -21.06
N SER A 182 -13.87 0.09 -21.78
CA SER A 182 -14.18 1.33 -22.48
C SER A 182 -13.75 1.15 -23.93
N GLY A 183 -14.68 1.34 -24.85
CA GLY A 183 -14.43 1.14 -26.25
C GLY A 183 -14.72 -0.24 -26.77
N VAL A 184 -15.49 -1.06 -26.05
CA VAL A 184 -15.83 -2.40 -26.51
C VAL A 184 -17.21 -2.48 -27.15
N GLY A 185 -18.05 -1.46 -26.99
CA GLY A 185 -19.38 -1.49 -27.54
C GLY A 185 -20.44 -1.76 -26.49
N LYS A 186 -20.27 -1.15 -25.31
CA LYS A 186 -21.25 -1.32 -24.24
C LYS A 186 -22.55 -0.58 -24.57
N SER A 187 -22.44 0.64 -25.10
CA SER A 187 -23.63 1.44 -25.37
C SER A 187 -24.38 0.96 -26.59
N THR A 188 -23.68 0.41 -27.59
CA THR A 188 -24.36 -0.14 -28.76
C THR A 188 -25.15 -1.39 -28.40
N LEU A 189 -24.53 -2.29 -27.62
CA LEU A 189 -25.25 -3.44 -27.08
C LEU A 189 -26.39 -3.01 -26.18
N LEU A 190 -26.18 -1.92 -25.44
CA LEU A 190 -27.17 -1.47 -24.46
C LEU A 190 -28.41 -0.89 -25.17
N GLY A 191 -28.19 -0.17 -26.27
CA GLY A 191 -29.31 0.25 -27.09
C GLY A 191 -29.98 -0.89 -27.82
N MET A 192 -29.21 -1.93 -28.20
CA MET A 192 -29.81 -3.14 -28.74
C MET A 192 -30.71 -3.82 -27.73
N ILE A 193 -30.35 -3.76 -26.45
CA ILE A 193 -31.21 -4.30 -25.40
C ILE A 193 -32.46 -3.45 -25.26
N CYS A 194 -32.30 -2.12 -25.27
CA CYS A 194 -33.44 -1.21 -25.09
C CYS A 194 -34.47 -1.37 -26.20
N ASN A 195 -34.01 -1.54 -27.44
CA ASN A 195 -34.95 -1.54 -28.56
C ASN A 195 -35.67 -2.88 -28.71
N GLY A 196 -34.93 -3.97 -28.74
CA GLY A 196 -35.51 -5.26 -29.04
C GLY A 196 -35.99 -6.07 -27.86
N ALA A 197 -36.14 -5.47 -26.68
CA ALA A 197 -36.58 -6.23 -25.52
C ALA A 197 -38.07 -6.57 -25.64
N SER A 198 -38.50 -7.49 -24.79
CA SER A 198 -39.88 -7.94 -24.74
C SER A 198 -40.60 -7.39 -23.52
N ALA A 199 -40.18 -6.23 -23.06
CA ALA A 199 -40.71 -5.65 -21.83
C ALA A 199 -41.81 -4.67 -22.15
N ASP A 200 -42.52 -4.25 -21.10
CA ASP A 200 -43.65 -3.35 -21.28
C ASP A 200 -43.27 -1.92 -20.97
N ILE A 201 -42.56 -1.71 -19.87
CA ILE A 201 -42.06 -0.39 -19.49
C ILE A 201 -40.57 -0.49 -19.23
N ILE A 202 -39.78 0.31 -19.93
CA ILE A 202 -38.34 0.38 -19.74
C ILE A 202 -38.06 1.54 -18.78
N VAL A 203 -37.16 1.33 -17.82
CA VAL A 203 -36.75 2.40 -16.91
C VAL A 203 -35.23 2.46 -16.94
N LEU A 204 -34.68 3.43 -17.67
CA LEU A 204 -33.25 3.66 -17.73
C LEU A 204 -32.81 4.49 -16.54
N ALA A 205 -31.53 4.40 -16.21
CA ALA A 205 -30.91 5.23 -15.20
C ALA A 205 -29.43 5.41 -15.54
N LEU A 206 -29.07 6.62 -15.94
CA LEU A 206 -27.68 6.93 -16.27
C LEU A 206 -27.13 7.79 -15.14
N ILE A 207 -26.24 7.21 -14.34
CA ILE A 207 -25.87 7.80 -13.06
C ILE A 207 -24.77 8.82 -13.19
N GLY A 208 -23.58 8.41 -13.63
CA GLY A 208 -22.54 9.38 -13.83
C GLY A 208 -22.29 9.59 -15.31
N GLU A 209 -22.71 10.71 -15.86
CA GLU A 209 -22.51 10.91 -17.28
C GLU A 209 -22.08 12.34 -17.53
N ARG A 210 -21.71 12.60 -18.77
CA ARG A 210 -21.54 13.94 -19.29
C ARG A 210 -22.49 14.08 -20.46
N GLY A 211 -22.82 15.33 -20.79
CA GLY A 211 -24.02 15.60 -21.59
C GLY A 211 -23.95 15.07 -23.01
N ARG A 212 -22.75 14.94 -23.55
CA ARG A 212 -22.59 14.38 -24.88
C ARG A 212 -22.97 12.91 -24.91
N GLU A 213 -22.71 12.18 -23.82
CA GLU A 213 -22.99 10.75 -23.80
C GLU A 213 -24.46 10.45 -23.57
N VAL A 214 -25.14 11.24 -22.74
CA VAL A 214 -26.59 11.04 -22.62
C VAL A 214 -27.31 11.49 -23.88
N ASN A 215 -26.83 12.54 -24.56
CA ASN A 215 -27.47 12.94 -25.80
C ASN A 215 -27.21 11.92 -26.91
N GLU A 216 -26.01 11.36 -26.94
CA GLU A 216 -25.67 10.28 -27.87
C GLU A 216 -26.45 9.01 -27.58
N PHE A 217 -26.78 8.74 -26.32
CA PHE A 217 -27.43 7.47 -26.02
C PHE A 217 -28.96 7.57 -26.11
N LEU A 218 -29.56 8.67 -25.67
CA LEU A 218 -30.99 8.79 -25.86
C LEU A 218 -31.34 9.40 -27.21
N ALA A 219 -30.34 9.71 -28.03
CA ALA A 219 -30.57 9.92 -29.45
C ALA A 219 -30.42 8.63 -30.24
N LEU A 220 -29.98 7.57 -29.58
CA LEU A 220 -29.69 6.30 -30.22
C LEU A 220 -30.89 5.36 -30.25
N LEU A 221 -31.88 5.60 -29.39
CA LEU A 221 -33.07 4.77 -29.34
C LEU A 221 -34.31 5.57 -29.73
N PRO A 222 -35.16 5.02 -30.63
CA PRO A 222 -36.20 5.83 -31.28
C PRO A 222 -37.38 6.23 -30.40
N GLN A 223 -38.37 6.87 -31.02
CA GLN A 223 -39.53 7.37 -30.30
C GLN A 223 -40.48 6.24 -29.90
N SER A 224 -40.49 5.14 -30.65
CA SER A 224 -41.23 3.95 -30.24
C SER A 224 -40.67 3.34 -28.96
N THR A 225 -39.38 3.53 -28.70
CA THR A 225 -38.79 3.16 -27.42
C THR A 225 -39.10 4.18 -26.35
N LEU A 226 -38.99 5.47 -26.65
CA LEU A 226 -39.23 6.52 -25.66
C LEU A 226 -40.70 6.72 -25.31
N SER A 227 -41.62 6.08 -26.03
CA SER A 227 -43.04 6.21 -25.68
C SER A 227 -43.39 5.29 -24.51
N LYS A 228 -42.52 4.33 -24.21
CA LYS A 228 -42.71 3.46 -23.05
C LYS A 228 -41.61 3.62 -22.02
N CYS A 229 -40.61 4.45 -22.30
CA CYS A 229 -39.42 4.54 -21.48
C CYS A 229 -39.52 5.68 -20.48
N VAL A 230 -38.97 5.48 -19.29
CA VAL A 230 -38.86 6.50 -18.26
C VAL A 230 -37.36 6.74 -18.06
N LEU A 231 -36.94 8.00 -18.07
CA LEU A 231 -35.52 8.31 -18.00
C LEU A 231 -35.18 9.01 -16.70
N VAL A 232 -34.38 8.37 -15.87
CA VAL A 232 -33.88 8.97 -14.64
C VAL A 232 -32.42 9.32 -14.93
N VAL A 233 -32.19 10.55 -15.38
CA VAL A 233 -30.90 10.98 -15.89
C VAL A 233 -30.31 11.98 -14.91
N THR A 234 -29.08 11.75 -14.47
CA THR A 234 -28.30 12.75 -13.77
C THR A 234 -26.87 12.67 -14.29
N THR A 235 -26.16 13.78 -14.25
CA THR A 235 -24.85 13.87 -14.87
C THR A 235 -23.78 14.15 -13.82
N SER A 236 -22.52 14.10 -14.26
CA SER A 236 -21.37 14.16 -13.36
C SER A 236 -21.12 15.54 -12.77
N ASP A 237 -21.76 16.58 -13.31
CA ASP A 237 -21.69 17.89 -12.69
C ASP A 237 -22.62 18.06 -11.51
N ARG A 238 -23.59 17.18 -11.35
CA ARG A 238 -24.51 17.25 -10.23
C ARG A 238 -23.78 16.83 -8.95
N PRO A 239 -24.25 17.28 -7.78
CA PRO A 239 -23.60 16.88 -6.53
C PRO A 239 -23.78 15.41 -6.23
N ALA A 240 -23.02 14.94 -5.23
CA ALA A 240 -22.90 13.52 -4.96
C ALA A 240 -24.17 12.91 -4.38
N LEU A 241 -24.94 13.69 -3.61
CA LEU A 241 -26.20 13.16 -3.07
C LEU A 241 -27.19 12.86 -4.17
N GLU A 242 -27.25 13.66 -5.24
CA GLU A 242 -28.20 13.37 -6.30
C GLU A 242 -27.77 12.17 -7.14
N ARG A 243 -26.47 12.03 -7.39
CA ARG A 243 -25.98 10.86 -8.11
C ARG A 243 -26.11 9.59 -7.27
N MET A 244 -26.17 9.71 -5.95
CA MET A 244 -26.49 8.55 -5.14
C MET A 244 -27.98 8.26 -5.12
N LYS A 245 -28.83 9.28 -5.00
CA LYS A 245 -30.28 9.07 -4.96
C LYS A 245 -30.89 8.70 -6.29
N ALA A 246 -30.16 8.82 -7.41
CA ALA A 246 -30.74 8.50 -8.71
C ALA A 246 -31.07 7.02 -8.87
N ALA A 247 -30.25 6.15 -8.27
CA ALA A 247 -30.52 4.72 -8.32
C ALA A 247 -31.77 4.36 -7.53
N PHE A 248 -31.90 4.94 -6.34
CA PHE A 248 -33.12 4.81 -5.55
C PHE A 248 -34.34 5.34 -6.27
N THR A 249 -34.18 6.46 -7.00
CA THR A 249 -35.29 7.03 -7.75
C THR A 249 -35.75 6.11 -8.86
N ALA A 250 -34.81 5.59 -9.66
CA ALA A 250 -35.17 4.68 -10.76
C ALA A 250 -35.75 3.38 -10.23
N THR A 251 -35.23 2.88 -9.11
CA THR A 251 -35.76 1.66 -8.53
C THR A 251 -37.17 1.88 -7.98
N THR A 252 -37.46 3.08 -7.47
CA THR A 252 -38.79 3.38 -6.96
C THR A 252 -39.80 3.54 -8.09
N ILE A 253 -39.40 4.17 -9.20
CA ILE A 253 -40.27 4.23 -10.38
C ILE A 253 -40.56 2.85 -10.92
N ALA A 254 -39.56 1.98 -10.94
CA ALA A 254 -39.78 0.63 -11.45
C ALA A 254 -40.59 -0.23 -10.49
N GLU A 255 -40.48 0.00 -9.19
CA GLU A 255 -41.35 -0.69 -8.24
C GLU A 255 -42.80 -0.25 -8.39
N TYR A 256 -43.02 1.04 -8.68
CA TYR A 256 -44.39 1.50 -8.93
C TYR A 256 -44.97 0.87 -10.18
N PHE A 257 -44.21 0.87 -11.28
CA PHE A 257 -44.72 0.24 -12.50
C PHE A 257 -44.73 -1.28 -12.43
N ARG A 258 -44.07 -1.87 -11.43
CA ARG A 258 -44.23 -3.29 -11.14
C ARG A 258 -45.52 -3.57 -10.39
N ASP A 259 -45.86 -2.74 -9.41
CA ASP A 259 -46.99 -3.02 -8.53
C ASP A 259 -48.35 -2.90 -9.23
N GLN A 260 -48.40 -2.40 -10.45
CA GLN A 260 -49.60 -2.49 -11.27
C GLN A 260 -49.60 -3.75 -12.12
N GLY A 261 -48.51 -4.50 -12.14
CA GLY A 261 -48.48 -5.80 -12.79
C GLY A 261 -47.95 -5.82 -14.21
N LYS A 262 -46.78 -5.23 -14.44
CA LYS A 262 -46.13 -5.29 -15.74
C LYS A 262 -44.74 -5.86 -15.59
N ASN A 263 -44.13 -6.20 -16.72
CA ASN A 263 -42.76 -6.72 -16.76
C ASN A 263 -41.84 -5.53 -17.01
N VAL A 264 -41.40 -4.91 -15.94
CA VAL A 264 -40.56 -3.72 -16.02
C VAL A 264 -39.13 -4.17 -16.28
N LEU A 265 -38.41 -3.42 -17.09
CA LEU A 265 -37.00 -3.67 -17.40
C LEU A 265 -36.21 -2.46 -16.92
N LEU A 266 -35.51 -2.61 -15.80
CA LEU A 266 -34.69 -1.56 -15.24
C LEU A 266 -33.27 -1.66 -15.77
N MET A 267 -32.68 -0.52 -16.14
CA MET A 267 -31.32 -0.47 -16.66
C MET A 267 -30.53 0.60 -15.92
N MET A 268 -29.97 0.24 -14.78
CA MET A 268 -28.95 1.07 -14.16
C MET A 268 -27.70 1.05 -15.02
N ASP A 269 -27.33 2.20 -15.56
CA ASP A 269 -26.07 2.31 -16.27
C ASP A 269 -24.99 2.75 -15.30
N SER A 270 -23.88 2.00 -15.28
CA SER A 270 -22.69 2.29 -14.51
C SER A 270 -22.96 2.38 -13.01
N VAL A 271 -23.23 1.23 -12.39
CA VAL A 271 -23.25 1.14 -10.92
C VAL A 271 -21.89 1.45 -10.30
N THR A 272 -20.81 1.43 -11.09
CA THR A 272 -19.52 1.94 -10.66
C THR A 272 -19.60 3.41 -10.24
N ARG A 273 -20.33 4.22 -10.99
CA ARG A 273 -20.41 5.63 -10.68
C ARG A 273 -21.40 5.93 -9.56
N TYR A 274 -22.43 5.10 -9.40
CA TYR A 274 -23.18 5.10 -8.15
C TYR A 274 -22.27 4.82 -6.97
N ALA A 275 -21.36 3.86 -7.11
CA ALA A 275 -20.48 3.49 -6.01
C ALA A 275 -19.49 4.61 -5.70
N ARG A 276 -19.06 5.34 -6.72
CA ARG A 276 -18.18 6.49 -6.50
C ARG A 276 -18.91 7.61 -5.77
N ALA A 277 -20.17 7.86 -6.15
CA ALA A 277 -20.99 8.85 -5.45
C ALA A 277 -21.24 8.45 -4.00
N ALA A 278 -21.54 7.17 -3.75
CA ALA A 278 -21.76 6.72 -2.39
C ALA A 278 -20.48 6.71 -1.58
N ARG A 279 -19.33 6.46 -2.22
CA ARG A 279 -18.03 6.60 -1.56
C ARG A 279 -17.80 8.03 -1.11
N ASP A 280 -18.09 9.01 -1.97
CA ASP A 280 -17.86 10.41 -1.60
C ASP A 280 -18.80 10.85 -0.50
N VAL A 281 -20.07 10.42 -0.54
CA VAL A 281 -21.02 10.76 0.52
C VAL A 281 -20.61 10.11 1.84
N GLY A 282 -20.16 8.86 1.81
CA GLY A 282 -19.78 8.18 3.03
C GLY A 282 -18.50 8.72 3.63
N LEU A 283 -17.55 9.13 2.79
CA LEU A 283 -16.32 9.71 3.32
C LEU A 283 -16.54 11.14 3.81
N ALA A 284 -17.46 11.88 3.18
CA ALA A 284 -17.78 13.20 3.69
C ALA A 284 -18.56 13.14 4.99
N SER A 285 -19.33 12.07 5.20
CA SER A 285 -19.97 11.87 6.50
C SER A 285 -18.95 11.53 7.58
N GLY A 286 -17.83 10.91 7.20
CA GLY A 286 -16.81 10.52 8.14
C GLY A 286 -16.94 9.06 8.48
N GLU A 287 -16.14 8.22 7.82
CA GLU A 287 -16.35 6.78 7.87
C GLU A 287 -15.10 6.09 7.35
N PRO A 288 -14.54 5.14 8.09
CA PRO A 288 -13.24 4.57 7.71
C PRO A 288 -13.36 3.58 6.56
N ASP A 289 -12.57 3.81 5.51
CA ASP A 289 -12.58 2.94 4.35
C ASP A 289 -11.94 1.60 4.67
N VAL A 290 -12.50 0.53 4.12
CA VAL A 290 -12.15 -0.82 4.55
C VAL A 290 -11.57 -1.64 3.42
N ARG A 291 -11.86 -1.26 2.18
CA ARG A 291 -11.50 -2.07 1.03
C ARG A 291 -11.45 -1.17 -0.18
N GLY A 292 -10.26 -0.89 -0.69
CA GLY A 292 -10.12 -0.15 -1.92
C GLY A 292 -10.49 1.31 -1.85
N GLY A 293 -10.59 1.87 -0.65
CA GLY A 293 -10.92 3.28 -0.48
C GLY A 293 -12.40 3.56 -0.35
N PHE A 294 -13.24 2.54 -0.28
CA PHE A 294 -14.68 2.60 -0.14
C PHE A 294 -15.08 2.40 1.32
N PRO A 295 -16.00 3.21 1.83
CA PRO A 295 -16.47 3.04 3.21
C PRO A 295 -17.38 1.83 3.33
N PRO A 296 -17.73 1.40 4.54
CA PRO A 296 -18.65 0.26 4.66
C PRO A 296 -20.07 0.55 4.18
N SER A 297 -20.45 1.82 4.04
CA SER A 297 -21.80 2.16 3.63
C SER A 297 -22.05 1.80 2.17
N VAL A 298 -21.02 1.84 1.33
CA VAL A 298 -21.18 1.44 -0.07
C VAL A 298 -21.46 -0.06 -0.16
N PHE A 299 -20.69 -0.85 0.58
CA PHE A 299 -20.81 -2.30 0.54
C PHE A 299 -22.05 -2.79 1.25
N SER A 300 -22.59 -2.01 2.18
CA SER A 300 -23.85 -2.38 2.81
C SER A 300 -25.06 -1.78 2.12
N SER A 301 -24.86 -0.82 1.20
CA SER A 301 -25.96 -0.18 0.50
C SER A 301 -26.15 -0.68 -0.92
N LEU A 302 -25.16 -1.35 -1.50
CA LEU A 302 -25.42 -2.09 -2.74
C LEU A 302 -26.49 -3.19 -2.60
N PRO A 303 -26.50 -4.07 -1.58
CA PRO A 303 -27.52 -5.12 -1.58
C PRO A 303 -28.93 -4.60 -1.35
N LYS A 304 -29.11 -3.63 -0.46
CA LYS A 304 -30.45 -3.08 -0.27
C LYS A 304 -30.87 -2.14 -1.39
N LEU A 305 -29.96 -1.79 -2.30
CA LEU A 305 -30.36 -1.18 -3.56
C LEU A 305 -30.83 -2.22 -4.56
N LEU A 306 -29.95 -3.15 -4.93
CA LEU A 306 -30.22 -4.02 -6.07
C LEU A 306 -30.59 -5.43 -5.66
N GLU A 307 -31.21 -5.58 -4.49
CA GLU A 307 -31.99 -6.77 -4.15
C GLU A 307 -33.48 -6.50 -4.28
N ARG A 308 -33.86 -5.22 -4.44
CA ARG A 308 -35.25 -4.85 -4.66
C ARG A 308 -35.73 -5.22 -6.05
N ALA A 309 -34.83 -5.44 -7.00
CA ALA A 309 -35.19 -5.58 -8.41
C ALA A 309 -35.23 -7.05 -8.83
N GLY A 310 -36.10 -7.81 -8.19
CA GLY A 310 -36.27 -9.20 -8.53
C GLY A 310 -37.74 -9.53 -8.71
N PRO A 311 -38.07 -10.82 -8.74
CA PRO A 311 -39.48 -11.20 -8.90
C PRO A 311 -40.30 -10.85 -7.66
N ALA A 312 -41.60 -10.67 -7.90
CA ALA A 312 -42.52 -10.15 -6.90
C ALA A 312 -43.81 -10.96 -7.01
N PRO A 313 -44.67 -10.91 -5.98
CA PRO A 313 -45.95 -11.64 -6.10
C PRO A 313 -46.94 -11.01 -7.07
N LYS A 314 -46.69 -9.81 -7.57
CA LYS A 314 -47.55 -9.17 -8.56
C LYS A 314 -46.67 -8.43 -9.55
N GLY A 315 -46.46 -9.03 -10.72
CA GLY A 315 -45.52 -8.51 -11.68
C GLY A 315 -44.09 -8.79 -11.25
N SER A 316 -43.15 -8.40 -12.11
CA SER A 316 -41.75 -8.63 -11.82
C SER A 316 -40.89 -7.65 -12.61
N ILE A 317 -39.68 -7.44 -12.13
CA ILE A 317 -38.73 -6.49 -12.68
C ILE A 317 -37.44 -7.22 -13.03
N THR A 318 -37.05 -7.15 -14.28
CA THR A 318 -35.80 -7.72 -14.78
C THR A 318 -34.79 -6.59 -14.87
N ALA A 319 -33.75 -6.65 -14.06
CA ALA A 319 -32.78 -5.56 -14.02
C ALA A 319 -31.48 -5.98 -14.68
N ILE A 320 -30.79 -4.99 -15.23
CA ILE A 320 -29.52 -5.21 -15.91
C ILE A 320 -28.58 -4.06 -15.62
N TYR A 321 -27.55 -4.34 -14.82
CA TYR A 321 -26.61 -3.37 -14.30
C TYR A 321 -25.34 -3.42 -15.13
N THR A 322 -24.51 -2.38 -15.03
CA THR A 322 -23.25 -2.33 -15.78
C THR A 322 -22.11 -1.92 -14.87
N VAL A 323 -20.97 -2.57 -15.04
CA VAL A 323 -19.74 -2.27 -14.31
C VAL A 323 -18.63 -1.99 -15.32
N LEU A 324 -17.96 -0.86 -15.19
CA LEU A 324 -16.85 -0.51 -16.09
C LEU A 324 -15.56 -1.03 -15.47
N LEU A 325 -15.06 -2.15 -15.98
CA LEU A 325 -13.83 -2.74 -15.47
C LEU A 325 -12.63 -2.09 -16.16
N GLU A 326 -11.63 -1.73 -15.37
CA GLU A 326 -10.43 -1.08 -15.87
C GLU A 326 -9.27 -2.07 -15.89
N SER A 327 -8.22 -1.72 -16.62
CA SER A 327 -6.98 -2.49 -16.60
C SER A 327 -6.08 -2.05 -15.45
N ASP A 328 -6.34 -0.88 -14.86
CA ASP A 328 -5.61 -0.39 -13.71
C ASP A 328 -5.85 -1.22 -12.45
N ASN A 329 -7.10 -1.48 -12.11
CA ASN A 329 -7.43 -2.36 -11.00
C ASN A 329 -8.26 -3.54 -11.50
N VAL A 330 -7.63 -4.71 -11.47
CA VAL A 330 -8.29 -5.96 -11.85
C VAL A 330 -8.98 -6.49 -10.59
N ASN A 331 -8.58 -5.95 -9.44
CA ASN A 331 -9.20 -6.33 -8.18
C ASN A 331 -10.62 -5.78 -8.07
N ASP A 332 -10.77 -4.44 -8.00
CA ASP A 332 -12.03 -3.69 -8.17
C ASP A 332 -13.15 -4.17 -7.26
N PRO A 333 -13.15 -3.77 -5.98
CA PRO A 333 -14.10 -4.33 -5.00
C PRO A 333 -15.57 -4.22 -5.35
N ILE A 334 -15.95 -3.18 -6.10
CA ILE A 334 -17.33 -3.05 -6.55
C ILE A 334 -17.68 -4.14 -7.54
N GLY A 335 -16.74 -4.50 -8.42
CA GLY A 335 -16.99 -5.57 -9.36
C GLY A 335 -17.17 -6.92 -8.68
N ASP A 336 -16.37 -7.18 -7.64
CA ASP A 336 -16.48 -8.45 -6.93
C ASP A 336 -17.75 -8.52 -6.12
N GLU A 337 -18.15 -7.41 -5.48
CA GLU A 337 -19.36 -7.44 -4.68
C GLU A 337 -20.61 -7.49 -5.55
N VAL A 338 -20.59 -6.83 -6.71
CA VAL A 338 -21.73 -6.90 -7.62
C VAL A 338 -21.85 -8.29 -8.22
N ARG A 339 -20.71 -8.93 -8.55
CA ARG A 339 -20.71 -10.32 -8.97
C ARG A 339 -21.21 -11.25 -7.86
N SER A 340 -20.97 -10.89 -6.60
CA SER A 340 -21.44 -11.68 -5.47
C SER A 340 -22.91 -11.45 -5.15
N ILE A 341 -23.50 -10.34 -5.60
CA ILE A 341 -24.91 -10.08 -5.28
C ILE A 341 -25.80 -10.52 -6.44
N LEU A 342 -25.38 -10.22 -7.67
CA LEU A 342 -26.23 -10.49 -8.83
C LEU A 342 -26.25 -11.97 -9.15
N ASP A 343 -26.86 -12.32 -10.29
CA ASP A 343 -26.97 -13.71 -10.71
C ASP A 343 -26.96 -13.76 -12.24
N GLY A 344 -25.76 -13.87 -12.79
CA GLY A 344 -25.60 -13.94 -14.23
C GLY A 344 -24.87 -12.73 -14.76
N HIS A 345 -23.65 -12.91 -15.25
CA HIS A 345 -22.86 -11.78 -15.69
C HIS A 345 -22.47 -11.98 -17.15
N ILE A 346 -22.37 -10.86 -17.87
CA ILE A 346 -21.91 -10.82 -19.24
C ILE A 346 -20.60 -10.06 -19.28
N VAL A 347 -19.60 -10.59 -19.96
CA VAL A 347 -18.29 -9.97 -20.03
C VAL A 347 -18.03 -9.54 -21.47
N LEU A 348 -17.77 -8.25 -21.65
CA LEU A 348 -17.44 -7.70 -22.96
C LEU A 348 -15.92 -7.49 -23.01
N THR A 349 -15.24 -8.29 -23.83
CA THR A 349 -13.80 -8.27 -23.85
C THR A 349 -13.27 -7.37 -24.97
N ARG A 350 -12.04 -6.92 -24.81
CA ARG A 350 -11.43 -5.99 -25.74
C ARG A 350 -10.83 -6.71 -26.95
N GLU A 351 -10.43 -7.97 -26.78
CA GLU A 351 -9.93 -8.76 -27.90
C GLU A 351 -11.00 -9.02 -28.95
N LEU A 352 -12.21 -9.38 -28.51
CA LEU A 352 -13.33 -9.59 -29.41
C LEU A 352 -13.87 -8.28 -29.99
N ALA A 353 -13.37 -7.13 -29.54
CA ALA A 353 -13.60 -5.88 -30.23
C ALA A 353 -12.47 -5.52 -31.18
N GLU A 354 -11.24 -5.96 -30.88
CA GLU A 354 -10.12 -5.70 -31.77
C GLU A 354 -10.20 -6.51 -33.05
N GLU A 355 -10.55 -7.79 -32.99
CA GLU A 355 -11.08 -8.44 -34.19
C GLU A 355 -12.56 -8.13 -34.22
N ASN A 356 -13.09 -7.89 -35.42
CA ASN A 356 -14.44 -7.33 -35.53
C ASN A 356 -15.47 -8.43 -35.26
N HIS A 357 -15.83 -8.54 -33.98
CA HIS A 357 -16.80 -9.50 -33.48
C HIS A 357 -17.78 -8.73 -32.61
N PHE A 358 -18.79 -8.17 -33.25
CA PHE A 358 -19.80 -7.45 -32.50
C PHE A 358 -21.10 -8.24 -32.45
N PRO A 359 -21.72 -8.37 -31.26
CA PRO A 359 -21.34 -7.83 -29.95
C PRO A 359 -20.20 -8.61 -29.29
N ALA A 360 -19.34 -7.93 -28.54
CA ALA A 360 -18.07 -8.49 -28.10
C ALA A 360 -18.22 -9.31 -26.82
N ILE A 361 -19.16 -10.25 -26.84
CA ILE A 361 -19.50 -11.07 -25.70
C ILE A 361 -18.58 -12.28 -25.71
N ASP A 362 -17.81 -12.46 -24.65
CA ASP A 362 -16.96 -13.63 -24.50
C ASP A 362 -17.81 -14.73 -23.88
N ILE A 363 -18.34 -15.61 -24.71
CA ILE A 363 -19.08 -16.77 -24.25
C ILE A 363 -18.10 -17.72 -23.56
N GLY A 364 -18.51 -18.27 -22.42
CA GLY A 364 -17.66 -19.14 -21.66
C GLY A 364 -16.88 -18.46 -20.57
N LEU A 365 -16.50 -17.21 -20.79
CA LEU A 365 -16.06 -16.34 -19.71
C LEU A 365 -17.25 -15.67 -19.03
N SER A 366 -18.43 -15.75 -19.64
CA SER A 366 -19.66 -15.20 -19.11
C SER A 366 -20.71 -16.29 -18.99
N ALA A 367 -21.63 -16.11 -18.06
CA ALA A 367 -22.61 -17.15 -17.77
C ALA A 367 -23.85 -16.54 -17.14
N SER A 368 -24.93 -17.30 -17.15
CA SER A 368 -26.16 -16.96 -16.45
C SER A 368 -26.51 -18.08 -15.48
N ARG A 369 -27.01 -17.73 -14.31
CA ARG A 369 -27.24 -18.74 -13.30
C ARG A 369 -28.60 -19.43 -13.44
N VAL A 370 -29.66 -18.66 -13.64
CA VAL A 370 -30.99 -19.26 -13.86
C VAL A 370 -31.16 -19.41 -15.38
N MET A 371 -30.58 -20.46 -15.89
CA MET A 371 -30.82 -20.92 -17.24
C MET A 371 -31.30 -22.37 -17.27
N HIS A 372 -30.75 -23.21 -16.40
CA HIS A 372 -31.11 -24.62 -16.31
C HIS A 372 -32.55 -24.86 -15.87
N ASN A 373 -33.22 -23.87 -15.29
CA ASN A 373 -34.64 -23.97 -15.01
C ASN A 373 -35.48 -22.98 -15.81
N VAL A 374 -34.94 -22.42 -16.88
CA VAL A 374 -35.67 -21.49 -17.73
C VAL A 374 -35.90 -22.03 -19.13
N VAL A 375 -34.90 -22.66 -19.73
CA VAL A 375 -35.02 -23.19 -21.07
C VAL A 375 -35.33 -24.68 -21.01
N THR A 376 -35.73 -25.22 -22.16
CA THR A 376 -36.06 -26.63 -22.28
C THR A 376 -34.78 -27.48 -22.29
N SER A 377 -34.97 -28.80 -22.29
CA SER A 377 -33.83 -29.69 -22.12
C SER A 377 -33.02 -29.83 -23.41
N GLU A 378 -33.69 -29.86 -24.56
CA GLU A 378 -32.97 -30.00 -25.83
C GLU A 378 -32.21 -28.72 -26.18
N HIS A 379 -32.75 -27.56 -25.81
CA HIS A 379 -32.01 -26.32 -25.95
C HIS A 379 -30.87 -26.23 -24.95
N LEU A 380 -31.00 -26.89 -23.80
CA LEU A 380 -29.92 -26.86 -22.81
C LEU A 380 -28.78 -27.79 -23.20
N ARG A 381 -29.08 -28.89 -23.91
CA ARG A 381 -27.99 -29.72 -24.41
C ARG A 381 -27.42 -29.20 -25.71
N ALA A 382 -28.18 -28.39 -26.46
CA ALA A 382 -27.59 -27.78 -27.64
C ALA A 382 -26.65 -26.63 -27.29
N ALA A 383 -27.04 -25.77 -26.34
CA ALA A 383 -26.26 -24.57 -26.05
C ALA A 383 -24.96 -24.91 -25.34
N ALA A 384 -24.92 -26.00 -24.57
CA ALA A 384 -23.68 -26.42 -23.94
C ALA A 384 -22.69 -26.91 -24.97
N GLU A 385 -23.19 -27.57 -26.02
CA GLU A 385 -22.31 -28.10 -27.04
C GLU A 385 -21.73 -26.99 -27.91
N CYS A 386 -22.47 -25.90 -28.09
CA CYS A 386 -21.91 -24.79 -28.86
C CYS A 386 -20.82 -24.06 -28.08
N LYS A 387 -20.98 -23.91 -26.76
CA LYS A 387 -19.92 -23.32 -25.95
C LYS A 387 -18.69 -24.23 -25.89
N LYS A 388 -18.92 -25.53 -25.83
CA LYS A 388 -17.82 -26.49 -25.84
C LYS A 388 -17.12 -26.50 -27.19
N LEU A 389 -17.87 -26.27 -28.27
CA LEU A 389 -17.26 -26.10 -29.59
C LEU A 389 -16.41 -24.83 -29.68
N ILE A 390 -16.83 -23.73 -29.07
CA ILE A 390 -16.04 -22.50 -29.11
C ILE A 390 -14.73 -22.67 -28.35
N ALA A 391 -14.80 -23.23 -27.14
CA ALA A 391 -13.59 -23.46 -26.35
C ALA A 391 -12.67 -24.49 -27.01
N THR A 392 -13.25 -25.54 -27.60
CA THR A 392 -12.47 -26.52 -28.34
C THR A 392 -11.83 -25.90 -29.57
N TYR A 393 -12.49 -24.93 -30.21
CA TYR A 393 -11.85 -24.29 -31.35
C TYR A 393 -10.66 -23.42 -30.94
N LYS A 394 -10.75 -22.74 -29.80
CA LYS A 394 -9.60 -21.96 -29.33
C LYS A 394 -8.41 -22.87 -29.04
N ASN A 395 -8.67 -24.01 -28.38
CA ASN A 395 -7.59 -24.96 -28.10
C ASN A 395 -7.02 -25.55 -29.39
N VAL A 396 -7.88 -25.85 -30.37
CA VAL A 396 -7.42 -26.52 -31.57
C VAL A 396 -6.75 -25.55 -32.53
N GLU A 397 -7.07 -24.24 -32.46
CA GLU A 397 -6.28 -23.32 -33.27
C GLU A 397 -4.88 -23.12 -32.67
N LEU A 398 -4.77 -23.10 -31.33
CA LEU A 398 -3.41 -23.02 -30.78
C LEU A 398 -2.67 -24.34 -30.86
N LEU A 399 -3.35 -25.44 -31.19
CA LEU A 399 -2.66 -26.71 -31.42
C LEU A 399 -2.51 -27.00 -32.91
N ILE A 400 -3.12 -26.20 -33.77
CA ILE A 400 -2.95 -26.41 -35.21
C ILE A 400 -1.91 -25.46 -35.77
N ARG A 401 -1.66 -24.32 -35.11
CA ARG A 401 -0.51 -23.50 -35.52
C ARG A 401 0.79 -24.00 -34.90
N ILE A 402 0.71 -25.03 -34.06
CA ILE A 402 1.89 -25.55 -33.37
C ILE A 402 2.53 -26.64 -34.19
N GLY A 403 1.81 -27.21 -35.15
CA GLY A 403 2.32 -28.24 -36.03
C GLY A 403 1.83 -29.65 -35.76
N GLU A 404 1.05 -29.82 -34.70
CA GLU A 404 0.66 -31.14 -34.23
C GLU A 404 -0.84 -31.37 -34.28
N TYR A 405 -1.47 -31.03 -35.41
CA TYR A 405 -2.84 -31.42 -35.67
C TYR A 405 -3.03 -31.71 -37.16
N THR A 406 -3.76 -32.77 -37.44
CA THR A 406 -4.34 -33.00 -38.76
C THR A 406 -5.75 -33.52 -38.56
N MET A 407 -6.51 -33.62 -39.64
CA MET A 407 -7.94 -33.95 -39.54
C MET A 407 -8.11 -35.46 -39.44
N GLY A 408 -8.69 -35.93 -38.34
CA GLY A 408 -9.07 -37.33 -38.26
C GLY A 408 -8.87 -38.00 -36.92
N GLN A 409 -7.97 -37.47 -36.08
CA GLN A 409 -7.66 -38.16 -34.84
C GLN A 409 -8.40 -37.55 -33.65
N ASP A 410 -9.19 -36.49 -33.89
CA ASP A 410 -10.04 -35.99 -32.82
C ASP A 410 -11.39 -35.62 -33.42
N PRO A 411 -12.47 -36.32 -33.06
CA PRO A 411 -13.77 -36.00 -33.67
C PRO A 411 -14.38 -34.72 -33.15
N GLU A 412 -14.17 -34.37 -31.88
CA GLU A 412 -14.71 -33.14 -31.32
C GLU A 412 -14.03 -31.92 -31.93
N ALA A 413 -12.78 -32.05 -32.35
CA ALA A 413 -12.07 -30.94 -32.97
C ALA A 413 -12.60 -30.64 -34.36
N ASP A 414 -12.74 -31.66 -35.21
CA ASP A 414 -13.09 -31.51 -36.62
C ASP A 414 -14.45 -30.86 -36.83
N LYS A 415 -15.41 -31.18 -35.97
CA LYS A 415 -16.74 -30.60 -36.09
C LYS A 415 -16.74 -29.14 -35.69
N ALA A 416 -15.89 -28.76 -34.73
CA ALA A 416 -15.71 -27.35 -34.39
C ALA A 416 -14.99 -26.60 -35.51
N ILE A 417 -14.02 -27.26 -36.15
CA ILE A 417 -13.33 -26.68 -37.30
C ILE A 417 -14.29 -26.36 -38.42
N LYS A 418 -15.14 -27.33 -38.78
CA LYS A 418 -16.05 -27.08 -39.89
C LYS A 418 -17.28 -26.26 -39.49
N ASN A 419 -17.55 -26.08 -38.20
CA ASN A 419 -18.66 -25.23 -37.78
C ASN A 419 -18.24 -23.85 -37.28
N ARG A 420 -16.95 -23.52 -37.38
CA ARG A 420 -16.44 -22.18 -37.04
C ARG A 420 -17.25 -21.04 -37.67
N LYS A 421 -17.42 -21.05 -38.98
CA LYS A 421 -17.95 -19.86 -39.65
C LYS A 421 -19.46 -19.71 -39.44
N LEU A 422 -20.19 -20.81 -39.29
CA LEU A 422 -21.61 -20.63 -38.99
C LEU A 422 -21.86 -20.36 -37.50
N ILE A 423 -20.97 -20.81 -36.60
CA ILE A 423 -21.07 -20.33 -35.22
C ILE A 423 -20.78 -18.84 -35.14
N GLN A 424 -19.77 -18.37 -35.89
CA GLN A 424 -19.50 -16.94 -35.93
C GLN A 424 -20.61 -16.15 -36.62
N ASN A 425 -21.34 -16.74 -37.56
CA ASN A 425 -22.50 -16.07 -38.12
C ASN A 425 -23.71 -16.13 -37.18
N PHE A 426 -23.70 -17.05 -36.22
CA PHE A 426 -24.77 -17.07 -35.23
C PHE A 426 -24.52 -16.08 -34.10
N ILE A 427 -23.26 -15.95 -33.66
CA ILE A 427 -22.97 -15.09 -32.53
C ILE A 427 -23.00 -13.62 -32.95
N GLN A 428 -22.35 -13.29 -34.06
CA GLN A 428 -22.23 -11.90 -34.48
C GLN A 428 -23.56 -11.38 -35.01
N GLN A 429 -23.87 -10.14 -34.68
CA GLN A 429 -25.15 -9.54 -34.99
C GLN A 429 -25.00 -8.04 -35.14
N SER A 430 -25.50 -7.51 -36.25
CA SER A 430 -25.43 -6.08 -36.50
C SER A 430 -26.49 -5.36 -35.69
N THR A 431 -26.38 -4.03 -35.65
CA THR A 431 -27.23 -3.21 -34.79
C THR A 431 -28.69 -3.21 -35.22
N LYS A 432 -28.96 -3.27 -36.52
CA LYS A 432 -30.34 -3.22 -37.01
C LYS A 432 -30.86 -4.59 -37.45
N ASP A 433 -30.33 -5.68 -36.89
CA ASP A 433 -30.80 -7.02 -37.21
C ASP A 433 -31.35 -7.67 -35.97
N ILE A 434 -32.67 -7.54 -35.77
CA ILE A 434 -33.34 -7.99 -34.54
C ILE A 434 -34.04 -9.31 -34.85
N SER A 435 -33.73 -10.34 -34.07
CA SER A 435 -34.29 -11.67 -34.27
C SER A 435 -35.32 -11.98 -33.18
N SER A 436 -36.15 -12.97 -33.47
CA SER A 436 -37.13 -13.45 -32.52
C SER A 436 -36.55 -14.65 -31.77
N TYR A 437 -37.24 -15.09 -30.72
CA TYR A 437 -36.79 -16.20 -29.89
C TYR A 437 -36.80 -17.54 -30.60
N GLU A 438 -37.89 -17.86 -31.29
CA GLU A 438 -37.98 -19.13 -32.00
C GLU A 438 -37.01 -19.21 -33.16
N LYS A 439 -36.72 -18.07 -33.82
CA LYS A 439 -35.69 -18.06 -34.85
C LYS A 439 -34.31 -18.29 -34.25
N THR A 440 -34.07 -17.76 -33.05
CA THR A 440 -32.80 -17.96 -32.38
C THR A 440 -32.59 -19.42 -32.01
N ILE A 441 -33.62 -20.08 -31.47
CA ILE A 441 -33.52 -21.49 -31.13
C ILE A 441 -33.43 -22.36 -32.40
N GLU A 442 -34.13 -21.97 -33.46
CA GLU A 442 -34.05 -22.70 -34.73
C GLU A 442 -32.65 -22.61 -35.34
N SER A 443 -32.06 -21.41 -35.34
CA SER A 443 -30.71 -21.25 -35.87
C SER A 443 -29.67 -21.90 -34.95
N LEU A 444 -29.97 -22.00 -33.65
CA LEU A 444 -29.04 -22.67 -32.75
C LEU A 444 -29.03 -24.17 -32.97
N PHE A 445 -30.22 -24.77 -33.11
CA PHE A 445 -30.31 -26.19 -33.45
C PHE A 445 -29.71 -26.49 -34.82
N LYS A 446 -29.80 -25.54 -35.77
CA LYS A 446 -29.03 -25.61 -37.00
C LYS A 446 -27.52 -25.62 -36.76
N VAL A 447 -27.01 -24.69 -35.96
CA VAL A 447 -25.58 -24.45 -35.88
C VAL A 447 -24.85 -25.47 -35.01
N VAL A 448 -25.55 -26.18 -34.12
CA VAL A 448 -24.87 -27.23 -33.37
C VAL A 448 -24.56 -28.45 -34.22
N ALA A 449 -25.57 -29.07 -34.82
CA ALA A 449 -25.37 -30.28 -35.62
C ALA A 449 -24.71 -29.96 -36.96
N GLU B 38 -37.07 4.79 31.72
CA GLU B 38 -35.82 4.19 32.19
C GLU B 38 -34.61 4.98 31.73
N GLY B 39 -34.73 5.63 30.58
CA GLY B 39 -33.65 6.42 30.03
C GLY B 39 -33.96 6.99 28.66
N LYS B 40 -33.37 8.13 28.35
CA LYS B 40 -33.57 8.79 27.06
C LYS B 40 -32.45 8.43 26.11
N ILE B 41 -32.49 8.99 24.90
CA ILE B 41 -31.43 8.88 23.91
C ILE B 41 -30.75 10.23 23.82
N ILE B 42 -29.43 10.23 23.72
CA ILE B 42 -28.69 11.48 23.54
C ILE B 42 -27.90 11.53 22.24
N ASN B 43 -27.72 10.42 21.52
CA ASN B 43 -27.03 10.41 20.25
C ASN B 43 -27.64 9.36 19.33
N ILE B 44 -27.70 9.68 18.05
CA ILE B 44 -27.99 8.73 16.98
C ILE B 44 -26.95 8.95 15.89
N GLY B 45 -26.15 7.94 15.61
CA GLY B 45 -25.02 8.12 14.73
C GLY B 45 -25.04 7.29 13.47
N GLY B 46 -26.16 6.66 13.16
CA GLY B 46 -26.22 5.86 11.96
C GLY B 46 -26.08 4.37 12.21
N THR B 47 -25.26 4.00 13.17
CA THR B 47 -25.26 2.60 13.57
C THR B 47 -25.40 2.43 15.07
N ILE B 48 -24.72 3.25 15.86
CA ILE B 48 -24.68 3.12 17.31
C ILE B 48 -25.44 4.30 17.89
N ILE B 49 -26.33 4.04 18.84
CA ILE B 49 -27.08 5.09 19.51
C ILE B 49 -26.71 5.09 20.98
N LYS B 50 -26.60 6.28 21.56
CA LYS B 50 -26.08 6.47 22.91
C LYS B 50 -27.23 6.90 23.80
N ALA B 51 -27.37 6.25 24.93
CA ALA B 51 -28.52 6.45 25.80
C ALA B 51 -28.09 6.76 27.22
N ARG B 52 -28.64 7.82 27.78
CA ARG B 52 -28.34 8.23 29.14
C ARG B 52 -29.30 7.47 30.06
N LEU B 53 -28.89 6.25 30.44
CA LEU B 53 -29.67 5.46 31.36
C LEU B 53 -28.72 4.67 32.24
N PRO B 54 -28.82 4.82 33.56
CA PRO B 54 -27.82 4.23 34.45
C PRO B 54 -28.17 2.81 34.87
N LYS B 55 -27.13 2.13 35.39
CA LYS B 55 -27.21 0.78 35.97
C LYS B 55 -27.74 -0.24 34.98
N ALA B 56 -27.30 -0.11 33.73
CA ALA B 56 -27.67 -1.03 32.66
C ALA B 56 -26.67 -2.18 32.61
N ARG B 57 -27.18 -3.40 32.69
CA ARG B 57 -26.36 -4.58 32.54
C ARG B 57 -25.98 -4.72 31.07
N ILE B 58 -24.70 -4.98 30.82
CA ILE B 58 -24.23 -5.20 29.47
C ILE B 58 -24.79 -6.52 28.95
N GLY B 59 -25.29 -6.50 27.72
CA GLY B 59 -25.96 -7.64 27.14
C GLY B 59 -27.48 -7.55 27.21
N ALA B 60 -28.02 -6.70 28.07
CA ALA B 60 -29.46 -6.55 28.16
C ALA B 60 -29.99 -5.79 26.96
N PHE B 61 -31.29 -5.92 26.71
CA PHE B 61 -31.91 -5.25 25.58
C PHE B 61 -33.13 -4.48 26.05
N TYR B 62 -33.56 -3.54 25.22
CA TYR B 62 -34.52 -2.51 25.57
C TYR B 62 -35.45 -2.27 24.39
N LYS B 63 -36.62 -1.71 24.68
CA LYS B 63 -37.58 -1.38 23.63
C LYS B 63 -37.76 0.13 23.55
N ILE B 64 -37.64 0.68 22.35
CA ILE B 64 -37.87 2.10 22.11
C ILE B 64 -39.38 2.30 22.16
N GLU B 65 -39.88 2.75 23.31
CA GLU B 65 -41.30 2.63 23.65
C GLU B 65 -42.33 3.41 22.82
N PRO B 66 -42.02 4.49 22.07
CA PRO B 66 -42.97 4.92 21.03
C PRO B 66 -42.92 4.11 19.75
N SER B 67 -42.15 3.02 19.70
CA SER B 67 -42.10 2.10 18.57
C SER B 67 -42.20 0.67 19.11
N GLN B 68 -41.95 -0.29 18.24
CA GLN B 68 -41.91 -1.71 18.59
C GLN B 68 -40.56 -2.30 18.20
N ARG B 69 -39.52 -1.47 18.27
CA ARG B 69 -38.18 -1.87 17.88
C ARG B 69 -37.33 -2.01 19.14
N LEU B 70 -36.31 -2.86 19.06
CA LEU B 70 -35.47 -3.19 20.21
C LEU B 70 -34.05 -2.71 19.97
N ALA B 71 -33.24 -2.80 21.03
CA ALA B 71 -31.83 -2.40 20.98
C ALA B 71 -31.07 -3.11 22.10
N GLU B 72 -29.82 -3.49 21.82
CA GLU B 72 -29.02 -4.31 22.74
C GLU B 72 -27.76 -3.56 23.16
N VAL B 73 -27.44 -3.60 24.45
CA VAL B 73 -26.36 -2.80 25.03
C VAL B 73 -25.01 -3.40 24.64
N ILE B 74 -24.24 -2.65 23.85
CA ILE B 74 -22.88 -3.03 23.49
C ILE B 74 -21.90 -2.66 24.59
N ALA B 75 -21.85 -1.39 24.97
CA ALA B 75 -20.88 -0.93 25.97
C ALA B 75 -21.59 -0.01 26.93
N ILE B 76 -21.03 0.17 28.12
CA ILE B 76 -21.58 1.16 29.03
C ILE B 76 -20.50 2.15 29.41
N ASP B 77 -20.94 3.25 30.01
CA ASP B 77 -20.08 4.29 30.54
C ASP B 77 -20.56 4.42 31.99
N GLU B 78 -20.24 5.55 32.64
CA GLU B 78 -20.82 5.88 33.93
C GLU B 78 -22.35 5.82 33.91
N ASP B 79 -23.00 6.62 33.06
CA ASP B 79 -24.42 6.46 32.81
C ASP B 79 -24.77 6.72 31.34
N GLU B 80 -23.90 6.32 30.42
CA GLU B 80 -24.15 6.61 28.99
C GLU B 80 -23.82 5.36 28.18
N VAL B 81 -24.81 4.51 27.98
CA VAL B 81 -24.61 3.22 27.31
C VAL B 81 -24.59 3.42 25.81
N PHE B 82 -23.83 2.58 25.11
CA PHE B 82 -23.75 2.58 23.66
C PHE B 82 -24.44 1.31 23.21
N LEU B 83 -25.51 1.42 22.45
CA LEU B 83 -26.31 0.26 22.11
C LEU B 83 -26.71 0.30 20.64
N LEU B 84 -27.11 -0.87 20.16
CA LEU B 84 -27.25 -1.16 18.74
C LEU B 84 -28.67 -1.61 18.44
N PRO B 85 -29.36 -0.98 17.50
CA PRO B 85 -30.77 -1.29 17.28
C PRO B 85 -30.94 -2.60 16.53
N PHE B 86 -32.14 -3.18 16.64
CA PHE B 86 -32.40 -4.41 15.89
C PHE B 86 -32.85 -4.08 14.48
N GLU B 87 -33.79 -3.15 14.32
CA GLU B 87 -34.17 -2.67 12.99
C GLU B 87 -33.31 -1.48 12.62
N HIS B 88 -33.69 -0.78 11.55
CA HIS B 88 -32.92 0.35 11.06
C HIS B 88 -33.07 1.56 11.98
N VAL B 89 -32.21 2.55 11.75
CA VAL B 89 -32.07 3.68 12.66
C VAL B 89 -32.68 4.95 12.10
N SER B 90 -33.29 4.89 10.92
CA SER B 90 -33.60 6.08 10.14
C SER B 90 -34.99 6.63 10.42
N GLY B 91 -35.46 6.58 11.66
CA GLY B 91 -36.70 7.23 12.00
C GLY B 91 -36.75 7.82 13.40
N MET B 92 -35.58 7.99 14.01
CA MET B 92 -35.47 8.26 15.43
C MET B 92 -35.10 9.72 15.68
N TYR B 93 -35.28 10.16 16.92
CA TYR B 93 -34.97 11.53 17.33
C TYR B 93 -34.40 11.53 18.74
N CYS B 94 -34.21 12.71 19.34
CA CYS B 94 -33.42 12.79 20.57
C CYS B 94 -34.16 12.26 21.78
N GLY B 95 -35.23 12.92 22.19
CA GLY B 95 -35.83 12.52 23.46
C GLY B 95 -36.80 11.39 23.23
N GLN B 96 -36.32 10.16 23.40
CA GLN B 96 -37.06 8.98 22.99
C GLN B 96 -36.70 7.88 23.98
N TRP B 97 -37.69 7.34 24.65
CA TRP B 97 -37.43 6.55 25.85
C TRP B 97 -37.08 5.11 25.49
N LEU B 98 -36.46 4.43 26.46
CA LEU B 98 -36.14 3.00 26.35
C LEU B 98 -36.75 2.31 27.55
N SER B 99 -37.81 1.54 27.32
CA SER B 99 -38.35 0.72 28.39
C SER B 99 -37.54 -0.55 28.52
N TYR B 100 -37.47 -1.06 29.74
CA TYR B 100 -36.64 -2.21 30.05
C TYR B 100 -37.31 -3.50 29.62
N GLN B 101 -36.54 -4.35 28.97
CA GLN B 101 -36.95 -5.67 28.51
C GLN B 101 -36.10 -6.68 29.28
N GLY B 102 -36.11 -7.92 28.83
CA GLY B 102 -35.38 -8.97 29.53
C GLY B 102 -33.88 -8.72 29.58
N ASP B 103 -33.24 -9.38 30.54
CA ASP B 103 -31.83 -9.17 30.84
C ASP B 103 -30.91 -9.79 29.80
N GLU B 104 -31.41 -10.67 28.95
CA GLU B 104 -30.60 -11.26 27.90
C GLU B 104 -31.53 -11.70 26.77
N PHE B 105 -31.13 -11.44 25.54
CA PHE B 105 -31.94 -11.81 24.39
C PHE B 105 -31.87 -13.32 24.19
N LYS B 106 -33.02 -13.98 24.27
CA LYS B 106 -33.12 -15.42 24.20
C LYS B 106 -34.10 -15.81 23.11
N ILE B 107 -33.78 -16.88 22.37
CA ILE B 107 -34.71 -17.40 21.38
C ILE B 107 -35.52 -18.52 22.01
N ARG B 108 -36.67 -18.81 21.41
CA ARG B 108 -37.50 -19.91 21.83
C ARG B 108 -37.30 -21.06 20.87
N VAL B 109 -36.99 -22.23 21.42
CA VAL B 109 -36.68 -23.44 20.67
C VAL B 109 -37.46 -24.59 21.29
N GLY B 110 -37.93 -25.49 20.43
CA GLY B 110 -38.59 -26.71 20.84
C GLY B 110 -38.34 -27.77 19.79
N ASP B 111 -39.14 -28.82 19.84
CA ASP B 111 -39.05 -29.84 18.80
C ASP B 111 -39.87 -29.46 17.58
N ALA B 112 -40.76 -28.48 17.69
CA ALA B 112 -41.66 -28.10 16.62
C ALA B 112 -41.04 -27.13 15.62
N LEU B 113 -39.72 -26.92 15.69
CA LEU B 113 -39.03 -26.17 14.66
C LEU B 113 -38.66 -27.02 13.46
N LEU B 114 -38.89 -28.32 13.52
CA LEU B 114 -38.56 -29.20 12.41
C LEU B 114 -39.51 -28.97 11.25
N GLY B 115 -39.01 -28.32 10.21
CA GLY B 115 -39.81 -28.00 9.04
C GLY B 115 -40.27 -26.57 8.96
N ARG B 116 -39.55 -25.63 9.57
CA ARG B 116 -40.00 -24.25 9.64
C ARG B 116 -39.02 -23.32 8.94
N LEU B 117 -39.42 -22.05 8.88
CA LEU B 117 -38.60 -20.96 8.35
C LEU B 117 -38.44 -19.93 9.45
N ILE B 118 -37.20 -19.68 9.85
CA ILE B 118 -36.89 -18.83 10.99
C ILE B 118 -36.02 -17.68 10.48
N ASP B 119 -36.16 -16.53 11.11
CA ASP B 119 -35.27 -15.40 10.90
C ASP B 119 -34.04 -15.51 11.80
N GLY B 120 -33.18 -14.49 11.75
CA GLY B 120 -32.02 -14.45 12.62
C GLY B 120 -32.34 -14.00 14.03
N ILE B 121 -33.39 -13.21 14.20
CA ILE B 121 -33.87 -12.90 15.55
C ILE B 121 -34.48 -14.14 16.19
N GLY B 122 -35.21 -14.93 15.41
CA GLY B 122 -35.78 -16.16 15.93
C GLY B 122 -37.25 -16.29 15.60
N ARG B 123 -37.85 -15.23 15.12
CA ARG B 123 -39.29 -15.24 14.89
C ARG B 123 -39.60 -15.83 13.52
N PRO B 124 -40.71 -16.58 13.39
CA PRO B 124 -40.95 -17.34 12.16
C PRO B 124 -41.35 -16.46 10.98
N MET B 125 -40.87 -16.88 9.81
CA MET B 125 -41.21 -16.21 8.55
C MET B 125 -42.57 -16.64 8.00
N GLU B 126 -42.93 -17.91 8.18
CA GLU B 126 -44.18 -18.46 7.64
C GLU B 126 -45.36 -17.88 8.41
N SER B 127 -46.12 -16.99 7.76
CA SER B 127 -47.28 -16.39 8.40
C SER B 127 -48.53 -17.25 8.24
N ASN B 128 -48.74 -17.82 7.06
CA ASN B 128 -49.89 -18.69 6.80
C ASN B 128 -49.83 -20.00 7.57
N ILE B 129 -48.66 -20.59 7.75
CA ILE B 129 -48.46 -21.70 8.67
C ILE B 129 -48.62 -21.14 10.08
N VAL B 130 -49.37 -21.87 10.92
CA VAL B 130 -49.70 -21.40 12.26
C VAL B 130 -48.43 -21.35 13.13
N ALA B 131 -48.50 -20.56 14.19
CA ALA B 131 -47.35 -20.40 15.06
C ALA B 131 -47.17 -21.67 15.90
N PRO B 132 -45.97 -22.23 15.93
CA PRO B 132 -45.74 -23.47 16.66
C PRO B 132 -45.69 -23.20 18.16
N TYR B 133 -45.80 -24.28 18.94
CA TYR B 133 -45.62 -24.21 20.38
C TYR B 133 -44.19 -24.58 20.70
N LEU B 134 -43.38 -23.58 21.05
CA LEU B 134 -41.95 -23.73 21.30
C LEU B 134 -41.74 -23.57 22.80
N PRO B 135 -41.70 -24.66 23.56
CA PRO B 135 -41.76 -24.54 25.03
C PRO B 135 -40.46 -24.09 25.68
N PHE B 136 -39.31 -24.31 25.04
CA PHE B 136 -38.06 -24.00 25.70
C PHE B 136 -37.52 -22.67 25.19
N GLU B 137 -36.66 -22.04 25.98
CA GLU B 137 -35.98 -20.84 25.52
C GLU B 137 -34.58 -20.83 26.07
N ARG B 138 -33.67 -20.24 25.30
CA ARG B 138 -32.26 -20.27 25.63
C ARG B 138 -31.53 -19.17 24.88
N SER B 139 -30.40 -18.76 25.46
CA SER B 139 -29.65 -17.64 24.92
C SER B 139 -28.68 -18.12 23.85
N LEU B 140 -28.18 -17.17 23.08
CA LEU B 140 -27.43 -17.49 21.88
C LEU B 140 -25.95 -17.68 22.13
N TYR B 141 -25.49 -17.52 23.36
CA TYR B 141 -24.08 -17.45 23.69
C TYR B 141 -23.75 -18.55 24.68
N ALA B 142 -23.45 -19.75 24.18
CA ALA B 142 -23.14 -20.88 25.04
C ALA B 142 -21.69 -21.29 24.83
N GLU B 143 -21.15 -22.00 25.80
CA GLU B 143 -19.76 -22.41 25.73
C GLU B 143 -19.63 -23.73 24.97
N PRO B 144 -18.45 -24.01 24.41
CA PRO B 144 -18.22 -25.31 23.76
C PRO B 144 -18.19 -26.43 24.79
N PRO B 145 -18.22 -27.69 24.35
CA PRO B 145 -18.03 -28.79 25.30
C PRO B 145 -16.62 -28.81 25.87
N ASP B 146 -16.44 -29.67 26.88
CA ASP B 146 -15.15 -29.82 27.54
C ASP B 146 -14.17 -30.44 26.56
N PRO B 147 -12.95 -29.89 26.42
CA PRO B 147 -11.99 -30.44 25.46
C PRO B 147 -11.55 -31.87 25.73
N LEU B 148 -11.74 -32.40 26.94
CA LEU B 148 -11.50 -33.82 27.15
C LEU B 148 -12.71 -34.67 26.83
N LEU B 149 -13.92 -34.13 26.99
CA LEU B 149 -15.12 -34.88 26.66
C LEU B 149 -15.41 -34.91 25.17
N ARG B 150 -14.79 -34.05 24.38
CA ARG B 150 -14.81 -34.25 22.95
C ARG B 150 -13.96 -35.48 22.62
N GLN B 151 -14.25 -36.10 21.48
CA GLN B 151 -13.70 -37.40 21.20
C GLN B 151 -13.04 -37.37 19.83
N VAL B 152 -12.05 -38.24 19.64
CA VAL B 152 -11.38 -38.37 18.35
C VAL B 152 -12.38 -38.96 17.35
N ILE B 153 -12.53 -38.30 16.21
CA ILE B 153 -13.57 -38.69 15.27
C ILE B 153 -12.98 -39.60 14.20
N ASP B 154 -13.62 -40.78 14.02
CA ASP B 154 -13.09 -41.81 13.16
C ASP B 154 -14.17 -42.52 12.33
N GLN B 155 -15.40 -42.01 12.30
CA GLN B 155 -16.44 -42.56 11.46
C GLN B 155 -16.64 -41.66 10.25
N PRO B 156 -16.63 -42.20 9.04
CA PRO B 156 -16.75 -41.33 7.86
C PRO B 156 -18.16 -40.80 7.69
N PHE B 157 -18.24 -39.62 7.11
CA PHE B 157 -19.50 -38.93 6.86
C PHE B 157 -19.67 -38.87 5.35
N ILE B 158 -20.66 -39.60 4.84
CA ILE B 158 -20.87 -39.69 3.40
C ILE B 158 -21.55 -38.42 2.93
N LEU B 159 -20.94 -37.75 1.95
CA LEU B 159 -21.45 -36.49 1.43
C LEU B 159 -22.17 -36.65 0.11
N GLY B 160 -21.91 -37.73 -0.61
CA GLY B 160 -22.45 -37.95 -1.93
C GLY B 160 -21.57 -37.42 -3.04
N VAL B 161 -20.80 -36.37 -2.77
CA VAL B 161 -19.88 -35.84 -3.76
C VAL B 161 -18.70 -36.80 -3.88
N ARG B 162 -18.39 -37.20 -5.11
CA ARG B 162 -17.46 -38.30 -5.35
C ARG B 162 -16.01 -37.90 -5.10
N ALA B 163 -15.65 -36.64 -5.36
CA ALA B 163 -14.28 -36.21 -5.16
C ALA B 163 -13.94 -36.09 -3.68
N ILE B 164 -14.82 -35.49 -2.90
CA ILE B 164 -14.57 -35.34 -1.47
C ILE B 164 -14.53 -36.70 -0.79
N ASP B 165 -15.45 -37.58 -1.16
CA ASP B 165 -15.51 -38.92 -0.61
C ASP B 165 -14.31 -39.78 -0.98
N GLY B 166 -13.87 -39.69 -2.24
CA GLY B 166 -12.76 -40.47 -2.70
C GLY B 166 -11.43 -39.94 -2.22
N LEU B 167 -11.05 -38.73 -2.64
CA LEU B 167 -9.71 -38.25 -2.35
C LEU B 167 -9.64 -37.56 -0.99
N LEU B 168 -10.53 -36.62 -0.74
CA LEU B 168 -10.75 -36.11 0.60
C LEU B 168 -11.91 -36.88 1.20
N THR B 169 -12.06 -36.81 2.52
CA THR B 169 -13.23 -37.40 3.17
C THR B 169 -13.44 -36.75 4.51
N CYS B 170 -14.65 -36.89 5.03
CA CYS B 170 -15.08 -36.21 6.23
C CYS B 170 -15.23 -37.19 7.38
N GLY B 171 -15.46 -36.65 8.56
CA GLY B 171 -15.76 -37.45 9.72
C GLY B 171 -17.01 -36.93 10.38
N ILE B 172 -17.73 -37.82 11.04
CA ILE B 172 -18.98 -37.44 11.68
C ILE B 172 -18.62 -36.64 12.92
N GLY B 173 -18.64 -35.33 12.80
CA GLY B 173 -18.25 -34.47 13.89
C GLY B 173 -17.36 -33.32 13.46
N GLN B 174 -16.78 -33.37 12.26
CA GLN B 174 -15.82 -32.35 11.91
C GLN B 174 -16.52 -31.11 11.36
N ARG B 175 -15.72 -30.10 11.07
CA ARG B 175 -16.18 -28.79 10.64
C ARG B 175 -15.42 -28.45 9.36
N ILE B 176 -15.94 -28.86 8.21
CA ILE B 176 -15.24 -28.61 6.96
C ILE B 176 -15.71 -27.28 6.38
N GLY B 177 -14.90 -26.71 5.49
CA GLY B 177 -15.23 -25.41 4.94
C GLY B 177 -14.97 -25.31 3.45
N ILE B 178 -15.80 -24.56 2.73
CA ILE B 178 -15.76 -24.52 1.28
C ILE B 178 -15.37 -23.11 0.87
N PHE B 179 -14.11 -22.96 0.43
CA PHE B 179 -13.51 -21.67 0.12
C PHE B 179 -13.58 -21.44 -1.38
N ALA B 180 -14.12 -20.31 -1.79
CA ALA B 180 -14.21 -19.99 -3.21
C ALA B 180 -14.32 -18.49 -3.38
N GLY B 181 -14.22 -18.04 -4.63
CA GLY B 181 -14.49 -16.67 -4.99
C GLY B 181 -15.98 -16.45 -5.14
N SER B 182 -16.33 -15.41 -5.87
CA SER B 182 -17.73 -15.07 -6.05
C SER B 182 -18.25 -15.77 -7.30
N GLY B 183 -19.22 -16.64 -7.12
CA GLY B 183 -19.84 -17.30 -8.25
C GLY B 183 -19.09 -18.50 -8.77
N VAL B 184 -18.40 -19.22 -7.91
CA VAL B 184 -17.53 -20.30 -8.35
C VAL B 184 -18.17 -21.68 -8.18
N GLY B 185 -19.18 -21.82 -7.34
CA GLY B 185 -19.72 -23.14 -7.10
C GLY B 185 -20.02 -23.51 -5.67
N LYS B 186 -20.02 -22.55 -4.72
CA LYS B 186 -20.32 -22.89 -3.34
C LYS B 186 -21.75 -23.35 -3.15
N SER B 187 -22.73 -22.49 -3.46
CA SER B 187 -24.14 -22.85 -3.23
C SER B 187 -24.50 -24.15 -3.93
N THR B 188 -24.01 -24.35 -5.16
CA THR B 188 -24.32 -25.58 -5.87
C THR B 188 -23.83 -26.79 -5.09
N LEU B 189 -22.63 -26.70 -4.54
CA LEU B 189 -22.02 -27.82 -3.83
C LEU B 189 -22.72 -28.09 -2.51
N LEU B 190 -23.29 -27.05 -1.86
CA LEU B 190 -24.12 -27.31 -0.69
C LEU B 190 -25.41 -28.02 -1.05
N GLY B 191 -26.03 -27.68 -2.18
CA GLY B 191 -27.22 -28.40 -2.59
C GLY B 191 -26.93 -29.85 -2.93
N MET B 192 -25.83 -30.09 -3.64
CA MET B 192 -25.39 -31.44 -3.96
C MET B 192 -25.07 -32.22 -2.69
N ILE B 193 -24.45 -31.55 -1.71
CA ILE B 193 -23.98 -32.19 -0.50
C ILE B 193 -25.10 -32.36 0.51
N CYS B 194 -26.23 -31.68 0.32
CA CYS B 194 -27.42 -31.84 1.15
C CYS B 194 -28.35 -32.90 0.59
N ASN B 195 -28.42 -33.03 -0.74
CA ASN B 195 -29.08 -34.21 -1.29
C ASN B 195 -28.28 -35.48 -1.00
N GLY B 196 -26.96 -35.38 -0.90
CA GLY B 196 -26.15 -36.54 -0.66
C GLY B 196 -26.02 -36.98 0.79
N ALA B 197 -26.10 -36.05 1.74
CA ALA B 197 -25.82 -36.38 3.13
C ALA B 197 -26.96 -37.17 3.75
N SER B 198 -26.63 -37.87 4.83
CA SER B 198 -27.55 -38.80 5.48
C SER B 198 -27.59 -38.54 6.98
N ALA B 199 -27.77 -37.28 7.36
CA ALA B 199 -27.82 -36.94 8.77
C ALA B 199 -29.19 -37.21 9.35
N ASP B 200 -29.38 -36.82 10.62
CA ASP B 200 -30.67 -36.98 11.27
C ASP B 200 -31.48 -35.70 11.21
N ILE B 201 -30.88 -34.58 11.60
CA ILE B 201 -31.49 -33.26 11.50
C ILE B 201 -30.55 -32.41 10.66
N ILE B 202 -31.10 -31.60 9.76
CA ILE B 202 -30.31 -30.70 8.94
C ILE B 202 -30.72 -29.27 9.25
N VAL B 203 -29.79 -28.48 9.79
CA VAL B 203 -30.07 -27.10 10.13
C VAL B 203 -29.32 -26.20 9.15
N LEU B 204 -30.05 -25.58 8.23
CA LEU B 204 -29.44 -24.79 7.16
C LEU B 204 -29.58 -23.30 7.47
N ALA B 205 -28.45 -22.61 7.59
CA ALA B 205 -28.43 -21.18 7.79
C ALA B 205 -28.01 -20.49 6.50
N LEU B 206 -28.88 -19.62 5.99
CA LEU B 206 -28.61 -18.82 4.80
C LEU B 206 -28.39 -17.40 5.31
N ILE B 207 -27.14 -17.02 5.52
CA ILE B 207 -26.80 -15.78 6.20
C ILE B 207 -26.30 -14.76 5.20
N GLY B 208 -27.05 -13.68 5.02
CA GLY B 208 -26.64 -12.60 4.16
C GLY B 208 -26.60 -12.96 2.70
N GLU B 209 -27.53 -13.78 2.24
CA GLU B 209 -27.49 -14.28 0.88
C GLU B 209 -28.68 -13.79 0.07
N ARG B 210 -28.63 -14.15 -1.21
CA ARG B 210 -29.56 -13.67 -2.22
C ARG B 210 -30.96 -14.16 -1.89
N GLY B 211 -31.87 -13.23 -1.66
CA GLY B 211 -33.17 -13.57 -1.11
C GLY B 211 -34.03 -14.39 -2.04
N ARG B 212 -33.76 -14.32 -3.34
CA ARG B 212 -34.41 -15.21 -4.29
C ARG B 212 -34.23 -16.67 -3.90
N GLU B 213 -33.02 -17.04 -3.42
CA GLU B 213 -32.60 -18.43 -3.29
C GLU B 213 -33.25 -19.20 -2.14
N VAL B 214 -34.12 -18.60 -1.34
CA VAL B 214 -34.81 -19.38 -0.31
C VAL B 214 -35.66 -20.46 -0.95
N ASN B 215 -36.51 -20.08 -1.90
CA ASN B 215 -37.35 -21.06 -2.58
C ASN B 215 -36.56 -22.01 -3.46
N GLU B 216 -35.35 -21.66 -3.87
CA GLU B 216 -34.56 -22.61 -4.65
C GLU B 216 -33.91 -23.69 -3.78
N PHE B 217 -33.32 -23.30 -2.64
CA PHE B 217 -32.94 -24.27 -1.62
C PHE B 217 -34.11 -25.07 -1.09
N LEU B 218 -35.30 -24.48 -1.06
CA LEU B 218 -36.47 -25.20 -0.57
C LEU B 218 -37.07 -26.12 -1.62
N ALA B 219 -36.84 -25.84 -2.90
CA ALA B 219 -37.37 -26.66 -3.98
C ALA B 219 -36.38 -27.69 -4.49
N LEU B 220 -35.12 -27.65 -4.04
CA LEU B 220 -34.28 -28.81 -4.34
C LEU B 220 -34.37 -29.89 -3.27
N LEU B 221 -35.21 -29.72 -2.24
CA LEU B 221 -35.33 -30.69 -1.16
C LEU B 221 -36.63 -31.47 -1.28
N PRO B 222 -36.62 -32.79 -1.09
CA PRO B 222 -37.89 -33.53 -1.02
C PRO B 222 -38.60 -33.32 0.30
N GLN B 223 -39.78 -33.91 0.46
CA GLN B 223 -40.59 -33.64 1.65
C GLN B 223 -40.06 -34.38 2.86
N SER B 224 -39.50 -35.58 2.67
CA SER B 224 -38.97 -36.34 3.80
C SER B 224 -37.68 -35.75 4.33
N THR B 225 -37.00 -34.90 3.55
CA THR B 225 -35.88 -34.11 4.03
C THR B 225 -36.33 -32.85 4.75
N LEU B 226 -37.38 -32.20 4.25
CA LEU B 226 -37.87 -30.99 4.89
C LEU B 226 -38.62 -31.28 6.17
N SER B 227 -39.09 -32.51 6.37
CA SER B 227 -39.73 -32.87 7.63
C SER B 227 -38.75 -32.97 8.79
N LYS B 228 -37.44 -32.96 8.52
CA LYS B 228 -36.41 -32.98 9.54
C LYS B 228 -35.46 -31.81 9.44
N CYS B 229 -35.87 -30.72 8.79
CA CYS B 229 -34.98 -29.63 8.44
C CYS B 229 -35.48 -28.30 8.98
N VAL B 230 -34.68 -27.68 9.84
CA VAL B 230 -34.90 -26.32 10.31
C VAL B 230 -34.12 -25.41 9.38
N LEU B 231 -34.71 -24.27 9.02
CA LEU B 231 -34.11 -23.38 8.02
C LEU B 231 -34.12 -21.96 8.55
N VAL B 232 -32.95 -21.46 8.93
CA VAL B 232 -32.78 -20.11 9.46
C VAL B 232 -32.36 -19.21 8.31
N VAL B 233 -33.23 -18.29 7.94
CA VAL B 233 -33.03 -17.45 6.76
C VAL B 233 -32.97 -16.00 7.21
N THR B 234 -31.84 -15.36 6.95
CA THR B 234 -31.75 -13.91 6.93
C THR B 234 -31.21 -13.49 5.57
N THR B 235 -31.36 -12.23 5.24
CA THR B 235 -31.13 -11.77 3.89
C THR B 235 -30.13 -10.62 3.95
N SER B 236 -29.47 -10.35 2.80
CA SER B 236 -28.46 -9.30 2.71
C SER B 236 -29.03 -7.89 2.89
N ASP B 237 -30.34 -7.74 2.95
CA ASP B 237 -30.95 -6.45 3.15
C ASP B 237 -31.09 -6.13 4.63
N ARG B 238 -31.11 -7.16 5.46
CA ARG B 238 -31.41 -7.00 6.87
C ARG B 238 -30.23 -6.32 7.56
N PRO B 239 -30.48 -5.53 8.62
CA PRO B 239 -29.41 -4.71 9.20
C PRO B 239 -28.31 -5.49 9.89
N ALA B 240 -27.24 -4.79 10.24
CA ALA B 240 -25.95 -5.37 10.61
C ALA B 240 -25.98 -6.18 11.90
N LEU B 241 -27.06 -6.15 12.66
CA LEU B 241 -27.20 -7.05 13.79
C LEU B 241 -27.85 -8.37 13.40
N GLU B 242 -28.97 -8.32 12.68
CA GLU B 242 -29.69 -9.54 12.33
C GLU B 242 -28.90 -10.40 11.36
N ARG B 243 -28.09 -9.79 10.51
CA ARG B 243 -27.21 -10.56 9.64
C ARG B 243 -26.00 -11.08 10.39
N MET B 244 -25.73 -10.54 11.58
CA MET B 244 -24.67 -11.01 12.46
C MET B 244 -25.16 -12.06 13.43
N LYS B 245 -26.40 -11.98 13.87
CA LYS B 245 -26.92 -12.81 14.95
C LYS B 245 -27.62 -14.08 14.44
N ALA B 246 -27.71 -14.26 13.12
CA ALA B 246 -28.34 -15.45 12.58
C ALA B 246 -27.48 -16.69 12.73
N ALA B 247 -26.16 -16.52 12.74
CA ALA B 247 -25.26 -17.64 12.94
C ALA B 247 -25.43 -18.24 14.32
N PHE B 248 -25.66 -17.40 15.33
CA PHE B 248 -25.77 -17.89 16.70
C PHE B 248 -27.12 -18.54 16.95
N THR B 249 -28.19 -18.08 16.31
CA THR B 249 -29.45 -18.80 16.48
C THR B 249 -29.47 -20.10 15.70
N ALA B 250 -28.79 -20.18 14.55
CA ALA B 250 -28.68 -21.47 13.87
C ALA B 250 -27.83 -22.44 14.66
N THR B 251 -26.76 -21.95 15.30
CA THR B 251 -25.92 -22.83 16.09
C THR B 251 -26.62 -23.21 17.40
N THR B 252 -27.48 -22.35 17.93
CA THR B 252 -28.23 -22.69 19.13
C THR B 252 -29.29 -23.74 18.85
N ILE B 253 -29.97 -23.66 17.71
CA ILE B 253 -30.92 -24.69 17.32
C ILE B 253 -30.21 -26.02 17.07
N ALA B 254 -29.01 -25.96 16.47
CA ALA B 254 -28.23 -27.17 16.29
C ALA B 254 -27.75 -27.76 17.61
N GLU B 255 -27.43 -26.92 18.59
CA GLU B 255 -27.07 -27.45 19.91
C GLU B 255 -28.25 -28.04 20.64
N TYR B 256 -29.45 -27.51 20.42
CA TYR B 256 -30.65 -28.12 21.01
C TYR B 256 -30.89 -29.52 20.47
N PHE B 257 -30.88 -29.67 19.14
CA PHE B 257 -31.09 -31.00 18.59
C PHE B 257 -29.88 -31.90 18.76
N ARG B 258 -28.71 -31.35 19.11
CA ARG B 258 -27.60 -32.19 19.57
C ARG B 258 -27.85 -32.71 20.97
N ASP B 259 -28.33 -31.85 21.86
CA ASP B 259 -28.58 -32.25 23.24
C ASP B 259 -29.76 -33.19 23.38
N GLN B 260 -30.65 -33.26 22.38
CA GLN B 260 -31.59 -34.37 22.36
C GLN B 260 -30.92 -35.70 22.06
N GLY B 261 -29.70 -35.70 21.53
CA GLY B 261 -28.93 -36.92 21.43
C GLY B 261 -28.85 -37.52 20.05
N LYS B 262 -28.71 -36.70 19.01
CA LYS B 262 -28.67 -37.21 17.65
C LYS B 262 -27.71 -36.37 16.82
N ASN B 263 -27.12 -37.03 15.82
CA ASN B 263 -26.08 -36.42 15.00
C ASN B 263 -26.72 -35.51 13.97
N VAL B 264 -26.49 -34.21 14.07
CA VAL B 264 -27.15 -33.27 13.18
C VAL B 264 -26.12 -32.66 12.24
N LEU B 265 -26.61 -31.98 11.21
CA LEU B 265 -25.78 -31.37 10.18
C LEU B 265 -26.11 -29.89 10.10
N LEU B 266 -25.11 -29.05 10.29
CA LEU B 266 -25.25 -27.60 10.22
C LEU B 266 -24.52 -27.10 8.98
N MET B 267 -25.28 -26.71 7.96
CA MET B 267 -24.69 -26.10 6.78
C MET B 267 -24.93 -24.61 6.85
N MET B 268 -23.86 -23.83 6.79
CA MET B 268 -23.94 -22.39 6.93
C MET B 268 -23.43 -21.73 5.66
N ASP B 269 -24.21 -20.81 5.14
CA ASP B 269 -23.95 -20.21 3.83
C ASP B 269 -23.34 -18.83 4.07
N SER B 270 -22.05 -18.71 3.73
CA SER B 270 -21.24 -17.50 3.89
C SER B 270 -21.18 -17.01 5.32
N VAL B 271 -20.37 -17.70 6.14
CA VAL B 271 -19.92 -17.16 7.42
C VAL B 271 -19.15 -15.85 7.26
N THR B 272 -18.62 -15.57 6.07
CA THR B 272 -18.03 -14.27 5.81
C THR B 272 -19.04 -13.13 5.78
N ARG B 273 -20.33 -13.39 5.59
CA ARG B 273 -21.30 -12.32 5.76
C ARG B 273 -21.47 -11.96 7.23
N TYR B 274 -21.41 -12.97 8.12
CA TYR B 274 -21.26 -12.70 9.54
C TYR B 274 -19.99 -11.90 9.83
N ALA B 275 -18.90 -12.21 9.13
CA ALA B 275 -17.66 -11.50 9.36
C ALA B 275 -17.75 -10.03 8.93
N ARG B 276 -18.40 -9.76 7.79
CA ARG B 276 -18.60 -8.38 7.36
C ARG B 276 -19.54 -7.62 8.30
N ALA B 277 -20.59 -8.28 8.79
CA ALA B 277 -21.50 -7.63 9.73
C ALA B 277 -20.80 -7.30 11.04
N ALA B 278 -19.97 -8.22 11.54
CA ALA B 278 -19.21 -7.96 12.75
C ALA B 278 -18.16 -6.87 12.54
N ARG B 279 -17.59 -6.78 11.34
CA ARG B 279 -16.67 -5.68 11.01
C ARG B 279 -17.38 -4.34 11.08
N ASP B 280 -18.57 -4.24 10.50
CA ASP B 280 -19.28 -2.97 10.44
C ASP B 280 -19.73 -2.54 11.84
N VAL B 281 -20.21 -3.48 12.65
CA VAL B 281 -20.60 -3.17 14.02
C VAL B 281 -19.39 -2.80 14.87
N GLY B 282 -18.26 -3.48 14.67
CA GLY B 282 -17.08 -3.19 15.48
C GLY B 282 -16.43 -1.86 15.12
N LEU B 283 -16.36 -1.54 13.83
CA LEU B 283 -15.81 -0.25 13.43
C LEU B 283 -16.76 0.90 13.72
N ALA B 284 -18.07 0.65 13.78
CA ALA B 284 -18.97 1.69 14.25
C ALA B 284 -18.82 1.91 15.74
N SER B 285 -18.39 0.90 16.48
CA SER B 285 -18.20 0.98 17.92
C SER B 285 -16.79 1.41 18.32
N GLY B 286 -16.02 1.99 17.40
CA GLY B 286 -14.72 2.53 17.72
C GLY B 286 -13.65 1.51 18.08
N GLU B 287 -13.25 0.70 17.10
CA GLU B 287 -12.20 -0.29 17.27
C GLU B 287 -11.19 -0.19 16.14
N PRO B 288 -9.91 -0.39 16.42
CA PRO B 288 -8.90 -0.17 15.39
C PRO B 288 -8.85 -1.28 14.36
N ASP B 289 -8.58 -0.85 13.13
CA ASP B 289 -8.18 -1.76 12.07
C ASP B 289 -6.90 -2.49 12.43
N VAL B 290 -6.90 -3.82 12.36
CA VAL B 290 -5.70 -4.57 12.67
C VAL B 290 -5.24 -5.38 11.47
N ARG B 291 -6.15 -5.76 10.59
CA ARG B 291 -5.80 -6.59 9.46
C ARG B 291 -6.86 -6.45 8.38
N GLY B 292 -6.51 -5.84 7.25
CA GLY B 292 -7.30 -5.96 6.05
C GLY B 292 -8.66 -5.31 6.08
N GLY B 293 -8.94 -4.43 7.03
CA GLY B 293 -10.23 -3.81 7.18
C GLY B 293 -10.93 -4.15 8.46
N PHE B 294 -10.51 -5.21 9.14
CA PHE B 294 -11.24 -5.86 10.21
C PHE B 294 -10.74 -5.45 11.58
N PRO B 295 -11.64 -5.30 12.54
CA PRO B 295 -11.25 -5.04 13.91
C PRO B 295 -10.81 -6.33 14.57
N PRO B 296 -10.20 -6.29 15.76
CA PRO B 296 -9.86 -7.54 16.43
C PRO B 296 -11.06 -8.28 17.00
N SER B 297 -12.22 -7.65 17.10
CA SER B 297 -13.40 -8.34 17.64
C SER B 297 -13.91 -9.40 16.68
N VAL B 298 -13.72 -9.21 15.38
CA VAL B 298 -14.10 -10.22 14.40
C VAL B 298 -13.25 -11.48 14.58
N PHE B 299 -11.94 -11.30 14.73
CA PHE B 299 -11.05 -12.43 14.85
C PHE B 299 -11.14 -13.08 16.22
N SER B 300 -11.64 -12.36 17.21
CA SER B 300 -11.91 -12.95 18.51
C SER B 300 -13.29 -13.60 18.59
N SER B 301 -14.23 -13.21 17.74
CA SER B 301 -15.57 -13.75 17.80
C SER B 301 -15.83 -14.90 16.84
N LEU B 302 -15.03 -15.03 15.78
CA LEU B 302 -15.09 -16.24 14.96
C LEU B 302 -14.79 -17.56 15.68
N PRO B 303 -13.76 -17.69 16.54
CA PRO B 303 -13.48 -19.03 17.09
C PRO B 303 -14.55 -19.57 18.02
N LYS B 304 -15.27 -18.73 18.75
CA LYS B 304 -16.29 -19.29 19.62
C LYS B 304 -17.52 -19.77 18.85
N LEU B 305 -17.89 -19.04 17.79
CA LEU B 305 -18.93 -19.52 16.87
C LEU B 305 -18.51 -20.81 16.18
N LEU B 306 -17.33 -20.82 15.58
CA LEU B 306 -16.89 -22.00 14.84
C LEU B 306 -16.40 -23.12 15.73
N GLU B 307 -16.32 -22.91 17.04
CA GLU B 307 -15.82 -23.92 17.96
C GLU B 307 -16.91 -24.54 18.80
N ARG B 308 -18.05 -23.88 18.96
CA ARG B 308 -19.15 -24.54 19.66
C ARG B 308 -19.82 -25.62 18.82
N ALA B 309 -19.48 -25.74 17.53
CA ALA B 309 -19.85 -26.89 16.71
C ALA B 309 -18.84 -28.00 16.93
N GLY B 310 -19.16 -29.19 16.42
CA GLY B 310 -18.23 -30.28 16.48
C GLY B 310 -18.68 -31.42 17.35
N PRO B 311 -17.74 -32.26 17.80
CA PRO B 311 -18.09 -33.41 18.64
C PRO B 311 -18.55 -32.98 20.02
N ALA B 312 -19.07 -33.94 20.76
CA ALA B 312 -19.73 -33.68 22.02
C ALA B 312 -19.85 -34.99 22.79
N PRO B 313 -20.08 -34.94 24.10
CA PRO B 313 -20.40 -36.18 24.81
C PRO B 313 -21.73 -36.80 24.45
N LYS B 314 -22.69 -36.00 23.97
CA LYS B 314 -24.02 -36.51 23.64
C LYS B 314 -24.41 -35.98 22.26
N GLY B 315 -24.21 -36.79 21.24
CA GLY B 315 -24.46 -36.37 19.88
C GLY B 315 -23.26 -35.66 19.30
N SER B 316 -23.47 -35.07 18.13
CA SER B 316 -22.43 -34.35 17.41
C SER B 316 -23.08 -33.52 16.32
N ILE B 317 -22.51 -32.34 16.07
CA ILE B 317 -23.00 -31.59 14.91
C ILE B 317 -21.86 -31.52 13.91
N THR B 318 -22.14 -31.96 12.69
CA THR B 318 -21.18 -31.86 11.60
C THR B 318 -21.46 -30.57 10.85
N ALA B 319 -20.47 -29.70 10.72
CA ALA B 319 -20.72 -28.39 10.16
C ALA B 319 -20.00 -28.24 8.83
N ILE B 320 -20.65 -27.56 7.89
CA ILE B 320 -20.10 -27.26 6.57
C ILE B 320 -20.36 -25.79 6.31
N TYR B 321 -19.32 -24.98 6.34
CA TYR B 321 -19.40 -23.54 6.20
C TYR B 321 -18.92 -23.15 4.81
N THR B 322 -19.56 -22.17 4.19
CA THR B 322 -19.00 -21.62 2.96
C THR B 322 -18.31 -20.31 3.28
N VAL B 323 -17.20 -20.05 2.59
CA VAL B 323 -16.41 -18.85 2.78
C VAL B 323 -16.24 -18.17 1.43
N LEU B 324 -16.62 -16.90 1.35
CA LEU B 324 -16.51 -16.13 0.12
C LEU B 324 -15.22 -15.34 0.16
N LEU B 325 -14.21 -15.82 -0.57
CA LEU B 325 -12.95 -15.11 -0.69
C LEU B 325 -13.15 -13.87 -1.53
N GLU B 326 -12.70 -12.72 -1.02
CA GLU B 326 -13.15 -11.46 -1.58
C GLU B 326 -12.55 -11.18 -2.96
N SER B 327 -11.37 -11.71 -3.24
CA SER B 327 -10.89 -11.82 -4.61
C SER B 327 -10.78 -13.32 -4.84
N ASP B 328 -10.19 -13.72 -5.95
CA ASP B 328 -10.00 -15.15 -6.18
C ASP B 328 -8.69 -15.64 -5.55
N ASN B 329 -8.46 -15.32 -4.28
CA ASN B 329 -7.26 -15.73 -3.57
C ASN B 329 -7.63 -16.37 -2.24
N VAL B 330 -6.90 -17.44 -1.90
CA VAL B 330 -7.22 -18.17 -0.68
C VAL B 330 -6.65 -17.46 0.54
N ASN B 331 -5.69 -16.54 0.35
CA ASN B 331 -5.00 -15.84 1.42
C ASN B 331 -5.63 -14.49 1.74
N ASP B 332 -6.94 -14.39 1.59
CA ASP B 332 -7.72 -13.32 2.16
C ASP B 332 -7.58 -13.33 3.69
N PRO B 333 -7.65 -12.15 4.36
CA PRO B 333 -7.63 -12.14 5.84
C PRO B 333 -8.67 -13.00 6.51
N ILE B 334 -9.94 -12.87 6.15
CA ILE B 334 -10.95 -13.68 6.82
C ILE B 334 -10.93 -15.11 6.31
N GLY B 335 -10.43 -15.34 5.09
CA GLY B 335 -10.31 -16.72 4.60
C GLY B 335 -9.20 -17.46 5.30
N ASP B 336 -8.07 -16.80 5.55
CA ASP B 336 -6.98 -17.40 6.30
C ASP B 336 -7.37 -17.63 7.76
N GLU B 337 -8.08 -16.66 8.36
CA GLU B 337 -8.51 -16.83 9.74
C GLU B 337 -9.54 -17.94 9.89
N VAL B 338 -10.46 -18.12 8.94
CA VAL B 338 -11.41 -19.22 9.06
C VAL B 338 -10.71 -20.56 8.78
N ARG B 339 -9.73 -20.58 7.87
CA ARG B 339 -9.01 -21.81 7.57
C ARG B 339 -8.15 -22.29 8.74
N SER B 340 -7.62 -21.37 9.55
CA SER B 340 -6.85 -21.79 10.71
C SER B 340 -7.69 -22.25 11.89
N ILE B 341 -9.02 -22.33 11.75
CA ILE B 341 -9.92 -22.75 12.83
C ILE B 341 -10.66 -24.03 12.45
N LEU B 342 -11.14 -24.11 11.22
CA LEU B 342 -11.81 -25.31 10.75
C LEU B 342 -10.82 -26.44 10.56
N ASP B 343 -11.32 -27.66 10.59
CA ASP B 343 -10.49 -28.85 10.45
C ASP B 343 -10.86 -29.56 9.16
N GLY B 344 -10.28 -29.11 8.06
CA GLY B 344 -10.63 -29.60 6.76
C GLY B 344 -11.18 -28.48 5.91
N HIS B 345 -10.65 -28.29 4.71
CA HIS B 345 -11.07 -27.16 3.89
C HIS B 345 -11.07 -27.55 2.42
N ILE B 346 -12.15 -27.19 1.74
CA ILE B 346 -12.34 -27.50 0.33
C ILE B 346 -12.15 -26.19 -0.42
N VAL B 347 -11.26 -26.18 -1.41
CA VAL B 347 -10.97 -24.96 -2.15
C VAL B 347 -11.49 -25.10 -3.58
N LEU B 348 -12.42 -24.24 -3.95
CA LEU B 348 -12.90 -24.15 -5.31
C LEU B 348 -12.20 -22.99 -6.00
N THR B 349 -11.77 -23.21 -7.24
CA THR B 349 -11.05 -22.18 -7.97
C THR B 349 -11.73 -21.90 -9.30
N ARG B 350 -11.63 -20.64 -9.74
CA ARG B 350 -12.29 -20.20 -10.96
C ARG B 350 -11.61 -20.76 -12.21
N GLU B 351 -10.33 -21.08 -12.12
CA GLU B 351 -9.58 -21.68 -13.22
C GLU B 351 -10.12 -23.04 -13.63
N LEU B 352 -10.86 -23.73 -12.76
CA LEU B 352 -11.54 -24.95 -13.13
C LEU B 352 -13.02 -24.72 -13.39
N ALA B 353 -13.57 -23.59 -12.95
CA ALA B 353 -14.93 -23.24 -13.34
C ALA B 353 -14.99 -22.86 -14.80
N GLU B 354 -13.99 -22.14 -15.30
CA GLU B 354 -14.02 -21.67 -16.68
C GLU B 354 -13.51 -22.72 -17.65
N GLU B 355 -13.05 -23.87 -17.15
CA GLU B 355 -12.68 -25.00 -17.97
C GLU B 355 -13.79 -26.06 -17.99
N ASN B 356 -14.94 -25.72 -17.38
CA ASN B 356 -16.06 -26.65 -17.13
C ASN B 356 -15.62 -27.91 -16.41
N HIS B 357 -14.69 -27.76 -15.46
CA HIS B 357 -14.29 -28.83 -14.56
C HIS B 357 -15.18 -28.72 -13.33
N PHE B 358 -16.42 -29.17 -13.47
CA PHE B 358 -17.35 -29.02 -12.36
C PHE B 358 -17.57 -30.35 -11.65
N PRO B 359 -17.45 -30.41 -10.31
CA PRO B 359 -17.14 -29.33 -9.37
C PRO B 359 -15.69 -28.91 -9.39
N ALA B 360 -15.42 -27.66 -9.00
CA ALA B 360 -14.14 -27.03 -9.24
C ALA B 360 -13.14 -27.29 -8.14
N ILE B 361 -13.25 -28.44 -7.47
CA ILE B 361 -12.45 -28.76 -6.30
C ILE B 361 -10.99 -28.91 -6.72
N ASP B 362 -10.17 -27.94 -6.32
CA ASP B 362 -8.73 -28.04 -6.47
C ASP B 362 -8.23 -29.09 -5.49
N ILE B 363 -7.68 -30.18 -6.01
CA ILE B 363 -7.28 -31.29 -5.14
C ILE B 363 -6.01 -30.94 -4.39
N GLY B 364 -5.19 -30.06 -4.95
CA GLY B 364 -3.97 -29.65 -4.29
C GLY B 364 -4.19 -28.79 -3.07
N LEU B 365 -4.87 -27.66 -3.22
CA LEU B 365 -5.00 -26.71 -2.13
C LEU B 365 -6.09 -27.09 -1.12
N SER B 366 -6.78 -28.21 -1.33
CA SER B 366 -7.79 -28.65 -0.38
C SER B 366 -7.31 -29.90 0.36
N ALA B 367 -7.68 -29.98 1.64
CA ALA B 367 -7.20 -31.05 2.49
C ALA B 367 -8.20 -31.28 3.63
N SER B 368 -8.17 -32.49 4.16
CA SER B 368 -9.05 -32.86 5.26
C SER B 368 -8.21 -33.28 6.44
N ARG B 369 -8.56 -32.81 7.63
CA ARG B 369 -7.70 -33.10 8.76
C ARG B 369 -8.12 -34.34 9.55
N VAL B 370 -9.01 -35.18 8.99
CA VAL B 370 -9.39 -36.44 9.62
C VAL B 370 -9.28 -37.57 8.60
N MET B 371 -8.81 -37.23 7.41
CA MET B 371 -8.63 -38.17 6.31
C MET B 371 -7.94 -39.45 6.77
N HIS B 372 -6.84 -39.31 7.49
CA HIS B 372 -6.00 -40.43 7.91
C HIS B 372 -6.55 -41.14 9.14
N ASN B 373 -7.79 -40.90 9.50
CA ASN B 373 -8.25 -41.29 10.83
C ASN B 373 -9.59 -41.98 10.72
N VAL B 374 -10.37 -41.64 9.71
CA VAL B 374 -11.71 -42.19 9.52
C VAL B 374 -11.73 -43.37 8.57
N VAL B 375 -10.64 -43.65 7.87
CA VAL B 375 -10.69 -44.57 6.74
C VAL B 375 -9.55 -45.57 6.83
N THR B 376 -9.70 -46.68 6.11
CA THR B 376 -8.75 -47.78 6.10
C THR B 376 -7.48 -47.40 5.37
N SER B 377 -6.49 -48.29 5.43
CA SER B 377 -5.15 -47.93 4.96
C SER B 377 -5.02 -48.05 3.44
N GLU B 378 -5.73 -49.00 2.82
CA GLU B 378 -5.63 -49.10 1.37
C GLU B 378 -6.37 -47.96 0.67
N HIS B 379 -7.46 -47.48 1.27
CA HIS B 379 -8.13 -46.29 0.75
C HIS B 379 -7.25 -45.05 0.91
N LEU B 380 -6.55 -44.93 2.04
CA LEU B 380 -5.66 -43.79 2.25
C LEU B 380 -4.48 -43.82 1.29
N ARG B 381 -3.91 -45.01 1.07
CA ARG B 381 -2.82 -45.19 0.13
C ARG B 381 -3.25 -44.87 -1.30
N ALA B 382 -4.44 -45.34 -1.68
CA ALA B 382 -4.92 -45.13 -3.04
C ALA B 382 -5.30 -43.67 -3.27
N ALA B 383 -5.86 -43.00 -2.27
CA ALA B 383 -6.18 -41.60 -2.40
C ALA B 383 -4.92 -40.75 -2.50
N ALA B 384 -3.90 -41.07 -1.69
CA ALA B 384 -2.64 -40.33 -1.75
C ALA B 384 -1.94 -40.52 -3.08
N GLU B 385 -1.99 -41.75 -3.63
CA GLU B 385 -1.37 -41.99 -4.92
C GLU B 385 -2.11 -41.32 -6.07
N CYS B 386 -3.45 -41.26 -6.00
CA CYS B 386 -4.20 -40.54 -7.04
C CYS B 386 -3.94 -39.04 -6.99
N LYS B 387 -3.84 -38.47 -5.78
CA LYS B 387 -3.49 -37.05 -5.65
C LYS B 387 -2.09 -36.77 -6.20
N LYS B 388 -1.14 -37.67 -5.89
CA LYS B 388 0.23 -37.51 -6.39
C LYS B 388 0.31 -37.65 -7.91
N LEU B 389 -0.50 -38.50 -8.52
CA LEU B 389 -0.35 -38.64 -9.96
C LEU B 389 -1.16 -37.58 -10.72
N ILE B 390 -2.16 -36.97 -10.08
CA ILE B 390 -2.72 -35.72 -10.62
C ILE B 390 -1.67 -34.61 -10.63
N ALA B 391 -0.89 -34.51 -9.55
CA ALA B 391 0.19 -33.52 -9.51
C ALA B 391 1.25 -33.80 -10.57
N THR B 392 1.64 -35.05 -10.75
CA THR B 392 2.66 -35.34 -11.75
C THR B 392 2.14 -35.25 -13.18
N TYR B 393 0.82 -35.34 -13.42
CA TYR B 393 0.35 -34.92 -14.73
C TYR B 393 0.46 -33.41 -14.89
N LYS B 394 0.14 -32.65 -13.83
CA LYS B 394 0.23 -31.20 -13.92
C LYS B 394 1.66 -30.71 -14.10
N ASN B 395 2.64 -31.54 -13.75
CA ASN B 395 4.04 -31.30 -14.09
C ASN B 395 4.30 -31.30 -15.59
N VAL B 396 3.62 -32.18 -16.35
CA VAL B 396 4.08 -32.61 -17.66
C VAL B 396 3.36 -31.89 -18.79
N GLU B 397 2.09 -31.49 -18.58
CA GLU B 397 1.12 -31.23 -19.64
C GLU B 397 1.53 -30.20 -20.69
N LEU B 398 2.49 -29.31 -20.37
CA LEU B 398 3.04 -28.44 -21.40
C LEU B 398 3.83 -29.24 -22.43
N LEU B 399 4.58 -30.24 -22.00
CA LEU B 399 5.33 -31.07 -22.93
C LEU B 399 4.44 -31.94 -23.80
N ILE B 400 3.23 -32.22 -23.35
CA ILE B 400 2.24 -32.91 -24.15
C ILE B 400 1.58 -31.97 -25.14
N ARG B 401 1.29 -30.74 -24.71
CA ARG B 401 0.62 -29.75 -25.55
C ARG B 401 1.43 -29.37 -26.78
N ILE B 402 2.75 -29.19 -26.65
CA ILE B 402 3.54 -28.72 -27.77
C ILE B 402 4.23 -29.91 -28.44
N GLY B 403 3.93 -31.12 -27.98
CA GLY B 403 4.47 -32.32 -28.57
C GLY B 403 5.95 -32.55 -28.33
N GLU B 404 6.33 -32.81 -27.08
CA GLU B 404 7.72 -33.05 -26.75
C GLU B 404 7.90 -34.30 -25.90
N TYR B 405 6.90 -34.67 -25.11
CA TYR B 405 7.00 -35.75 -24.13
C TYR B 405 6.96 -37.09 -24.85
N THR B 406 8.02 -37.88 -24.70
CA THR B 406 8.06 -39.25 -25.17
C THR B 406 7.53 -40.19 -24.08
N MET B 407 7.27 -41.44 -24.46
CA MET B 407 6.42 -42.29 -23.63
C MET B 407 7.19 -42.89 -22.45
N GLY B 408 8.16 -43.76 -22.73
CA GLY B 408 8.73 -44.60 -21.70
C GLY B 408 9.99 -44.14 -20.99
N GLN B 409 9.91 -43.11 -20.15
CA GLN B 409 11.10 -42.70 -19.42
C GLN B 409 10.84 -42.41 -17.94
N ASP B 410 9.59 -42.16 -17.56
CA ASP B 410 9.23 -41.96 -16.16
C ASP B 410 7.89 -42.66 -15.92
N PRO B 411 7.87 -43.71 -15.10
CA PRO B 411 6.63 -44.49 -14.94
C PRO B 411 5.54 -43.78 -14.16
N GLU B 412 5.89 -42.85 -13.26
CA GLU B 412 4.88 -42.09 -12.54
C GLU B 412 4.14 -41.15 -13.48
N ALA B 413 4.89 -40.43 -14.32
CA ALA B 413 4.25 -39.58 -15.32
C ALA B 413 3.58 -40.40 -16.40
N ASP B 414 4.12 -41.59 -16.70
CA ASP B 414 3.47 -42.48 -17.66
C ASP B 414 2.10 -42.92 -17.15
N LYS B 415 2.02 -43.25 -15.86
CA LYS B 415 0.74 -43.68 -15.29
C LYS B 415 -0.21 -42.49 -15.15
N ALA B 416 0.35 -41.28 -14.97
CA ALA B 416 -0.47 -40.07 -14.94
C ALA B 416 -1.15 -39.81 -16.29
N ILE B 417 -0.36 -39.80 -17.37
CA ILE B 417 -0.89 -39.64 -18.73
C ILE B 417 -1.84 -40.78 -19.09
N LYS B 418 -1.57 -42.00 -18.62
CA LYS B 418 -2.45 -43.12 -18.94
C LYS B 418 -3.80 -43.01 -18.22
N ASN B 419 -3.82 -42.62 -16.95
CA ASN B 419 -5.05 -42.64 -16.16
C ASN B 419 -5.71 -41.28 -16.00
N ARG B 420 -5.27 -40.26 -16.76
CA ARG B 420 -5.93 -38.95 -16.74
C ARG B 420 -7.43 -38.99 -17.01
N LYS B 421 -7.85 -39.65 -18.09
CA LYS B 421 -9.26 -39.62 -18.47
C LYS B 421 -10.12 -40.37 -17.47
N LEU B 422 -9.58 -41.43 -16.89
CA LEU B 422 -10.30 -42.17 -15.84
C LEU B 422 -10.44 -41.31 -14.59
N ILE B 423 -9.39 -40.56 -14.23
CA ILE B 423 -9.49 -39.63 -13.10
C ILE B 423 -10.52 -38.54 -13.35
N GLN B 424 -10.49 -37.92 -14.52
CA GLN B 424 -11.43 -36.84 -14.75
C GLN B 424 -12.78 -37.32 -15.24
N ASN B 425 -13.02 -38.62 -15.24
CA ASN B 425 -14.37 -39.14 -15.14
C ASN B 425 -14.75 -39.47 -13.70
N PHE B 426 -13.77 -39.71 -12.84
CA PHE B 426 -13.99 -39.87 -11.40
C PHE B 426 -14.16 -38.54 -10.66
N ILE B 427 -13.52 -37.47 -11.13
CA ILE B 427 -13.56 -36.21 -10.38
C ILE B 427 -14.82 -35.42 -10.69
N GLN B 428 -15.08 -35.13 -11.97
CA GLN B 428 -16.33 -34.48 -12.36
C GLN B 428 -17.53 -35.36 -12.03
N GLN B 429 -18.60 -34.72 -11.54
CA GLN B 429 -19.92 -35.34 -11.56
C GLN B 429 -20.97 -34.25 -11.57
N SER B 430 -22.17 -34.61 -12.02
CA SER B 430 -23.26 -33.67 -12.14
C SER B 430 -23.93 -33.47 -10.79
N THR B 431 -24.83 -32.49 -10.73
CA THR B 431 -25.58 -32.23 -9.50
C THR B 431 -26.59 -33.33 -9.20
N LYS B 432 -27.06 -34.00 -10.24
CA LYS B 432 -28.05 -35.06 -10.06
C LYS B 432 -27.41 -36.41 -9.78
N ASP B 433 -26.10 -36.53 -9.98
CA ASP B 433 -25.42 -37.80 -9.76
C ASP B 433 -24.93 -37.91 -8.33
N ILE B 434 -25.68 -38.63 -7.50
CA ILE B 434 -25.26 -38.94 -6.15
C ILE B 434 -24.78 -40.40 -6.13
N SER B 435 -23.59 -40.61 -5.58
CA SER B 435 -22.95 -41.91 -5.62
C SER B 435 -22.70 -42.38 -4.20
N SER B 436 -23.03 -43.63 -3.93
CA SER B 436 -22.81 -44.19 -2.61
C SER B 436 -21.32 -44.44 -2.38
N TYR B 437 -20.98 -44.65 -1.11
CA TYR B 437 -19.58 -44.69 -0.69
C TYR B 437 -18.86 -45.93 -1.20
N GLU B 438 -19.58 -47.05 -1.35
CA GLU B 438 -18.96 -48.28 -1.82
C GLU B 438 -18.55 -48.20 -3.28
N LYS B 439 -19.42 -47.65 -4.13
CA LYS B 439 -19.07 -47.48 -5.54
C LYS B 439 -17.99 -46.41 -5.70
N THR B 440 -17.97 -45.43 -4.79
CA THR B 440 -16.91 -44.41 -4.80
C THR B 440 -15.54 -45.02 -4.54
N ILE B 441 -15.42 -45.84 -3.49
CA ILE B 441 -14.10 -46.41 -3.19
C ILE B 441 -13.76 -47.51 -4.19
N GLU B 442 -14.77 -48.14 -4.80
CA GLU B 442 -14.52 -49.12 -5.85
C GLU B 442 -13.96 -48.46 -7.11
N SER B 443 -14.56 -47.35 -7.55
CA SER B 443 -14.02 -46.64 -8.71
C SER B 443 -12.71 -45.95 -8.37
N LEU B 444 -12.48 -45.62 -7.10
CA LEU B 444 -11.20 -45.06 -6.68
C LEU B 444 -10.07 -46.09 -6.79
N PHE B 445 -10.35 -47.33 -6.37
CA PHE B 445 -9.38 -48.41 -6.57
C PHE B 445 -9.20 -48.73 -8.04
N LYS B 446 -10.27 -48.63 -8.83
CA LYS B 446 -10.18 -48.82 -10.28
C LYS B 446 -9.31 -47.75 -10.94
N VAL B 447 -9.39 -46.51 -10.46
CA VAL B 447 -8.72 -45.42 -11.14
C VAL B 447 -7.27 -45.25 -10.70
N VAL B 448 -6.93 -45.63 -9.47
CA VAL B 448 -5.55 -45.50 -9.00
C VAL B 448 -4.63 -46.58 -9.58
N ALA B 449 -5.18 -47.76 -9.92
CA ALA B 449 -4.43 -48.94 -10.37
C ALA B 449 -3.23 -49.29 -9.49
N GLU C 38 -13.62 -2.46 47.78
CA GLU C 38 -12.47 -1.64 47.41
C GLU C 38 -12.88 -0.50 46.49
N GLY C 39 -13.27 -0.82 45.26
CA GLY C 39 -13.69 0.20 44.32
C GLY C 39 -14.82 -0.33 43.48
N LYS C 40 -15.28 0.52 42.56
CA LYS C 40 -16.39 0.17 41.70
C LYS C 40 -16.06 0.41 40.24
N ILE C 41 -16.74 -0.32 39.37
CA ILE C 41 -16.50 -0.31 37.93
C ILE C 41 -17.29 0.81 37.30
N ILE C 42 -16.64 1.64 36.49
CA ILE C 42 -17.31 2.77 35.86
C ILE C 42 -17.44 2.62 34.34
N ASN C 43 -16.55 1.89 33.68
CA ASN C 43 -16.70 1.62 32.26
C ASN C 43 -16.59 0.13 32.03
N ILE C 44 -17.28 -0.34 31.00
CA ILE C 44 -17.06 -1.67 30.42
C ILE C 44 -17.05 -1.51 28.92
N GLY C 45 -15.93 -1.85 28.30
CA GLY C 45 -15.81 -1.72 26.86
C GLY C 45 -16.09 -3.01 26.13
N GLY C 46 -15.52 -4.11 26.61
CA GLY C 46 -15.68 -5.38 25.93
C GLY C 46 -14.42 -6.21 25.96
N THR C 47 -13.27 -5.56 26.09
CA THR C 47 -12.01 -6.25 26.33
C THR C 47 -11.45 -5.90 27.70
N ILE C 48 -11.30 -4.62 28.00
CA ILE C 48 -10.87 -4.18 29.31
C ILE C 48 -11.96 -3.36 29.94
N ILE C 49 -11.92 -3.27 31.26
CA ILE C 49 -12.81 -2.43 32.02
C ILE C 49 -11.97 -1.39 32.73
N LYS C 50 -12.60 -0.39 33.31
CA LYS C 50 -11.85 0.54 34.14
C LYS C 50 -12.68 0.90 35.36
N ALA C 51 -11.99 1.21 36.44
CA ALA C 51 -12.63 1.25 37.75
C ALA C 51 -12.04 2.35 38.61
N ARG C 52 -12.76 2.68 39.67
CA ARG C 52 -12.38 3.72 40.63
C ARG C 52 -11.70 3.01 41.81
N LEU C 53 -10.45 2.62 41.60
CA LEU C 53 -9.68 2.01 42.67
C LEU C 53 -8.62 2.98 43.17
N PRO C 54 -8.73 3.48 44.40
CA PRO C 54 -7.67 4.34 44.94
C PRO C 54 -6.48 3.53 45.43
N LYS C 55 -5.32 3.79 44.80
CA LYS C 55 -4.00 3.27 45.19
C LYS C 55 -3.96 1.74 45.18
N ALA C 56 -4.13 1.22 43.97
CA ALA C 56 -3.98 -0.20 43.68
C ALA C 56 -2.58 -0.44 43.12
N ARG C 57 -1.99 -1.57 43.52
CA ARG C 57 -0.73 -1.98 42.95
C ARG C 57 -0.96 -2.47 41.54
N ILE C 58 -0.09 -2.08 40.62
CA ILE C 58 -0.23 -2.53 39.24
C ILE C 58 0.20 -3.98 39.14
N GLY C 59 -0.66 -4.80 38.53
CA GLY C 59 -0.48 -6.22 38.49
C GLY C 59 -1.28 -6.99 39.51
N ALA C 60 -1.71 -6.35 40.59
CA ALA C 60 -2.51 -7.01 41.61
C ALA C 60 -3.90 -7.33 41.08
N PHE C 61 -4.40 -8.51 41.42
CA PHE C 61 -5.67 -8.94 40.88
C PHE C 61 -6.78 -8.73 41.90
N TYR C 62 -7.89 -8.22 41.40
CA TYR C 62 -9.09 -7.93 42.16
C TYR C 62 -10.19 -8.88 41.75
N LYS C 63 -11.26 -8.87 42.52
CA LYS C 63 -12.39 -9.75 42.34
C LYS C 63 -13.66 -8.93 42.16
N ILE C 64 -14.47 -9.27 41.16
CA ILE C 64 -15.78 -8.67 41.09
C ILE C 64 -16.64 -9.29 42.18
N GLU C 65 -17.21 -8.46 43.05
CA GLU C 65 -17.69 -8.96 44.34
C GLU C 65 -18.93 -9.85 44.27
N PRO C 66 -20.06 -9.50 43.58
CA PRO C 66 -21.20 -10.42 43.63
C PRO C 66 -21.05 -11.65 42.73
N SER C 67 -20.40 -11.50 41.57
CA SER C 67 -20.62 -12.40 40.45
C SER C 67 -19.51 -13.43 40.25
N GLN C 68 -18.49 -13.48 41.11
CA GLN C 68 -17.44 -14.50 41.13
C GLN C 68 -16.65 -14.51 39.81
N ARG C 69 -16.00 -13.38 39.56
CA ARG C 69 -15.03 -13.26 38.47
C ARG C 69 -13.85 -12.43 38.93
N LEU C 70 -12.74 -12.48 38.19
CA LEU C 70 -11.52 -11.80 38.58
C LEU C 70 -11.12 -10.79 37.50
N ALA C 71 -10.15 -9.94 37.84
CA ALA C 71 -9.51 -9.05 36.90
C ALA C 71 -8.15 -8.71 37.48
N GLU C 72 -7.25 -8.16 36.66
CA GLU C 72 -6.00 -7.67 37.21
C GLU C 72 -5.66 -6.31 36.63
N VAL C 73 -4.90 -5.53 37.39
CA VAL C 73 -4.61 -4.14 37.03
C VAL C 73 -3.54 -4.11 35.95
N ILE C 74 -3.77 -3.37 34.88
CA ILE C 74 -2.77 -3.21 33.84
C ILE C 74 -2.30 -1.78 33.66
N ALA C 75 -3.01 -0.78 34.18
CA ALA C 75 -2.63 0.62 34.06
C ALA C 75 -3.36 1.42 35.13
N ILE C 76 -2.79 2.57 35.48
CA ILE C 76 -3.32 3.44 36.52
C ILE C 76 -3.36 4.85 35.96
N ASP C 77 -4.42 5.60 36.24
CA ASP C 77 -4.58 6.98 35.78
C ASP C 77 -5.06 7.87 36.92
N GLU C 78 -4.34 7.78 38.05
CA GLU C 78 -4.34 8.65 39.23
C GLU C 78 -5.55 8.46 40.14
N ASP C 79 -6.66 7.96 39.61
CA ASP C 79 -7.69 7.36 40.45
C ASP C 79 -8.43 6.25 39.71
N GLU C 80 -8.10 6.00 38.45
CA GLU C 80 -8.90 5.15 37.57
C GLU C 80 -7.97 4.09 36.99
N VAL C 81 -8.19 2.85 37.34
CA VAL C 81 -7.31 1.78 36.90
C VAL C 81 -7.97 1.06 35.74
N PHE C 82 -7.13 0.56 34.83
CA PHE C 82 -7.59 -0.30 33.75
C PHE C 82 -7.38 -1.74 34.17
N LEU C 83 -8.42 -2.55 34.02
CA LEU C 83 -8.43 -3.91 34.49
C LEU C 83 -8.72 -4.82 33.32
N LEU C 84 -8.12 -6.01 33.35
CA LEU C 84 -8.32 -7.02 32.32
C LEU C 84 -9.00 -8.22 32.96
N PRO C 85 -10.27 -8.48 32.68
CA PRO C 85 -10.98 -9.53 33.41
C PRO C 85 -10.56 -10.92 32.97
N PHE C 86 -10.61 -11.87 33.93
CA PHE C 86 -10.19 -13.22 33.60
C PHE C 86 -11.23 -13.97 32.79
N GLU C 87 -12.51 -13.66 32.97
CA GLU C 87 -13.59 -14.43 32.36
C GLU C 87 -14.37 -13.48 31.44
N HIS C 88 -15.47 -13.93 30.85
CA HIS C 88 -16.19 -13.14 29.87
C HIS C 88 -16.93 -11.99 30.54
N VAL C 89 -17.16 -10.94 29.75
CA VAL C 89 -17.42 -9.60 30.27
C VAL C 89 -18.91 -9.30 30.38
N SER C 90 -19.77 -10.18 29.89
CA SER C 90 -21.21 -9.93 29.88
C SER C 90 -21.80 -10.06 31.27
N GLY C 91 -22.72 -9.17 31.62
CA GLY C 91 -23.42 -9.18 32.89
C GLY C 91 -23.05 -8.04 33.81
N MET C 92 -21.98 -7.31 33.52
CA MET C 92 -21.48 -6.27 34.40
C MET C 92 -22.36 -5.03 34.32
N TYR C 93 -22.28 -4.21 35.36
CA TYR C 93 -23.03 -2.96 35.39
C TYR C 93 -22.16 -1.93 36.12
N CYS C 94 -22.52 -0.66 35.94
CA CYS C 94 -21.77 0.42 36.55
C CYS C 94 -21.94 0.40 38.07
N GLY C 95 -20.86 0.73 38.77
CA GLY C 95 -20.91 0.73 40.21
C GLY C 95 -20.86 -0.65 40.85
N GLN C 96 -20.44 -1.65 40.09
CA GLN C 96 -20.31 -3.01 40.61
C GLN C 96 -19.00 -3.10 41.37
N TRP C 97 -19.05 -3.68 42.57
CA TRP C 97 -17.95 -3.53 43.51
C TRP C 97 -16.79 -4.46 43.17
N LEU C 98 -15.63 -4.16 43.77
CA LEU C 98 -14.40 -4.94 43.58
C LEU C 98 -13.80 -5.22 44.96
N SER C 99 -13.56 -6.48 45.25
CA SER C 99 -12.84 -6.90 46.44
C SER C 99 -11.37 -7.13 46.11
N TYR C 100 -10.53 -7.06 47.13
CA TYR C 100 -9.10 -7.24 46.97
C TYR C 100 -8.67 -8.62 47.41
N GLN C 101 -7.75 -9.23 46.65
CA GLN C 101 -7.07 -10.47 47.05
C GLN C 101 -5.75 -10.62 46.28
N GLY C 102 -4.64 -10.52 47.01
CA GLY C 102 -3.34 -10.79 46.42
C GLY C 102 -2.70 -9.64 45.67
N ASP C 103 -1.37 -9.63 45.65
CA ASP C 103 -0.58 -8.62 44.96
C ASP C 103 -0.17 -9.03 43.56
N GLU C 104 -0.31 -10.31 43.21
CA GLU C 104 0.00 -10.83 41.89
C GLU C 104 -0.62 -12.21 41.78
N PHE C 105 -0.96 -12.63 40.56
CA PHE C 105 -1.56 -13.94 40.35
C PHE C 105 -0.46 -14.97 40.20
N LYS C 106 -0.14 -15.68 41.28
CA LYS C 106 0.86 -16.73 41.25
C LYS C 106 0.18 -18.08 41.10
N ILE C 107 0.75 -18.94 40.26
CA ILE C 107 0.20 -20.27 40.06
C ILE C 107 0.82 -21.20 41.08
N ARG C 108 0.19 -22.35 41.22
CA ARG C 108 0.49 -23.33 42.27
C ARG C 108 1.10 -24.55 41.60
N VAL C 109 2.41 -24.73 41.79
CA VAL C 109 3.18 -25.72 41.04
C VAL C 109 3.82 -26.69 42.03
N GLY C 110 4.08 -27.89 41.54
CA GLY C 110 4.72 -28.92 42.33
C GLY C 110 5.11 -30.07 41.42
N ASP C 111 5.66 -31.12 42.04
CA ASP C 111 6.17 -32.25 41.28
C ASP C 111 5.06 -33.16 40.78
N ALA C 112 3.83 -32.99 41.26
CA ALA C 112 2.72 -33.88 40.93
C ALA C 112 1.93 -33.42 39.72
N LEU C 113 2.55 -32.67 38.81
CA LEU C 113 1.90 -32.28 37.57
C LEU C 113 2.18 -33.23 36.42
N LEU C 114 3.09 -34.17 36.59
CA LEU C 114 3.48 -35.08 35.53
C LEU C 114 2.35 -36.06 35.25
N GLY C 115 1.81 -36.00 34.04
CA GLY C 115 0.74 -36.88 33.63
C GLY C 115 -0.65 -36.34 33.79
N ARG C 116 -0.82 -35.02 33.85
CA ARG C 116 -2.14 -34.44 34.01
C ARG C 116 -2.21 -33.12 33.25
N LEU C 117 -3.43 -32.70 32.94
CA LEU C 117 -3.70 -31.58 32.06
C LEU C 117 -4.04 -30.34 32.87
N ILE C 118 -3.49 -29.21 32.46
CA ILE C 118 -3.57 -27.96 33.22
C ILE C 118 -4.20 -26.89 32.33
N ASP C 119 -5.12 -26.12 32.91
CA ASP C 119 -5.70 -24.93 32.32
C ASP C 119 -4.62 -23.87 32.09
N GLY C 120 -4.96 -22.84 31.32
CA GLY C 120 -3.99 -21.80 31.00
C GLY C 120 -3.54 -20.96 32.16
N ILE C 121 -4.36 -20.80 33.19
CA ILE C 121 -3.95 -19.99 34.33
C ILE C 121 -3.65 -20.88 35.53
N GLY C 122 -3.67 -22.20 35.33
CA GLY C 122 -3.13 -23.11 36.30
C GLY C 122 -4.13 -23.99 37.02
N ARG C 123 -5.36 -24.05 36.58
CA ARG C 123 -6.27 -25.00 37.19
C ARG C 123 -6.06 -26.39 36.59
N PRO C 124 -6.34 -27.46 37.33
CA PRO C 124 -6.45 -28.77 36.69
C PRO C 124 -7.75 -28.88 35.92
N MET C 125 -7.63 -29.29 34.66
CA MET C 125 -8.80 -29.39 33.80
C MET C 125 -9.62 -30.65 34.03
N GLU C 126 -8.97 -31.81 34.09
CA GLU C 126 -9.67 -33.07 34.23
C GLU C 126 -10.25 -33.18 35.64
N SER C 127 -11.55 -32.88 35.76
CA SER C 127 -12.21 -32.79 37.05
C SER C 127 -12.78 -34.13 37.50
N ASN C 128 -12.56 -35.20 36.75
CA ASN C 128 -13.08 -36.50 37.15
C ASN C 128 -12.15 -37.19 38.16
N ILE C 129 -11.02 -36.57 38.50
CA ILE C 129 -10.07 -37.17 39.42
C ILE C 129 -9.84 -36.24 40.61
N VAL C 130 -9.10 -36.73 41.60
CA VAL C 130 -8.79 -35.92 42.77
C VAL C 130 -7.74 -34.86 42.41
N ALA C 131 -7.84 -33.71 43.05
CA ALA C 131 -6.91 -32.62 42.79
C ALA C 131 -5.52 -32.99 43.30
N PRO C 132 -4.47 -32.69 42.55
CA PRO C 132 -3.11 -33.01 43.01
C PRO C 132 -2.66 -32.04 44.08
N TYR C 133 -1.70 -32.49 44.88
CA TYR C 133 -1.09 -31.70 45.93
C TYR C 133 0.14 -31.01 45.35
N LEU C 134 0.11 -29.68 45.31
CA LEU C 134 1.23 -28.92 44.82
C LEU C 134 1.74 -28.06 45.96
N PRO C 135 3.01 -28.17 46.33
CA PRO C 135 3.49 -27.46 47.51
C PRO C 135 3.91 -26.02 47.27
N PHE C 136 4.19 -25.63 46.03
CA PHE C 136 4.94 -24.41 45.78
C PHE C 136 4.09 -23.37 45.06
N GLU C 137 4.45 -22.10 45.28
CA GLU C 137 3.90 -20.96 44.58
C GLU C 137 4.94 -20.40 43.65
N ARG C 138 4.56 -20.07 42.41
CA ARG C 138 5.47 -19.42 41.49
C ARG C 138 4.74 -18.34 40.72
N SER C 139 5.36 -17.18 40.61
CA SER C 139 4.80 -16.14 39.76
C SER C 139 5.20 -16.38 38.32
N LEU C 140 4.38 -15.91 37.41
CA LEU C 140 4.54 -16.21 35.99
C LEU C 140 5.66 -15.43 35.32
N TYR C 141 6.13 -14.34 35.93
CA TYR C 141 7.10 -13.45 35.30
C TYR C 141 8.39 -13.50 36.11
N ALA C 142 9.34 -14.30 35.65
CA ALA C 142 10.65 -14.41 36.27
C ALA C 142 11.73 -13.98 35.28
N GLU C 143 12.95 -14.03 35.73
CA GLU C 143 14.11 -13.55 34.99
C GLU C 143 14.76 -14.68 34.21
N PRO C 144 15.40 -14.38 33.09
CA PRO C 144 16.21 -15.38 32.40
C PRO C 144 17.47 -15.69 33.16
N PRO C 145 18.16 -16.79 32.86
CA PRO C 145 19.46 -17.04 33.49
C PRO C 145 20.49 -16.00 33.07
N ASP C 146 21.53 -15.87 33.89
CA ASP C 146 22.56 -14.87 33.66
C ASP C 146 23.35 -15.21 32.41
N PRO C 147 23.62 -14.23 31.53
CA PRO C 147 24.24 -14.52 30.24
C PRO C 147 25.63 -15.12 30.31
N LEU C 148 26.37 -14.91 31.39
CA LEU C 148 27.69 -15.49 31.51
C LEU C 148 27.64 -16.93 31.98
N LEU C 149 26.44 -17.46 32.24
CA LEU C 149 26.24 -18.79 32.76
C LEU C 149 25.41 -19.63 31.80
N ARG C 150 25.69 -19.53 30.50
CA ARG C 150 24.89 -20.23 29.51
C ARG C 150 25.63 -21.37 28.82
N GLN C 151 26.96 -21.29 28.67
CA GLN C 151 27.82 -22.40 28.24
C GLN C 151 27.44 -22.98 26.89
N VAL C 152 27.79 -22.28 25.80
CA VAL C 152 27.39 -22.47 24.40
C VAL C 152 27.23 -23.92 23.97
N ILE C 153 26.09 -24.22 23.35
CA ILE C 153 25.60 -25.60 23.27
C ILE C 153 26.37 -26.37 22.21
N ASP C 154 26.74 -27.62 22.55
CA ASP C 154 27.53 -28.45 21.64
C ASP C 154 27.16 -29.92 21.69
N GLN C 155 25.91 -30.25 22.04
CA GLN C 155 25.44 -31.62 22.03
C GLN C 155 24.20 -31.71 21.16
N PRO C 156 24.02 -32.78 20.41
CA PRO C 156 22.84 -32.87 19.54
C PRO C 156 21.58 -33.21 20.29
N PHE C 157 20.44 -32.93 19.66
CA PHE C 157 19.13 -33.28 20.17
C PHE C 157 18.40 -33.99 19.04
N ILE C 158 18.20 -35.29 19.16
CA ILE C 158 17.66 -36.10 18.08
C ILE C 158 16.14 -36.00 18.09
N LEU C 159 15.57 -35.53 16.98
CA LEU C 159 14.13 -35.34 16.87
C LEU C 159 13.40 -36.48 16.19
N GLY C 160 14.07 -37.29 15.39
CA GLY C 160 13.46 -38.40 14.71
C GLY C 160 13.08 -38.12 13.27
N VAL C 161 12.93 -36.86 12.90
CA VAL C 161 12.70 -36.48 11.50
C VAL C 161 14.04 -36.34 10.82
N ARG C 162 14.19 -36.95 9.64
CA ARG C 162 15.50 -36.98 8.99
C ARG C 162 15.90 -35.62 8.44
N ALA C 163 14.94 -34.73 8.21
CA ALA C 163 15.30 -33.42 7.67
C ALA C 163 15.75 -32.45 8.75
N ILE C 164 15.35 -32.66 10.02
CA ILE C 164 15.88 -31.84 11.10
C ILE C 164 16.81 -32.74 11.92
N ASP C 165 17.42 -33.71 11.27
CA ASP C 165 18.55 -34.43 11.86
C ASP C 165 19.74 -34.44 10.92
N GLY C 166 19.52 -34.55 9.62
CA GLY C 166 20.62 -34.67 8.69
C GLY C 166 21.05 -33.34 8.13
N LEU C 167 20.10 -32.55 7.67
CA LEU C 167 20.40 -31.29 7.01
C LEU C 167 20.39 -30.11 7.98
N LEU C 168 19.44 -30.07 8.90
CA LEU C 168 19.45 -29.17 10.04
C LEU C 168 19.68 -30.03 11.27
N THR C 169 20.25 -29.46 12.32
CA THR C 169 20.51 -30.26 13.50
C THR C 169 20.27 -29.38 14.72
N CYS C 170 19.71 -29.98 15.77
CA CYS C 170 19.27 -29.24 16.93
C CYS C 170 20.23 -29.46 18.10
N GLY C 171 20.18 -28.56 19.06
CA GLY C 171 21.04 -28.68 20.21
C GLY C 171 20.28 -28.75 21.51
N ILE C 172 20.91 -29.33 22.51
CA ILE C 172 20.29 -29.44 23.83
C ILE C 172 20.37 -28.07 24.47
N GLY C 173 19.28 -27.32 24.40
CA GLY C 173 19.25 -25.93 24.78
C GLY C 173 18.83 -24.99 23.67
N GLN C 174 18.79 -25.45 22.42
CA GLN C 174 18.38 -24.59 21.32
C GLN C 174 16.88 -24.41 21.36
N ARG C 175 16.42 -23.19 21.19
CA ARG C 175 15.02 -22.92 20.95
C ARG C 175 14.79 -22.71 19.45
N ILE C 176 13.83 -23.44 18.90
CA ILE C 176 13.62 -23.66 17.49
C ILE C 176 12.26 -23.08 17.15
N GLY C 177 12.06 -22.67 15.91
CA GLY C 177 10.75 -22.22 15.47
C GLY C 177 10.33 -23.01 14.25
N ILE C 178 9.02 -23.19 14.12
CA ILE C 178 8.42 -23.87 12.99
C ILE C 178 7.47 -22.88 12.33
N PHE C 179 7.87 -22.33 11.20
CA PHE C 179 7.20 -21.20 10.57
C PHE C 179 6.37 -21.68 9.39
N ALA C 180 5.05 -21.53 9.47
CA ALA C 180 4.26 -21.90 8.31
C ALA C 180 2.99 -21.07 8.26
N GLY C 181 2.26 -21.24 7.17
CA GLY C 181 0.90 -20.74 7.07
C GLY C 181 -0.06 -21.72 7.68
N SER C 182 -1.35 -21.42 7.57
CA SER C 182 -2.33 -22.21 8.28
C SER C 182 -2.66 -23.44 7.46
N GLY C 183 -2.67 -24.59 8.11
CA GLY C 183 -2.96 -25.82 7.42
C GLY C 183 -1.76 -26.46 6.77
N VAL C 184 -0.57 -25.91 6.94
CA VAL C 184 0.59 -26.42 6.22
C VAL C 184 1.24 -27.60 6.94
N GLY C 185 1.08 -27.73 8.25
CA GLY C 185 1.60 -28.94 8.85
C GLY C 185 2.35 -28.74 10.14
N LYS C 186 2.25 -27.55 10.73
CA LYS C 186 2.91 -27.28 12.00
C LYS C 186 2.53 -28.31 13.07
N SER C 187 1.23 -28.58 13.24
CA SER C 187 0.83 -29.52 14.28
C SER C 187 1.15 -30.95 13.92
N THR C 188 1.18 -31.31 12.63
CA THR C 188 1.62 -32.67 12.33
C THR C 188 3.06 -32.88 12.75
N LEU C 189 3.92 -31.86 12.56
CA LEU C 189 5.35 -32.03 12.78
C LEU C 189 5.70 -32.06 14.26
N LEU C 190 5.00 -31.28 15.09
CA LEU C 190 5.13 -31.47 16.53
C LEU C 190 4.65 -32.85 16.98
N GLY C 191 3.62 -33.38 16.34
CA GLY C 191 3.22 -34.75 16.62
C GLY C 191 4.24 -35.78 16.19
N MET C 192 5.01 -35.48 15.14
CA MET C 192 6.08 -36.37 14.72
C MET C 192 7.25 -36.32 15.68
N ILE C 193 7.52 -35.16 16.26
CA ILE C 193 8.69 -35.01 17.12
C ILE C 193 8.33 -35.11 18.60
N CYS C 194 7.07 -35.41 18.92
CA CYS C 194 6.77 -35.85 20.28
C CYS C 194 7.16 -37.29 20.52
N ASN C 195 6.78 -38.20 19.62
CA ASN C 195 7.05 -39.62 19.80
C ASN C 195 8.40 -40.04 19.23
N GLY C 196 9.30 -39.08 18.97
CA GLY C 196 10.62 -39.41 18.51
C GLY C 196 11.73 -38.82 19.37
N ALA C 197 11.42 -37.75 20.08
CA ALA C 197 12.40 -37.04 20.89
C ALA C 197 12.41 -37.62 22.30
N SER C 198 13.52 -37.42 23.02
CA SER C 198 13.70 -38.02 24.32
C SER C 198 14.23 -36.97 25.29
N ALA C 199 13.37 -36.51 26.19
CA ALA C 199 13.75 -35.64 27.28
C ALA C 199 13.28 -36.24 28.60
N ASP C 200 13.54 -35.53 29.68
CA ASP C 200 13.09 -36.02 30.98
C ASP C 200 11.64 -35.64 31.25
N ILE C 201 11.27 -34.40 30.92
CA ILE C 201 9.90 -33.92 31.09
C ILE C 201 9.47 -33.20 29.83
N ILE C 202 8.35 -33.62 29.24
CA ILE C 202 7.81 -32.97 28.06
C ILE C 202 6.71 -32.03 28.53
N VAL C 203 6.86 -30.74 28.27
CA VAL C 203 5.87 -29.74 28.65
C VAL C 203 5.27 -29.18 27.37
N LEU C 204 4.05 -29.59 27.07
CA LEU C 204 3.39 -29.27 25.81
C LEU C 204 2.27 -28.27 26.04
N ALA C 205 2.44 -27.06 25.53
CA ALA C 205 1.42 -26.03 25.58
C ALA C 205 0.63 -26.01 24.29
N LEU C 206 -0.68 -25.85 24.40
CA LEU C 206 -1.54 -25.87 23.23
C LEU C 206 -2.35 -24.58 23.16
N ILE C 207 -1.69 -23.44 23.33
CA ILE C 207 -2.41 -22.19 23.55
C ILE C 207 -3.03 -21.70 22.25
N GLY C 208 -4.25 -21.20 22.35
CA GLY C 208 -5.01 -20.70 21.21
C GLY C 208 -5.47 -21.72 20.19
N GLU C 209 -5.45 -23.02 20.49
CA GLU C 209 -5.72 -23.97 19.43
C GLU C 209 -7.05 -24.72 19.62
N ARG C 210 -7.29 -25.70 18.75
CA ARG C 210 -8.58 -26.39 18.72
C ARG C 210 -8.79 -27.24 19.96
N GLY C 211 -10.04 -27.25 20.44
CA GLY C 211 -10.38 -28.17 21.52
C GLY C 211 -10.34 -29.62 21.08
N ARG C 212 -10.56 -29.88 19.80
CA ARG C 212 -10.46 -31.25 19.31
C ARG C 212 -9.03 -31.78 19.33
N GLU C 213 -8.05 -30.88 19.32
CA GLU C 213 -6.61 -31.25 19.32
C GLU C 213 -6.21 -31.96 20.62
N VAL C 214 -6.78 -31.55 21.75
CA VAL C 214 -6.35 -32.07 23.06
C VAL C 214 -6.31 -33.60 23.07
N ASN C 215 -7.29 -34.24 22.45
CA ASN C 215 -7.30 -35.69 22.45
C ASN C 215 -6.37 -36.28 21.40
N GLU C 216 -6.17 -35.59 20.27
CA GLU C 216 -5.36 -36.18 19.21
C GLU C 216 -3.88 -36.18 19.59
N PHE C 217 -3.42 -35.11 20.23
CA PHE C 217 -2.11 -35.16 20.87
C PHE C 217 -2.01 -36.19 21.98
N LEU C 218 -3.10 -36.62 22.59
CA LEU C 218 -3.04 -37.70 23.55
C LEU C 218 -3.16 -39.06 22.88
N ALA C 219 -3.32 -39.11 21.57
CA ALA C 219 -3.33 -40.37 20.84
C ALA C 219 -1.98 -40.68 20.23
N LEU C 220 -1.07 -39.72 20.22
CA LEU C 220 0.28 -39.90 19.74
C LEU C 220 1.26 -40.22 20.84
N LEU C 221 0.99 -39.78 22.07
CA LEU C 221 1.90 -39.97 23.19
C LEU C 221 1.71 -41.37 23.74
N PRO C 222 2.76 -42.18 23.86
CA PRO C 222 2.64 -43.47 24.54
C PRO C 222 2.50 -43.29 26.04
N GLN C 223 2.28 -44.42 26.72
CA GLN C 223 2.08 -44.37 28.17
C GLN C 223 3.38 -44.12 28.92
N SER C 224 4.52 -44.51 28.34
CA SER C 224 5.81 -44.18 28.94
C SER C 224 6.20 -42.73 28.74
N THR C 225 5.56 -42.01 27.81
CA THR C 225 5.79 -40.60 27.58
C THR C 225 4.74 -39.71 28.23
N LEU C 226 3.49 -40.15 28.26
CA LEU C 226 2.46 -39.38 28.95
C LEU C 226 2.60 -39.46 30.46
N SER C 227 3.34 -40.44 30.98
CA SER C 227 3.62 -40.48 32.40
C SER C 227 4.65 -39.46 32.84
N LYS C 228 5.29 -38.75 31.91
CA LYS C 228 6.21 -37.68 32.21
C LYS C 228 5.87 -36.39 31.48
N CYS C 229 4.65 -36.24 30.98
CA CYS C 229 4.25 -35.10 30.18
C CYS C 229 3.31 -34.21 30.99
N VAL C 230 3.50 -32.90 30.89
CA VAL C 230 2.61 -31.90 31.45
C VAL C 230 2.03 -31.09 30.29
N LEU C 231 0.70 -31.03 30.19
CA LEU C 231 0.04 -30.51 29.00
C LEU C 231 -0.79 -29.30 29.39
N VAL C 232 -0.31 -28.12 29.06
CA VAL C 232 -0.98 -26.87 29.41
C VAL C 232 -1.81 -26.39 28.23
N VAL C 233 -3.12 -26.52 28.33
CA VAL C 233 -3.97 -26.21 27.19
C VAL C 233 -5.03 -25.17 27.48
N THR C 234 -4.98 -24.07 26.73
CA THR C 234 -6.09 -23.13 26.63
C THR C 234 -6.49 -23.05 25.17
N THR C 235 -7.77 -22.89 24.92
CA THR C 235 -8.27 -22.96 23.56
C THR C 235 -8.61 -21.57 23.06
N SER C 236 -9.08 -21.49 21.81
CA SER C 236 -9.32 -20.21 21.17
C SER C 236 -10.65 -19.59 21.57
N ASP C 237 -11.35 -20.17 22.55
CA ASP C 237 -12.60 -19.62 23.03
C ASP C 237 -12.38 -18.72 24.22
N ARG C 238 -11.29 -18.95 24.93
CA ARG C 238 -11.06 -18.39 26.24
C ARG C 238 -10.79 -16.89 26.12
N PRO C 239 -10.96 -16.13 27.22
CA PRO C 239 -10.68 -14.69 27.15
C PRO C 239 -9.22 -14.39 26.88
N ALA C 240 -8.97 -13.13 26.55
CA ALA C 240 -7.66 -12.73 26.02
C ALA C 240 -6.57 -12.85 27.07
N LEU C 241 -6.91 -12.71 28.35
CA LEU C 241 -5.93 -12.89 29.40
C LEU C 241 -5.47 -14.34 29.50
N GLU C 242 -6.42 -15.27 29.43
CA GLU C 242 -6.10 -16.67 29.66
C GLU C 242 -5.37 -17.28 28.47
N ARG C 243 -5.46 -16.67 27.30
CA ARG C 243 -4.57 -16.99 26.19
C ARG C 243 -3.27 -16.22 26.22
N MET C 244 -3.25 -15.06 26.89
CA MET C 244 -2.00 -14.35 27.09
C MET C 244 -1.13 -15.04 28.13
N LYS C 245 -1.68 -15.31 29.31
CA LYS C 245 -0.93 -15.79 30.47
C LYS C 245 -0.86 -17.30 30.54
N ALA C 246 -0.92 -17.99 29.41
CA ALA C 246 -0.76 -19.44 29.40
C ALA C 246 0.60 -19.89 28.88
N ALA C 247 1.20 -19.13 27.96
CA ALA C 247 2.57 -19.39 27.59
C ALA C 247 3.51 -19.16 28.76
N PHE C 248 3.20 -18.18 29.61
CA PHE C 248 3.98 -17.95 30.81
C PHE C 248 3.76 -19.06 31.83
N THR C 249 2.58 -19.67 31.85
CA THR C 249 2.34 -20.83 32.72
C THR C 249 3.16 -22.02 32.26
N ALA C 250 3.20 -22.27 30.95
CA ALA C 250 3.99 -23.37 30.42
C ALA C 250 5.48 -23.15 30.66
N THR C 251 5.94 -21.90 30.53
CA THR C 251 7.34 -21.61 30.79
C THR C 251 7.68 -21.71 32.26
N THR C 252 6.74 -21.37 33.15
CA THR C 252 7.01 -21.47 34.59
C THR C 252 7.06 -22.93 35.04
N ILE C 253 6.19 -23.77 34.49
CA ILE C 253 6.26 -25.21 34.77
C ILE C 253 7.54 -25.81 34.21
N ALA C 254 7.95 -25.39 33.01
CA ALA C 254 9.19 -25.88 32.44
C ALA C 254 10.41 -25.40 33.21
N GLU C 255 10.37 -24.21 33.80
CA GLU C 255 11.46 -23.75 34.64
C GLU C 255 11.51 -24.47 35.98
N TYR C 256 10.36 -24.80 36.56
CA TYR C 256 10.37 -25.61 37.78
C TYR C 256 10.95 -27.00 37.52
N PHE C 257 10.65 -27.57 36.35
CA PHE C 257 11.22 -28.87 36.04
C PHE C 257 12.65 -28.79 35.54
N ARG C 258 13.10 -27.62 35.09
CA ARG C 258 14.51 -27.41 34.81
C ARG C 258 15.34 -27.30 36.08
N ASP C 259 14.86 -26.52 37.05
CA ASP C 259 15.67 -26.22 38.24
C ASP C 259 15.87 -27.41 39.15
N GLN C 260 15.17 -28.52 38.93
CA GLN C 260 15.43 -29.74 39.69
C GLN C 260 16.67 -30.46 39.20
N GLY C 261 17.18 -30.12 38.01
CA GLY C 261 18.31 -30.79 37.43
C GLY C 261 17.98 -31.66 36.25
N LYS C 262 16.88 -31.38 35.55
CA LYS C 262 16.39 -32.23 34.48
C LYS C 262 16.58 -31.56 33.13
N ASN C 263 16.30 -32.30 32.06
CA ASN C 263 16.23 -31.73 30.72
C ASN C 263 14.77 -31.64 30.34
N VAL C 264 14.31 -30.44 30.00
CA VAL C 264 12.91 -30.23 29.66
C VAL C 264 12.84 -30.00 28.15
N LEU C 265 11.81 -30.55 27.52
CA LEU C 265 11.49 -30.27 26.12
C LEU C 265 10.19 -29.47 26.11
N LEU C 266 10.30 -28.16 26.06
CA LEU C 266 9.14 -27.30 25.95
C LEU C 266 8.74 -27.21 24.49
N MET C 267 7.44 -27.25 24.23
CA MET C 267 6.97 -26.99 22.88
C MET C 267 5.60 -26.32 22.92
N MET C 268 5.53 -25.15 22.31
CA MET C 268 4.31 -24.37 22.25
C MET C 268 3.71 -24.44 20.87
N ASP C 269 2.39 -24.49 20.82
CA ASP C 269 1.66 -24.59 19.58
C ASP C 269 1.00 -23.23 19.33
N SER C 270 1.45 -22.54 18.29
CA SER C 270 1.03 -21.21 17.87
C SER C 270 1.25 -20.14 18.93
N VAL C 271 2.52 -19.76 19.13
CA VAL C 271 2.87 -18.59 19.94
C VAL C 271 2.33 -17.28 19.35
N THR C 272 1.98 -17.24 18.07
CA THR C 272 1.31 -16.08 17.53
C THR C 272 -0.10 -15.88 18.09
N ARG C 273 -0.71 -16.89 18.71
CA ARG C 273 -1.97 -16.67 19.41
C ARG C 273 -1.75 -15.86 20.68
N TYR C 274 -0.65 -16.11 21.38
CA TYR C 274 -0.21 -15.22 22.44
C TYR C 274 0.02 -13.80 21.92
N ALA C 275 0.67 -13.69 20.76
CA ALA C 275 0.96 -12.37 20.21
C ALA C 275 -0.32 -11.61 19.84
N ARG C 276 -1.35 -12.32 19.38
CA ARG C 276 -2.59 -11.64 19.05
C ARG C 276 -3.44 -11.31 20.27
N ALA C 277 -3.39 -12.12 21.33
CA ALA C 277 -4.04 -11.73 22.59
C ALA C 277 -3.36 -10.50 23.20
N ALA C 278 -2.03 -10.47 23.17
CA ALA C 278 -1.33 -9.29 23.65
C ALA C 278 -1.58 -8.08 22.76
N ARG C 279 -1.80 -8.32 21.46
CA ARG C 279 -2.15 -7.23 20.55
C ARG C 279 -3.47 -6.58 20.93
N ASP C 280 -4.55 -7.36 21.02
CA ASP C 280 -5.83 -6.69 21.18
C ASP C 280 -6.03 -6.19 22.61
N VAL C 281 -5.31 -6.77 23.57
CA VAL C 281 -5.30 -6.17 24.91
C VAL C 281 -4.53 -4.85 24.91
N GLY C 282 -3.36 -4.79 24.27
CA GLY C 282 -2.60 -3.56 24.23
C GLY C 282 -3.26 -2.47 23.42
N LEU C 283 -4.00 -2.83 22.38
CA LEU C 283 -4.72 -1.83 21.62
C LEU C 283 -6.00 -1.37 22.31
N ALA C 284 -6.62 -2.24 23.11
CA ALA C 284 -7.72 -1.79 23.95
C ALA C 284 -7.21 -0.87 25.05
N SER C 285 -5.99 -1.07 25.50
CA SER C 285 -5.40 -0.26 26.57
C SER C 285 -4.85 1.08 26.09
N GLY C 286 -5.12 1.49 24.85
CA GLY C 286 -4.73 2.81 24.39
C GLY C 286 -3.25 2.96 24.07
N GLU C 287 -2.78 2.27 23.03
CA GLU C 287 -1.38 2.24 22.69
C GLU C 287 -1.21 2.28 21.18
N PRO C 288 -0.20 3.02 20.67
CA PRO C 288 -0.05 3.16 19.21
C PRO C 288 0.28 1.89 18.46
N ASP C 289 0.25 1.98 17.13
CA ASP C 289 0.25 0.84 16.22
C ASP C 289 1.51 0.88 15.39
N VAL C 290 2.59 0.28 15.89
CA VAL C 290 3.89 0.57 15.30
C VAL C 290 4.14 -0.21 14.02
N ARG C 291 3.68 -1.45 13.91
CA ARG C 291 4.09 -2.28 12.77
C ARG C 291 3.07 -3.37 12.52
N GLY C 292 2.31 -3.24 11.45
CA GLY C 292 1.46 -4.33 11.01
C GLY C 292 0.28 -4.62 11.89
N GLY C 293 -0.14 -3.66 12.71
CA GLY C 293 -1.27 -3.83 13.59
C GLY C 293 -0.92 -4.08 15.03
N PHE C 294 0.34 -4.20 15.37
CA PHE C 294 0.74 -4.60 16.69
C PHE C 294 1.26 -3.42 17.50
N PRO C 295 0.94 -3.34 18.79
CA PRO C 295 1.49 -2.30 19.63
C PRO C 295 2.95 -2.59 19.91
N PRO C 296 3.70 -1.63 20.45
CA PRO C 296 5.09 -1.96 20.85
C PRO C 296 5.17 -2.82 22.10
N SER C 297 4.08 -2.97 22.85
CA SER C 297 4.10 -3.82 24.04
C SER C 297 3.95 -5.29 23.73
N VAL C 298 3.87 -5.69 22.45
CA VAL C 298 4.00 -7.09 22.11
C VAL C 298 5.38 -7.36 21.53
N PHE C 299 6.06 -6.32 21.06
CA PHE C 299 7.43 -6.47 20.59
C PHE C 299 8.42 -6.37 21.72
N SER C 300 8.05 -5.72 22.82
CA SER C 300 8.91 -5.66 23.99
C SER C 300 8.62 -6.77 24.99
N SER C 301 7.49 -7.46 24.87
CA SER C 301 7.11 -8.49 25.82
C SER C 301 7.27 -9.89 25.28
N LEU C 302 7.61 -10.05 24.03
CA LEU C 302 7.90 -11.32 23.39
C LEU C 302 9.33 -11.80 23.66
N PRO C 303 10.39 -10.96 23.66
CA PRO C 303 11.69 -11.46 24.13
C PRO C 303 11.72 -11.86 25.59
N LYS C 304 10.95 -11.25 26.46
CA LYS C 304 11.00 -11.69 27.84
C LYS C 304 10.14 -12.92 28.10
N LEU C 305 9.45 -13.43 27.09
CA LEU C 305 8.94 -14.80 27.07
C LEU C 305 9.92 -15.77 26.46
N LEU C 306 10.43 -15.46 25.26
CA LEU C 306 11.18 -16.46 24.51
C LEU C 306 12.60 -16.66 25.05
N GLU C 307 13.15 -15.71 25.81
CA GLU C 307 14.52 -15.87 26.28
C GLU C 307 14.64 -16.68 27.54
N ARG C 308 13.53 -17.11 28.14
CA ARG C 308 13.64 -17.90 29.35
C ARG C 308 13.82 -19.39 29.07
N ALA C 309 13.90 -19.78 27.82
CA ALA C 309 13.94 -21.18 27.44
C ALA C 309 15.24 -21.44 26.71
N GLY C 310 16.25 -21.86 27.44
CA GLY C 310 17.53 -22.17 26.85
C GLY C 310 18.43 -22.84 27.87
N PRO C 311 19.73 -22.81 27.63
CA PRO C 311 20.67 -23.41 28.58
C PRO C 311 20.74 -22.63 29.88
N ALA C 312 21.31 -23.26 30.88
CA ALA C 312 21.14 -22.80 32.26
C ALA C 312 22.29 -23.32 33.12
N PRO C 313 22.53 -22.76 34.31
CA PRO C 313 23.61 -23.32 35.14
C PRO C 313 23.30 -24.70 35.70
N LYS C 314 22.04 -25.08 35.82
CA LYS C 314 21.66 -26.42 36.22
C LYS C 314 20.37 -26.78 35.50
N GLY C 315 20.42 -27.84 34.68
CA GLY C 315 19.30 -28.20 33.84
C GLY C 315 19.34 -27.44 32.54
N SER C 316 18.33 -27.70 31.72
CA SER C 316 18.20 -27.04 30.43
C SER C 316 16.77 -27.18 29.95
N ILE C 317 16.33 -26.24 29.12
CA ILE C 317 15.05 -26.30 28.42
C ILE C 317 15.33 -26.14 26.95
N THR C 318 15.07 -27.19 26.17
CA THR C 318 15.06 -27.07 24.73
C THR C 318 13.61 -26.87 24.27
N ALA C 319 13.37 -25.76 23.58
CA ALA C 319 12.03 -25.31 23.30
C ALA C 319 11.79 -25.27 21.80
N ILE C 320 10.58 -25.60 21.41
CA ILE C 320 10.16 -25.63 20.01
C ILE C 320 8.85 -24.87 19.91
N TYR C 321 8.85 -23.78 19.16
CA TYR C 321 7.72 -22.86 19.09
C TYR C 321 7.13 -22.92 17.70
N THR C 322 5.84 -23.22 17.61
CA THR C 322 5.10 -23.17 16.37
C THR C 322 4.66 -21.74 16.09
N VAL C 323 4.91 -21.25 14.88
CA VAL C 323 4.61 -19.86 14.49
C VAL C 323 3.77 -19.87 13.22
N LEU C 324 2.54 -19.38 13.34
CA LEU C 324 1.64 -19.18 12.22
C LEU C 324 1.81 -17.79 11.63
N LEU C 325 1.94 -17.75 10.31
CA LEU C 325 2.19 -16.53 9.58
C LEU C 325 0.87 -16.00 9.01
N GLU C 326 0.69 -14.68 9.05
CA GLU C 326 -0.57 -14.05 8.67
C GLU C 326 -0.90 -14.18 7.20
N SER C 327 0.03 -14.63 6.37
CA SER C 327 -0.24 -15.12 5.05
C SER C 327 0.77 -16.25 4.85
N ASP C 328 1.08 -16.59 3.61
CA ASP C 328 2.20 -17.47 3.42
C ASP C 328 3.53 -16.74 3.42
N ASN C 329 3.54 -15.43 3.63
CA ASN C 329 4.78 -14.67 3.62
C ASN C 329 5.50 -14.77 4.95
N VAL C 330 6.81 -14.98 4.88
CA VAL C 330 7.59 -15.20 6.08
C VAL C 330 7.91 -13.86 6.75
N ASN C 331 7.71 -12.76 6.04
CA ASN C 331 7.99 -11.41 6.51
C ASN C 331 6.75 -10.76 7.14
N ASP C 332 5.88 -11.60 7.68
CA ASP C 332 4.93 -11.23 8.72
C ASP C 332 5.70 -10.57 9.86
N PRO C 333 5.14 -9.52 10.49
CA PRO C 333 5.84 -8.94 11.66
C PRO C 333 6.10 -9.89 12.81
N ILE C 334 5.17 -10.76 13.16
CA ILE C 334 5.44 -11.74 14.20
C ILE C 334 6.43 -12.80 13.72
N GLY C 335 6.32 -13.21 12.46
CA GLY C 335 7.28 -14.17 11.92
C GLY C 335 8.68 -13.60 11.84
N ASP C 336 8.80 -12.33 11.49
CA ASP C 336 10.09 -11.67 11.43
C ASP C 336 10.69 -11.48 12.82
N GLU C 337 9.88 -11.06 13.79
CA GLU C 337 10.41 -10.80 15.13
C GLU C 337 10.80 -12.10 15.84
N VAL C 338 9.96 -13.13 15.74
CA VAL C 338 10.29 -14.42 16.35
C VAL C 338 11.43 -15.09 15.59
N ARG C 339 11.63 -14.80 14.30
CA ARG C 339 12.82 -15.29 13.63
C ARG C 339 14.07 -14.58 14.13
N SER C 340 13.95 -13.31 14.50
CA SER C 340 15.09 -12.58 15.03
C SER C 340 15.34 -12.85 16.50
N ILE C 341 14.46 -13.57 17.19
CA ILE C 341 14.70 -13.95 18.59
C ILE C 341 15.23 -15.37 18.72
N LEU C 342 14.62 -16.33 18.01
CA LEU C 342 14.90 -17.74 18.23
C LEU C 342 16.23 -18.16 17.61
N ASP C 343 16.65 -19.38 17.94
CA ASP C 343 17.97 -19.92 17.60
C ASP C 343 17.91 -20.89 16.43
N GLY C 344 16.96 -20.73 15.52
CA GLY C 344 16.83 -21.65 14.41
C GLY C 344 15.41 -21.66 13.90
N HIS C 345 15.22 -21.71 12.60
CA HIS C 345 13.90 -21.64 12.03
C HIS C 345 13.72 -22.69 10.94
N ILE C 346 12.55 -23.30 10.93
CA ILE C 346 12.19 -24.35 9.97
C ILE C 346 10.95 -23.85 9.25
N VAL C 347 11.13 -23.34 8.05
CA VAL C 347 10.04 -22.74 7.29
C VAL C 347 9.42 -23.80 6.41
N LEU C 348 8.14 -24.07 6.62
CA LEU C 348 7.35 -25.01 5.84
C LEU C 348 6.54 -24.23 4.82
N THR C 349 6.62 -24.62 3.55
CA THR C 349 5.94 -23.92 2.49
C THR C 349 4.67 -24.64 2.08
N ARG C 350 3.78 -23.92 1.38
CA ARG C 350 2.55 -24.52 0.91
C ARG C 350 2.72 -25.11 -0.48
N GLU C 351 3.77 -24.70 -1.19
CA GLU C 351 4.08 -25.31 -2.47
C GLU C 351 4.45 -26.78 -2.31
N LEU C 352 5.21 -27.09 -1.26
CA LEU C 352 5.57 -28.48 -1.01
C LEU C 352 4.44 -29.22 -0.34
N ALA C 353 3.45 -28.52 0.19
CA ALA C 353 2.28 -29.21 0.71
C ALA C 353 1.27 -29.49 -0.39
N GLU C 354 1.29 -28.68 -1.43
CA GLU C 354 0.46 -28.92 -2.61
C GLU C 354 1.07 -29.98 -3.50
N GLU C 355 2.39 -30.07 -3.54
CA GLU C 355 3.09 -31.08 -4.33
C GLU C 355 3.14 -32.44 -3.61
N ASN C 356 2.49 -32.56 -2.45
CA ASN C 356 2.42 -33.77 -1.62
C ASN C 356 3.82 -34.21 -1.18
N HIS C 357 4.63 -33.23 -0.83
CA HIS C 357 5.98 -33.40 -0.29
C HIS C 357 5.86 -33.17 1.21
N PHE C 358 5.62 -34.24 1.96
CA PHE C 358 5.44 -34.03 3.39
C PHE C 358 6.53 -34.73 4.19
N PRO C 359 7.10 -34.08 5.22
CA PRO C 359 6.88 -32.72 5.71
C PRO C 359 7.45 -31.67 4.79
N ALA C 360 6.81 -30.50 4.77
CA ALA C 360 6.97 -29.54 3.68
C ALA C 360 8.09 -28.55 3.95
N ILE C 361 9.16 -28.99 4.59
CA ILE C 361 10.27 -28.12 4.96
C ILE C 361 10.95 -27.59 3.70
N ASP C 362 11.02 -26.27 3.58
CA ASP C 362 11.80 -25.66 2.52
C ASP C 362 13.22 -25.51 3.03
N ILE C 363 14.15 -26.16 2.35
CA ILE C 363 15.51 -26.29 2.88
C ILE C 363 16.30 -24.99 2.73
N GLY C 364 16.08 -24.25 1.65
CA GLY C 364 16.81 -23.01 1.46
C GLY C 364 16.40 -21.93 2.44
N LEU C 365 15.11 -21.88 2.78
CA LEU C 365 14.60 -20.91 3.74
C LEU C 365 14.90 -21.29 5.18
N SER C 366 15.25 -22.54 5.44
CA SER C 366 15.48 -23.02 6.79
C SER C 366 16.93 -22.77 7.20
N ALA C 367 17.16 -22.79 8.51
CA ALA C 367 18.50 -22.65 9.07
C ALA C 367 18.48 -23.18 10.49
N SER C 368 19.67 -23.50 11.00
CA SER C 368 19.80 -23.87 12.39
C SER C 368 21.07 -23.25 12.91
N ARG C 369 20.95 -22.37 13.89
CA ARG C 369 22.13 -21.60 14.23
C ARG C 369 23.20 -22.45 14.86
N VAL C 370 22.83 -23.51 15.58
CA VAL C 370 23.80 -24.14 16.47
C VAL C 370 24.48 -25.35 15.84
N MET C 371 24.20 -25.64 14.57
CA MET C 371 24.59 -26.90 13.95
C MET C 371 26.10 -27.02 13.82
N HIS C 372 26.79 -25.91 13.57
CA HIS C 372 28.24 -25.97 13.39
C HIS C 372 28.99 -26.25 14.68
N ASN C 373 28.33 -26.13 15.84
CA ASN C 373 28.91 -26.56 17.09
C ASN C 373 28.51 -27.98 17.47
N VAL C 374 27.53 -28.54 16.78
CA VAL C 374 26.92 -29.81 17.15
C VAL C 374 27.49 -30.97 16.33
N VAL C 375 27.46 -30.85 15.01
CA VAL C 375 27.83 -31.97 14.15
C VAL C 375 29.33 -31.98 13.90
N THR C 376 29.84 -33.09 13.40
CA THR C 376 31.23 -33.20 12.99
C THR C 376 31.48 -32.41 11.71
N SER C 377 32.73 -32.35 11.29
CA SER C 377 33.06 -31.61 10.07
C SER C 377 32.63 -32.35 8.82
N GLU C 378 32.76 -33.68 8.82
CA GLU C 378 32.30 -34.49 7.70
C GLU C 378 30.78 -34.41 7.53
N HIS C 379 30.04 -34.43 8.64
CA HIS C 379 28.59 -34.35 8.55
C HIS C 379 28.13 -32.97 8.12
N LEU C 380 28.85 -31.93 8.54
CA LEU C 380 28.52 -30.58 8.11
C LEU C 380 28.80 -30.40 6.61
N ARG C 381 29.88 -31.01 6.12
CA ARG C 381 30.17 -30.96 4.69
C ARG C 381 29.14 -31.72 3.87
N ALA C 382 28.70 -32.89 4.34
CA ALA C 382 27.69 -33.66 3.63
C ALA C 382 26.34 -32.94 3.61
N ALA C 383 25.99 -32.30 4.72
CA ALA C 383 24.77 -31.50 4.77
C ALA C 383 24.81 -30.34 3.81
N ALA C 384 25.95 -29.64 3.73
CA ALA C 384 26.06 -28.50 2.83
C ALA C 384 26.00 -28.93 1.38
N GLU C 385 26.59 -30.08 1.05
CA GLU C 385 26.59 -30.51 -0.35
C GLU C 385 25.21 -31.03 -0.75
N CYS C 386 24.48 -31.64 0.17
CA CYS C 386 23.10 -32.06 -0.12
C CYS C 386 22.18 -30.87 -0.30
N LYS C 387 22.35 -29.82 0.53
CA LYS C 387 21.57 -28.61 0.34
C LYS C 387 21.91 -27.91 -0.97
N LYS C 388 23.17 -28.00 -1.41
CA LYS C 388 23.52 -27.41 -2.69
C LYS C 388 22.95 -28.21 -3.86
N LEU C 389 22.82 -29.53 -3.69
CA LEU C 389 22.12 -30.33 -4.71
C LEU C 389 20.65 -29.96 -4.81
N ILE C 390 20.00 -29.73 -3.67
CA ILE C 390 18.59 -29.31 -3.68
C ILE C 390 18.43 -27.96 -4.35
N ALA C 391 19.35 -27.03 -4.09
CA ALA C 391 19.25 -25.71 -4.71
C ALA C 391 19.56 -25.76 -6.20
N THR C 392 20.47 -26.65 -6.62
CA THR C 392 20.76 -26.82 -8.03
C THR C 392 19.57 -27.38 -8.79
N TYR C 393 18.85 -28.34 -8.20
CA TYR C 393 17.66 -28.84 -8.87
C TYR C 393 16.56 -27.80 -8.89
N LYS C 394 16.43 -26.97 -7.85
CA LYS C 394 15.47 -25.88 -7.92
C LYS C 394 15.84 -24.83 -8.95
N ASN C 395 17.12 -24.68 -9.27
CA ASN C 395 17.51 -23.83 -10.40
C ASN C 395 17.07 -24.43 -11.73
N VAL C 396 17.34 -25.72 -11.94
CA VAL C 396 17.16 -26.31 -13.27
C VAL C 396 15.75 -26.89 -13.45
N GLU C 397 14.88 -26.75 -12.43
CA GLU C 397 13.55 -27.35 -12.46
C GLU C 397 12.66 -26.76 -13.53
N LEU C 398 12.54 -25.43 -13.59
CA LEU C 398 11.69 -24.83 -14.61
C LEU C 398 12.30 -24.94 -16.00
N LEU C 399 13.63 -24.98 -16.11
CA LEU C 399 14.26 -25.18 -17.41
C LEU C 399 14.02 -26.58 -17.95
N ILE C 400 13.92 -27.59 -17.08
CA ILE C 400 13.61 -28.92 -17.59
C ILE C 400 12.10 -29.12 -17.70
N ARG C 401 11.30 -28.32 -16.99
CA ARG C 401 9.85 -28.39 -17.11
C ARG C 401 9.37 -27.80 -18.42
N ILE C 402 9.99 -26.71 -18.85
CA ILE C 402 9.71 -26.14 -20.17
C ILE C 402 10.22 -27.06 -21.27
N GLY C 403 11.43 -27.59 -21.14
CA GLY C 403 11.92 -28.59 -22.06
C GLY C 403 13.23 -28.27 -22.76
N GLU C 404 14.05 -27.40 -22.16
CA GLU C 404 15.33 -27.07 -22.76
C GLU C 404 16.49 -27.93 -22.27
N TYR C 405 16.31 -28.72 -21.22
CA TYR C 405 17.46 -29.40 -20.65
C TYR C 405 17.78 -30.64 -21.46
N THR C 406 18.90 -30.60 -22.18
CA THR C 406 19.47 -31.77 -22.80
C THR C 406 20.66 -32.22 -21.97
N MET C 407 20.78 -33.53 -21.75
CA MET C 407 21.76 -34.09 -20.83
C MET C 407 23.21 -33.86 -21.29
N GLY C 408 23.98 -33.09 -20.52
CA GLY C 408 25.41 -33.07 -20.77
C GLY C 408 26.19 -31.79 -20.56
N GLN C 409 25.55 -30.64 -20.38
CA GLN C 409 26.31 -29.40 -20.27
C GLN C 409 26.89 -29.22 -18.87
N ASP C 410 26.04 -29.10 -17.86
CA ASP C 410 26.57 -28.79 -16.54
C ASP C 410 26.96 -30.07 -15.81
N PRO C 411 28.05 -30.06 -15.04
CA PRO C 411 28.38 -31.22 -14.20
C PRO C 411 27.57 -31.30 -12.93
N GLU C 412 27.14 -30.17 -12.37
CA GLU C 412 26.30 -30.17 -11.18
C GLU C 412 24.85 -30.46 -11.47
N ALA C 413 24.35 -30.11 -12.66
CA ALA C 413 22.95 -30.34 -12.98
C ALA C 413 22.68 -31.81 -13.21
N ASP C 414 23.61 -32.52 -13.85
CA ASP C 414 23.44 -33.97 -14.01
C ASP C 414 23.53 -34.68 -12.67
N LYS C 415 24.39 -34.18 -11.76
CA LYS C 415 24.47 -34.72 -10.41
C LYS C 415 23.16 -34.52 -9.66
N ALA C 416 22.54 -33.34 -9.83
CA ALA C 416 21.24 -33.07 -9.21
C ALA C 416 20.15 -33.98 -9.77
N ILE C 417 20.08 -34.11 -11.09
CA ILE C 417 19.09 -34.99 -11.73
C ILE C 417 19.27 -36.43 -11.28
N LYS C 418 20.53 -36.89 -11.17
CA LYS C 418 20.80 -38.28 -10.82
C LYS C 418 20.45 -38.57 -9.36
N ASN C 419 20.79 -37.66 -8.45
CA ASN C 419 20.50 -37.87 -7.04
C ASN C 419 19.15 -37.32 -6.60
N ARG C 420 18.32 -36.86 -7.55
CA ARG C 420 16.98 -36.36 -7.26
C ARG C 420 16.14 -37.32 -6.43
N LYS C 421 16.00 -38.56 -6.90
CA LYS C 421 15.09 -39.50 -6.23
C LYS C 421 15.60 -39.92 -4.86
N LEU C 422 16.92 -40.05 -4.71
CA LEU C 422 17.50 -40.35 -3.42
C LEU C 422 17.29 -39.21 -2.44
N ILE C 423 17.47 -37.97 -2.88
CA ILE C 423 17.23 -36.81 -2.02
C ILE C 423 15.76 -36.71 -1.65
N GLN C 424 14.86 -36.97 -2.61
CA GLN C 424 13.43 -36.86 -2.34
C GLN C 424 12.97 -37.91 -1.33
N ASN C 425 13.34 -39.18 -1.53
CA ASN C 425 12.88 -40.13 -0.51
C ASN C 425 13.74 -40.13 0.75
N PHE C 426 14.78 -39.29 0.81
CA PHE C 426 15.40 -38.99 2.10
C PHE C 426 14.63 -37.89 2.85
N ILE C 427 14.28 -36.81 2.16
CA ILE C 427 13.59 -35.69 2.81
C ILE C 427 12.16 -36.07 3.18
N GLN C 428 11.44 -36.69 2.25
CA GLN C 428 10.06 -37.10 2.49
C GLN C 428 9.99 -38.24 3.49
N GLN C 429 9.07 -38.10 4.45
CA GLN C 429 8.99 -39.06 5.55
C GLN C 429 7.53 -39.17 5.95
N SER C 430 7.12 -40.37 6.33
CA SER C 430 5.75 -40.57 6.77
C SER C 430 5.61 -40.24 8.24
N THR C 431 4.35 -40.08 8.68
CA THR C 431 4.08 -39.58 10.02
C THR C 431 4.43 -40.62 11.09
N LYS C 432 4.11 -41.88 10.85
CA LYS C 432 4.34 -42.96 11.79
C LYS C 432 5.75 -43.54 11.71
N ASP C 433 6.69 -42.82 11.11
CA ASP C 433 8.06 -43.29 10.94
C ASP C 433 8.97 -42.42 11.78
N ILE C 434 9.93 -43.04 12.46
CA ILE C 434 11.02 -42.34 13.12
C ILE C 434 12.32 -43.03 12.75
N SER C 435 13.38 -42.23 12.66
CA SER C 435 14.71 -42.73 12.38
C SER C 435 15.61 -42.53 13.60
N SER C 436 16.60 -43.39 13.74
CA SER C 436 17.64 -43.16 14.73
C SER C 436 18.68 -42.25 14.10
N TYR C 437 19.60 -41.73 14.89
CA TYR C 437 20.53 -40.73 14.38
C TYR C 437 21.61 -41.35 13.50
N GLU C 438 22.05 -42.57 13.82
CA GLU C 438 23.07 -43.21 13.00
C GLU C 438 22.53 -43.63 11.65
N LYS C 439 21.28 -44.08 11.58
CA LYS C 439 20.68 -44.43 10.30
C LYS C 439 20.41 -43.18 9.46
N THR C 440 20.07 -42.08 10.12
CA THR C 440 19.91 -40.79 9.44
C THR C 440 21.22 -40.33 8.81
N ILE C 441 22.32 -40.36 9.57
CA ILE C 441 23.55 -39.84 9.00
C ILE C 441 24.17 -40.80 7.98
N GLU C 442 23.97 -42.12 8.13
CA GLU C 442 24.51 -43.01 7.10
C GLU C 442 23.67 -42.96 5.83
N SER C 443 22.35 -42.72 5.96
CA SER C 443 21.54 -42.52 4.76
C SER C 443 21.86 -41.18 4.12
N LEU C 444 22.26 -40.19 4.91
CA LEU C 444 22.73 -38.92 4.36
C LEU C 444 24.00 -39.12 3.54
N PHE C 445 24.95 -39.90 4.06
CA PHE C 445 26.19 -40.19 3.33
C PHE C 445 25.92 -41.01 2.08
N LYS C 446 24.91 -41.88 2.10
CA LYS C 446 24.58 -42.65 0.91
C LYS C 446 23.84 -41.81 -0.13
N VAL C 447 23.04 -40.85 0.32
CA VAL C 447 22.29 -39.99 -0.61
C VAL C 447 23.19 -38.96 -1.26
N VAL C 448 24.09 -38.35 -0.48
CA VAL C 448 24.87 -37.21 -0.96
C VAL C 448 25.89 -37.57 -2.02
N ALA C 449 26.26 -38.84 -2.14
CA ALA C 449 27.24 -39.28 -3.12
C ALA C 449 27.08 -40.76 -3.44
N TYR D 37 9.62 12.00 48.59
CA TYR D 37 9.88 13.20 49.36
C TYR D 37 9.55 14.46 48.56
N GLU D 38 9.87 14.45 47.26
CA GLU D 38 9.55 15.60 46.42
C GLU D 38 8.19 15.47 45.76
N GLY D 39 7.96 14.40 45.01
CA GLY D 39 6.76 14.24 44.21
C GLY D 39 6.06 12.93 44.42
N LYS D 40 5.02 12.72 43.62
CA LYS D 40 4.20 11.52 43.70
C LYS D 40 3.98 10.94 42.32
N ILE D 41 4.21 9.64 42.14
CA ILE D 41 3.87 8.98 40.89
C ILE D 41 2.35 8.91 40.77
N ILE D 42 1.80 9.46 39.70
CA ILE D 42 0.35 9.53 39.53
C ILE D 42 -0.14 8.83 38.28
N ASN D 43 0.72 8.11 37.56
CA ASN D 43 0.30 7.46 36.33
C ASN D 43 1.34 6.39 36.03
N ILE D 44 0.92 5.13 36.07
CA ILE D 44 1.79 3.99 35.84
C ILE D 44 1.20 3.21 34.68
N GLY D 45 2.03 2.86 33.71
CA GLY D 45 1.56 2.02 32.63
C GLY D 45 2.33 2.22 31.35
N GLY D 46 2.66 1.13 30.70
CA GLY D 46 3.51 1.19 29.50
C GLY D 46 4.98 1.26 29.89
N THR D 47 5.75 2.03 29.13
CA THR D 47 7.16 2.21 29.45
C THR D 47 7.43 3.39 30.37
N ILE D 48 6.66 4.46 30.28
CA ILE D 48 6.93 5.65 31.06
C ILE D 48 5.93 5.75 32.21
N ILE D 49 6.42 6.25 33.34
CA ILE D 49 5.56 6.66 34.43
C ILE D 49 5.41 8.17 34.32
N LYS D 50 4.44 8.71 35.05
CA LYS D 50 4.24 10.14 35.11
C LYS D 50 4.10 10.53 36.56
N ALA D 51 4.71 11.63 36.94
CA ALA D 51 4.73 12.04 38.33
C ALA D 51 4.20 13.45 38.47
N ARG D 52 4.11 13.89 39.70
CA ARG D 52 3.78 15.27 40.03
C ARG D 52 4.87 15.75 40.97
N LEU D 53 5.77 16.57 40.44
CA LEU D 53 6.84 17.18 41.19
C LEU D 53 7.25 18.44 40.44
N PRO D 54 7.33 19.59 41.10
CA PRO D 54 7.64 20.83 40.39
C PRO D 54 9.14 21.08 40.33
N LYS D 55 9.52 21.95 39.39
CA LYS D 55 10.88 22.46 39.23
C LYS D 55 11.89 21.34 38.96
N ALA D 56 11.51 20.40 38.12
CA ALA D 56 12.39 19.30 37.73
C ALA D 56 13.19 19.69 36.50
N ARG D 57 14.51 19.75 36.65
CA ARG D 57 15.37 19.85 35.49
C ARG D 57 15.25 18.59 34.66
N ILE D 58 15.22 18.76 33.36
CA ILE D 58 15.04 17.66 32.43
C ILE D 58 16.31 16.83 32.41
N GLY D 59 16.16 15.51 32.33
CA GLY D 59 17.28 14.61 32.35
C GLY D 59 17.80 14.23 33.72
N ALA D 60 17.31 14.85 34.78
CA ALA D 60 17.70 14.47 36.13
C ALA D 60 17.01 13.18 36.53
N PHE D 61 17.69 12.37 37.33
CA PHE D 61 17.15 11.07 37.70
C PHE D 61 16.76 11.05 39.18
N TYR D 62 15.61 10.44 39.43
CA TYR D 62 14.93 10.46 40.72
C TYR D 62 14.73 9.05 41.22
N LYS D 63 14.97 8.83 42.51
CA LYS D 63 14.80 7.51 43.10
C LYS D 63 13.40 7.35 43.67
N ILE D 64 12.77 6.22 43.39
CA ILE D 64 11.51 5.86 44.04
C ILE D 64 11.83 5.56 45.51
N GLU D 65 11.22 6.32 46.42
CA GLU D 65 11.75 6.45 47.78
C GLU D 65 11.67 5.18 48.64
N PRO D 66 10.61 4.37 48.64
CA PRO D 66 10.69 3.11 49.40
C PRO D 66 11.33 1.94 48.66
N SER D 67 11.41 1.97 47.32
CA SER D 67 11.63 0.75 46.57
C SER D 67 12.90 0.73 45.71
N GLN D 68 13.93 1.50 46.05
CA GLN D 68 15.33 1.42 45.57
C GLN D 68 15.54 1.47 44.06
N ARG D 69 14.50 1.77 43.29
CA ARG D 69 14.61 1.89 41.84
C ARG D 69 14.50 3.36 41.46
N LEU D 70 15.05 3.71 40.29
CA LEU D 70 15.13 5.11 39.95
C LEU D 70 14.79 5.31 38.47
N ALA D 71 14.57 6.57 38.10
CA ALA D 71 13.89 6.91 36.86
C ALA D 71 14.34 8.27 36.36
N GLU D 72 14.58 8.38 35.06
CA GLU D 72 15.10 9.59 34.43
C GLU D 72 13.97 10.42 33.83
N VAL D 73 14.01 11.73 34.07
CA VAL D 73 13.02 12.66 33.52
C VAL D 73 13.28 12.82 32.03
N ILE D 74 12.28 12.50 31.20
CA ILE D 74 12.43 12.66 29.76
C ILE D 74 11.67 13.87 29.23
N ALA D 75 10.60 14.31 29.88
CA ALA D 75 9.82 15.44 29.42
C ALA D 75 9.10 16.03 30.61
N ILE D 76 8.64 17.26 30.48
CA ILE D 76 7.95 17.97 31.55
C ILE D 76 6.71 18.61 30.95
N ASP D 77 5.66 18.73 31.76
CA ASP D 77 4.44 19.42 31.40
C ASP D 77 4.34 20.59 32.39
N GLU D 78 3.19 21.25 32.49
CA GLU D 78 3.09 22.48 33.27
C GLU D 78 3.34 22.22 34.75
N ASP D 79 2.93 21.05 35.25
CA ASP D 79 3.30 20.63 36.59
C ASP D 79 3.75 19.18 36.66
N GLU D 80 3.36 18.34 35.72
CA GLU D 80 3.60 16.91 35.79
C GLU D 80 4.75 16.52 34.86
N VAL D 81 5.52 15.53 35.28
CA VAL D 81 6.76 15.16 34.60
C VAL D 81 6.67 13.73 34.10
N PHE D 82 7.27 13.47 32.95
CA PHE D 82 7.38 12.13 32.39
C PHE D 82 8.69 11.51 32.80
N LEU D 83 8.64 10.33 33.37
CA LEU D 83 9.87 9.65 33.78
C LEU D 83 9.94 8.28 33.15
N LEU D 84 11.16 7.81 32.95
CA LEU D 84 11.43 6.51 32.34
C LEU D 84 12.25 5.70 33.33
N PRO D 85 11.71 4.61 33.86
CA PRO D 85 12.41 3.90 34.94
C PRO D 85 13.57 3.07 34.42
N PHE D 86 14.48 2.72 35.33
CA PHE D 86 15.60 1.89 34.91
C PHE D 86 15.26 0.41 34.95
N GLU D 87 14.20 0.03 35.65
CA GLU D 87 13.84 -1.37 35.82
C GLU D 87 12.38 -1.52 35.39
N HIS D 88 11.78 -2.67 35.69
CA HIS D 88 10.41 -2.89 35.31
C HIS D 88 9.46 -2.10 36.21
N VAL D 89 8.22 -1.97 35.76
CA VAL D 89 7.29 -1.02 36.37
C VAL D 89 6.29 -1.71 37.29
N SER D 90 6.38 -3.02 37.47
CA SER D 90 5.38 -3.77 38.23
C SER D 90 5.56 -3.55 39.73
N GLY D 91 4.44 -3.39 40.43
CA GLY D 91 4.42 -3.22 41.87
C GLY D 91 4.24 -1.79 42.33
N MET D 92 4.07 -0.84 41.43
CA MET D 92 3.95 0.56 41.79
C MET D 92 2.50 0.92 42.05
N TYR D 93 2.28 2.14 42.54
CA TYR D 93 0.93 2.59 42.85
C TYR D 93 0.89 4.11 42.80
N CYS D 94 -0.33 4.67 42.84
CA CYS D 94 -0.50 6.11 42.80
C CYS D 94 -0.04 6.74 44.10
N GLY D 95 0.61 7.89 43.99
CA GLY D 95 1.11 8.56 45.17
C GLY D 95 2.34 7.95 45.78
N GLN D 96 3.09 7.17 45.01
CA GLN D 96 4.35 6.61 45.51
C GLN D 96 5.44 7.67 45.37
N TRP D 97 6.27 7.80 46.39
CA TRP D 97 7.13 8.98 46.51
C TRP D 97 8.32 8.92 45.55
N LEU D 98 9.02 10.04 45.45
CA LEU D 98 10.22 10.17 44.61
C LEU D 98 11.23 11.06 45.34
N SER D 99 12.46 10.57 45.44
CA SER D 99 13.54 11.36 46.00
C SER D 99 14.45 11.86 44.88
N TYR D 100 15.22 12.90 45.18
CA TYR D 100 16.14 13.51 44.22
C TYR D 100 17.54 12.93 44.41
N GLN D 101 18.17 12.54 43.31
CA GLN D 101 19.48 11.92 43.37
C GLN D 101 20.56 12.73 42.66
N GLY D 102 20.35 13.10 41.41
CA GLY D 102 21.41 13.79 40.70
C GLY D 102 20.86 14.61 39.55
N ASP D 103 21.70 15.54 39.10
CA ASP D 103 21.41 16.38 37.95
C ASP D 103 21.49 15.63 36.63
N GLU D 104 22.45 14.72 36.49
CA GLU D 104 22.65 14.02 35.24
C GLU D 104 23.11 12.61 35.57
N PHE D 105 22.74 11.64 34.74
CA PHE D 105 23.22 10.28 34.90
C PHE D 105 24.56 10.16 34.19
N LYS D 106 25.59 9.75 34.92
CA LYS D 106 26.93 9.62 34.38
C LYS D 106 27.44 8.21 34.64
N ILE D 107 28.29 7.71 33.75
CA ILE D 107 28.94 6.43 33.95
C ILE D 107 30.33 6.69 34.50
N ARG D 108 30.97 5.63 34.98
CA ARG D 108 32.28 5.74 35.60
C ARG D 108 33.24 4.85 34.81
N VAL D 109 34.12 5.48 34.04
CA VAL D 109 35.05 4.76 33.19
C VAL D 109 36.45 4.86 33.80
N GLY D 110 37.34 4.03 33.28
CA GLY D 110 38.72 4.04 33.68
C GLY D 110 39.52 3.15 32.76
N ASP D 111 40.81 3.06 33.04
CA ASP D 111 41.66 2.18 32.26
C ASP D 111 41.63 0.75 32.80
N ALA D 112 40.91 0.51 33.88
CA ALA D 112 40.84 -0.80 34.51
C ALA D 112 39.57 -1.56 34.13
N LEU D 113 39.00 -1.26 32.97
CA LEU D 113 37.85 -2.02 32.48
C LEU D 113 38.14 -2.74 31.18
N LEU D 114 39.40 -3.04 30.87
CA LEU D 114 39.68 -3.90 29.75
C LEU D 114 39.54 -5.36 30.15
N GLY D 115 39.07 -6.18 29.22
CA GLY D 115 38.88 -7.58 29.49
C GLY D 115 37.71 -7.88 30.38
N ARG D 116 36.77 -6.95 30.51
CA ARG D 116 35.69 -7.06 31.46
C ARG D 116 34.37 -6.73 30.79
N LEU D 117 33.28 -7.15 31.45
CA LEU D 117 31.96 -7.02 30.85
C LEU D 117 31.12 -6.01 31.62
N ILE D 118 30.44 -5.14 30.87
CA ILE D 118 29.67 -4.03 31.41
C ILE D 118 28.24 -4.19 30.90
N ASP D 119 27.24 -3.72 31.66
CA ASP D 119 25.92 -3.68 31.05
C ASP D 119 25.70 -2.32 30.39
N GLY D 120 24.44 -2.00 30.11
CA GLY D 120 24.14 -0.72 29.49
C GLY D 120 24.18 0.44 30.45
N ILE D 121 23.86 0.20 31.71
CA ILE D 121 23.90 1.24 32.72
C ILE D 121 25.34 1.66 33.01
N GLY D 122 26.23 0.70 33.12
CA GLY D 122 27.62 1.01 33.37
C GLY D 122 28.23 0.09 34.40
N ARG D 123 27.38 -0.62 35.13
CA ARG D 123 27.84 -1.51 36.17
C ARG D 123 28.30 -2.83 35.58
N PRO D 124 29.27 -3.50 36.21
CA PRO D 124 29.80 -4.73 35.62
C PRO D 124 28.84 -5.91 35.70
N MET D 125 29.08 -6.89 34.84
CA MET D 125 28.19 -8.05 34.74
C MET D 125 28.60 -9.13 35.73
N GLU D 126 29.86 -9.52 35.69
CA GLU D 126 30.35 -10.66 36.45
C GLU D 126 30.53 -10.29 37.92
N SER D 127 30.29 -11.27 38.79
CA SER D 127 30.34 -11.04 40.23
C SER D 127 31.31 -11.96 40.97
N ASN D 128 32.05 -12.82 40.26
CA ASN D 128 33.14 -13.55 40.89
C ASN D 128 34.38 -12.67 41.09
N ILE D 129 34.39 -11.49 40.49
CA ILE D 129 35.49 -10.54 40.54
C ILE D 129 35.41 -9.64 41.75
N VAL D 130 36.48 -8.90 42.02
CA VAL D 130 36.40 -7.66 42.77
C VAL D 130 36.29 -6.53 41.76
N ALA D 131 35.31 -5.65 41.94
CA ALA D 131 35.03 -4.59 40.97
C ALA D 131 36.18 -3.59 40.94
N PRO D 132 36.55 -3.10 39.76
CA PRO D 132 37.81 -2.36 39.62
C PRO D 132 37.71 -0.94 40.13
N TYR D 133 38.87 -0.30 40.21
CA TYR D 133 38.97 1.11 40.55
C TYR D 133 38.88 1.89 39.26
N LEU D 134 37.69 2.37 38.94
CA LEU D 134 37.45 3.22 37.78
C LEU D 134 37.43 4.66 38.26
N PRO D 135 38.43 5.47 37.97
CA PRO D 135 38.50 6.78 38.61
C PRO D 135 37.77 7.91 37.91
N PHE D 136 37.49 7.80 36.62
CA PHE D 136 37.03 8.94 35.84
C PHE D 136 35.54 8.84 35.56
N GLU D 137 34.74 9.69 36.19
CA GLU D 137 33.32 9.77 35.91
C GLU D 137 33.15 10.59 34.64
N ARG D 138 32.43 10.05 33.67
CA ARG D 138 32.15 10.72 32.41
C ARG D 138 30.65 10.76 32.16
N SER D 139 30.21 11.88 31.58
CA SER D 139 28.82 11.99 31.16
C SER D 139 28.57 11.16 29.92
N LEU D 140 27.30 10.92 29.64
CA LEU D 140 26.98 9.92 28.64
C LEU D 140 26.63 10.56 27.31
N TYR D 141 26.35 11.86 27.30
CA TYR D 141 25.95 12.60 26.11
C TYR D 141 26.98 13.68 25.83
N ALA D 142 27.92 13.38 24.94
CA ALA D 142 29.00 14.30 24.63
C ALA D 142 28.83 14.80 23.21
N GLU D 143 29.82 15.58 22.75
CA GLU D 143 29.91 16.26 21.47
C GLU D 143 30.80 15.52 20.49
N PRO D 144 30.51 15.61 19.21
CA PRO D 144 31.42 15.12 18.19
C PRO D 144 32.60 16.06 18.04
N PRO D 145 33.68 15.63 17.39
CA PRO D 145 34.81 16.54 17.14
C PRO D 145 34.44 17.70 16.23
N ASP D 146 35.30 18.73 16.27
CA ASP D 146 35.20 19.87 15.38
C ASP D 146 35.31 19.40 13.94
N PRO D 147 34.37 19.77 13.07
CA PRO D 147 34.44 19.31 11.67
C PRO D 147 35.67 19.73 10.90
N LEU D 148 36.34 20.81 11.30
CA LEU D 148 37.61 21.16 10.69
C LEU D 148 38.77 20.29 11.17
N LEU D 149 38.68 19.72 12.37
CA LEU D 149 39.74 18.90 12.90
C LEU D 149 39.54 17.40 12.64
N ARG D 150 38.50 17.04 11.91
CA ARG D 150 38.28 15.66 11.48
C ARG D 150 39.02 15.48 10.17
N GLN D 151 40.16 14.80 10.22
CA GLN D 151 41.01 14.73 9.04
C GLN D 151 40.44 13.79 7.98
N VAL D 152 41.08 13.82 6.81
CA VAL D 152 40.73 12.92 5.73
C VAL D 152 41.40 11.58 5.98
N ILE D 153 40.66 10.49 5.80
CA ILE D 153 41.18 9.16 6.09
C ILE D 153 41.73 8.53 4.84
N ASP D 154 43.00 8.08 4.92
CA ASP D 154 43.73 7.60 3.74
C ASP D 154 44.61 6.41 4.04
N GLN D 155 44.26 5.60 5.04
CA GLN D 155 44.99 4.38 5.35
C GLN D 155 43.99 3.23 5.38
N PRO D 156 44.34 2.05 4.87
CA PRO D 156 43.37 0.97 4.81
C PRO D 156 43.23 0.28 6.17
N PHE D 157 42.03 -0.23 6.41
CA PHE D 157 41.74 -1.01 7.61
C PHE D 157 41.35 -2.40 7.14
N ILE D 158 42.15 -3.40 7.52
CA ILE D 158 42.08 -4.73 6.95
C ILE D 158 41.22 -5.61 7.85
N LEU D 159 40.24 -6.30 7.26
CA LEU D 159 39.30 -7.11 8.04
C LEU D 159 39.56 -8.60 7.91
N GLY D 160 40.21 -9.04 6.84
CA GLY D 160 40.47 -10.45 6.60
C GLY D 160 39.45 -11.12 5.72
N VAL D 161 38.30 -10.51 5.50
CA VAL D 161 37.34 -11.00 4.52
C VAL D 161 37.77 -10.52 3.15
N ARG D 162 37.86 -11.46 2.19
CA ARG D 162 38.40 -11.13 0.87
C ARG D 162 37.47 -10.23 0.08
N ALA D 163 36.17 -10.36 0.28
CA ALA D 163 35.21 -9.54 -0.45
C ALA D 163 35.25 -8.09 0.01
N ILE D 164 35.17 -7.86 1.32
CA ILE D 164 35.08 -6.52 1.88
C ILE D 164 36.44 -5.83 1.95
N ASP D 165 37.52 -6.53 1.61
CA ASP D 165 38.83 -5.90 1.47
C ASP D 165 39.28 -5.76 0.02
N GLY D 166 38.86 -6.68 -0.85
CA GLY D 166 39.22 -6.60 -2.25
C GLY D 166 38.29 -5.69 -3.03
N LEU D 167 36.99 -5.95 -2.96
CA LEU D 167 36.05 -5.15 -3.75
C LEU D 167 35.74 -3.84 -3.04
N LEU D 168 35.16 -3.91 -1.87
CA LEU D 168 35.05 -2.76 -0.99
C LEU D 168 36.32 -2.66 -0.18
N THR D 169 36.53 -1.54 0.52
CA THR D 169 37.71 -1.42 1.36
C THR D 169 37.41 -0.42 2.47
N CYS D 170 37.68 -0.80 3.70
CA CYS D 170 37.47 0.06 4.85
C CYS D 170 38.67 0.99 5.01
N GLY D 171 38.56 1.92 5.94
CA GLY D 171 39.65 2.84 6.22
C GLY D 171 39.74 3.08 7.71
N ILE D 172 40.94 3.40 8.17
CA ILE D 172 41.16 3.61 9.60
C ILE D 172 40.57 4.95 9.97
N GLY D 173 39.40 4.92 10.60
CA GLY D 173 38.67 6.11 10.95
C GLY D 173 37.26 6.16 10.45
N GLN D 174 36.85 5.32 9.50
CA GLN D 174 35.48 5.46 9.05
C GLN D 174 34.54 4.64 9.91
N ARG D 175 33.26 4.78 9.61
CA ARG D 175 32.20 4.03 10.26
C ARG D 175 31.35 3.41 9.16
N ILE D 176 31.04 2.14 9.31
CA ILE D 176 30.49 1.34 8.22
C ILE D 176 29.42 0.41 8.78
N GLY D 177 28.31 0.31 8.06
CA GLY D 177 27.19 -0.47 8.51
C GLY D 177 27.05 -1.77 7.74
N ILE D 178 26.40 -2.73 8.37
CA ILE D 178 26.17 -4.05 7.84
C ILE D 178 24.66 -4.22 7.80
N PHE D 179 24.07 -3.95 6.65
CA PHE D 179 22.63 -3.85 6.48
C PHE D 179 22.10 -5.21 6.04
N ALA D 180 21.28 -5.85 6.86
CA ALA D 180 20.74 -7.13 6.45
C ALA D 180 19.39 -7.36 7.11
N GLY D 181 18.70 -8.39 6.63
CA GLY D 181 17.46 -8.84 7.24
C GLY D 181 17.73 -9.70 8.45
N SER D 182 16.74 -10.50 8.78
CA SER D 182 16.71 -11.19 10.06
C SER D 182 17.33 -12.57 9.89
N GLY D 183 18.41 -12.83 10.58
CA GLY D 183 19.05 -14.12 10.49
C GLY D 183 19.74 -14.39 9.19
N VAL D 184 20.32 -13.36 8.55
CA VAL D 184 20.99 -13.56 7.28
C VAL D 184 22.50 -13.71 7.49
N GLY D 185 23.19 -12.63 7.84
CA GLY D 185 24.61 -12.81 8.09
C GLY D 185 25.28 -11.92 9.11
N LYS D 186 24.53 -11.00 9.73
CA LYS D 186 25.16 -9.88 10.43
C LYS D 186 26.09 -10.34 11.55
N SER D 187 25.60 -11.15 12.48
CA SER D 187 26.50 -11.50 13.58
C SER D 187 27.70 -12.28 13.08
N THR D 188 27.49 -13.27 12.22
CA THR D 188 28.62 -14.10 11.79
C THR D 188 29.72 -13.25 11.15
N LEU D 189 29.36 -12.42 10.18
CA LEU D 189 30.32 -11.54 9.53
C LEU D 189 31.00 -10.60 10.53
N LEU D 190 30.28 -10.17 11.56
CA LEU D 190 30.89 -9.33 12.58
C LEU D 190 31.86 -10.13 13.43
N GLY D 191 31.60 -11.43 13.60
CA GLY D 191 32.58 -12.29 14.25
C GLY D 191 33.82 -12.53 13.41
N MET D 192 33.63 -12.68 12.09
CA MET D 192 34.77 -12.80 11.18
C MET D 192 35.62 -11.54 11.19
N ILE D 193 34.97 -10.38 11.27
CA ILE D 193 35.68 -9.10 11.36
C ILE D 193 36.42 -8.98 12.69
N CYS D 194 35.77 -9.34 13.80
CA CYS D 194 36.42 -9.31 15.10
C CYS D 194 37.59 -10.28 15.19
N ASN D 195 37.50 -11.40 14.48
CA ASN D 195 38.57 -12.38 14.47
C ASN D 195 39.73 -11.92 13.57
N GLY D 196 39.41 -11.20 12.50
CA GLY D 196 40.43 -10.82 11.53
C GLY D 196 41.07 -9.46 11.72
N ALA D 197 40.30 -8.49 12.19
CA ALA D 197 40.84 -7.14 12.33
C ALA D 197 41.63 -7.03 13.63
N SER D 198 42.40 -5.93 13.73
CA SER D 198 43.26 -5.70 14.87
C SER D 198 43.39 -4.21 15.11
N ALA D 199 42.94 -3.75 16.27
CA ALA D 199 43.11 -2.37 16.68
C ALA D 199 43.76 -2.37 18.06
N ASP D 200 44.02 -1.18 18.58
CA ASP D 200 44.64 -1.07 19.89
C ASP D 200 43.66 -1.40 21.00
N ILE D 201 42.41 -0.97 20.86
CA ILE D 201 41.33 -1.24 21.81
C ILE D 201 40.15 -1.74 20.99
N ILE D 202 39.42 -2.71 21.51
CA ILE D 202 38.19 -3.18 20.87
C ILE D 202 37.05 -3.03 21.87
N VAL D 203 36.03 -2.26 21.51
CA VAL D 203 34.85 -2.05 22.34
C VAL D 203 33.66 -2.64 21.61
N LEU D 204 33.07 -3.67 22.18
CA LEU D 204 32.03 -4.46 21.52
C LEU D 204 30.74 -4.32 22.31
N ALA D 205 29.72 -3.73 21.69
CA ALA D 205 28.41 -3.56 22.30
C ALA D 205 27.49 -4.60 21.69
N LEU D 206 26.83 -5.38 22.55
CA LEU D 206 25.78 -6.30 22.11
C LEU D 206 24.48 -5.80 22.73
N ILE D 207 23.77 -4.98 21.98
CA ILE D 207 22.60 -4.28 22.49
C ILE D 207 21.34 -4.88 21.89
N GLY D 208 20.41 -5.25 22.76
CA GLY D 208 19.16 -5.90 22.36
C GLY D 208 19.29 -7.24 21.64
N GLU D 209 20.33 -8.03 21.90
CA GLU D 209 20.42 -9.33 21.27
C GLU D 209 20.27 -10.44 22.30
N ARG D 210 20.26 -11.68 21.80
CA ARG D 210 19.95 -12.83 22.65
C ARG D 210 21.08 -13.11 23.63
N GLY D 211 20.72 -13.52 24.86
CA GLY D 211 21.71 -13.74 25.89
C GLY D 211 22.61 -14.94 25.64
N ARG D 212 22.22 -15.84 24.74
CA ARG D 212 23.05 -16.97 24.42
C ARG D 212 24.31 -16.58 23.62
N GLU D 213 24.39 -15.35 23.10
CA GLU D 213 25.50 -14.97 22.22
C GLU D 213 26.70 -14.37 22.94
N VAL D 214 26.63 -14.11 24.25
CA VAL D 214 27.76 -13.47 24.92
C VAL D 214 28.92 -14.46 25.13
N ASN D 215 28.64 -15.76 25.20
CA ASN D 215 29.68 -16.79 25.27
C ASN D 215 30.18 -17.21 23.90
N GLU D 216 29.39 -17.05 22.83
CA GLU D 216 29.95 -17.29 21.51
C GLU D 216 30.97 -16.23 21.13
N PHE D 217 30.68 -14.95 21.37
CA PHE D 217 31.67 -13.91 21.12
C PHE D 217 32.87 -14.02 22.05
N LEU D 218 32.69 -14.51 23.27
CA LEU D 218 33.86 -14.74 24.12
C LEU D 218 34.63 -15.98 23.70
N ALA D 219 34.01 -16.90 22.97
CA ALA D 219 34.72 -18.10 22.55
C ALA D 219 35.49 -17.86 21.26
N LEU D 220 34.98 -17.01 20.37
CA LEU D 220 35.66 -16.82 19.11
C LEU D 220 36.72 -15.72 19.15
N LEU D 221 37.03 -15.15 20.31
CA LEU D 221 38.16 -14.24 20.29
C LEU D 221 39.22 -14.67 21.31
N PRO D 222 40.53 -14.59 20.94
CA PRO D 222 41.58 -15.11 21.82
C PRO D 222 41.83 -14.27 23.05
N GLN D 223 42.79 -14.69 23.88
CA GLN D 223 43.12 -13.91 25.07
C GLN D 223 43.95 -12.69 24.71
N SER D 224 44.68 -12.75 23.58
CA SER D 224 45.37 -11.57 23.09
C SER D 224 44.41 -10.54 22.54
N THR D 225 43.20 -10.95 22.15
CA THR D 225 42.16 -10.00 21.80
C THR D 225 41.35 -9.60 23.03
N LEU D 226 41.11 -10.54 23.95
CA LEU D 226 40.35 -10.24 25.16
C LEU D 226 41.09 -9.31 26.10
N SER D 227 42.43 -9.26 26.00
CA SER D 227 43.19 -8.33 26.83
C SER D 227 42.95 -6.89 26.43
N LYS D 228 42.47 -6.65 25.21
CA LYS D 228 42.07 -5.33 24.73
C LYS D 228 40.65 -5.43 24.14
N CYS D 229 39.65 -5.49 25.02
CA CYS D 229 38.27 -5.67 24.61
C CYS D 229 37.37 -5.39 25.80
N VAL D 230 36.37 -4.55 25.60
CA VAL D 230 35.37 -4.23 26.61
C VAL D 230 34.01 -4.59 26.02
N LEU D 231 33.29 -5.49 26.66
CA LEU D 231 31.96 -5.84 26.20
C LEU D 231 30.89 -5.08 26.98
N VAL D 232 29.95 -4.50 26.24
CA VAL D 232 28.82 -3.80 26.82
C VAL D 232 27.58 -4.57 26.40
N VAL D 233 27.03 -5.36 27.32
CA VAL D 233 26.05 -6.39 26.99
C VAL D 233 24.70 -6.02 27.59
N THR D 234 23.73 -5.70 26.74
CA THR D 234 22.35 -5.52 27.16
C THR D 234 21.50 -6.48 26.36
N THR D 235 20.86 -7.44 27.04
CA THR D 235 20.06 -8.44 26.39
C THR D 235 18.71 -7.83 25.99
N SER D 236 17.97 -8.51 25.12
CA SER D 236 16.64 -8.07 24.71
C SER D 236 15.59 -8.18 25.80
N ASP D 237 15.91 -8.81 26.93
CA ASP D 237 15.06 -8.86 28.11
C ASP D 237 14.89 -7.52 28.77
N ARG D 238 15.89 -6.66 28.67
CA ARG D 238 16.06 -5.54 29.57
C ARG D 238 15.03 -4.46 29.27
N PRO D 239 14.84 -3.47 30.18
CA PRO D 239 13.91 -2.37 29.88
C PRO D 239 14.29 -1.49 28.69
N ALA D 240 13.44 -0.52 28.37
CA ALA D 240 13.71 0.33 27.22
C ALA D 240 14.88 1.25 27.49
N LEU D 241 15.12 1.61 28.74
CA LEU D 241 16.18 2.56 29.05
C LEU D 241 17.57 1.94 28.93
N GLU D 242 17.76 0.71 29.43
CA GLU D 242 19.08 0.09 29.32
C GLU D 242 19.40 -0.25 27.86
N ARG D 243 18.40 -0.77 27.17
CA ARG D 243 18.53 -1.12 25.76
C ARG D 243 18.63 0.12 24.87
N MET D 244 18.28 1.29 25.41
CA MET D 244 18.44 2.55 24.71
C MET D 244 19.76 3.25 25.02
N LYS D 245 20.32 3.09 26.22
CA LYS D 245 21.52 3.80 26.61
C LYS D 245 22.78 2.95 26.58
N ALA D 246 22.68 1.68 26.21
CA ALA D 246 23.89 0.87 26.07
C ALA D 246 24.76 1.34 24.91
N ALA D 247 24.14 1.85 23.84
CA ALA D 247 24.91 2.35 22.70
C ALA D 247 25.71 3.60 23.09
N PHE D 248 25.13 4.46 23.91
CA PHE D 248 25.84 5.64 24.37
C PHE D 248 26.91 5.28 25.38
N THR D 249 26.71 4.23 26.18
CA THR D 249 27.77 3.76 27.08
C THR D 249 28.97 3.24 26.29
N ALA D 250 28.71 2.48 25.24
CA ALA D 250 29.80 1.96 24.42
C ALA D 250 30.53 3.08 23.68
N THR D 251 29.79 4.06 23.18
CA THR D 251 30.43 5.19 22.51
C THR D 251 31.26 6.03 23.48
N THR D 252 30.80 6.18 24.73
CA THR D 252 31.55 6.94 25.72
C THR D 252 32.84 6.23 26.12
N ILE D 253 32.78 4.91 26.29
CA ILE D 253 33.99 4.14 26.61
C ILE D 253 34.98 4.19 25.43
N ALA D 254 34.47 4.09 24.21
CA ALA D 254 35.33 4.16 23.03
C ALA D 254 35.98 5.51 22.89
N GLU D 255 35.28 6.59 23.21
CA GLU D 255 35.90 7.90 23.06
C GLU D 255 36.84 8.21 24.22
N TYR D 256 36.61 7.57 25.38
CA TYR D 256 37.59 7.66 26.46
C TYR D 256 38.91 7.02 26.07
N PHE D 257 38.86 5.84 25.47
CA PHE D 257 40.11 5.23 25.02
C PHE D 257 40.66 5.86 23.75
N ARG D 258 39.84 6.60 23.00
CA ARG D 258 40.35 7.42 21.91
C ARG D 258 41.18 8.58 22.44
N ASP D 259 40.70 9.26 23.47
CA ASP D 259 41.36 10.47 23.97
C ASP D 259 42.72 10.21 24.60
N GLN D 260 43.06 8.94 24.88
CA GLN D 260 44.42 8.60 25.26
C GLN D 260 45.34 8.50 24.05
N GLY D 261 44.80 8.44 22.84
CA GLY D 261 45.61 8.52 21.64
C GLY D 261 45.77 7.22 20.88
N LYS D 262 44.81 6.30 21.03
CA LYS D 262 44.91 4.98 20.43
C LYS D 262 43.79 4.78 19.43
N ASN D 263 44.00 3.85 18.50
CA ASN D 263 43.00 3.49 17.51
C ASN D 263 42.10 2.42 18.10
N VAL D 264 40.83 2.74 18.28
CA VAL D 264 39.87 1.84 18.91
C VAL D 264 38.81 1.45 17.89
N LEU D 265 38.56 0.15 17.77
CA LEU D 265 37.52 -0.41 16.93
C LEU D 265 36.25 -0.59 17.75
N LEU D 266 35.18 0.09 17.36
CA LEU D 266 33.88 -0.05 17.99
C LEU D 266 32.97 -0.91 17.13
N MET D 267 32.37 -1.93 17.73
CA MET D 267 31.49 -2.82 17.00
C MET D 267 30.18 -2.91 17.76
N MET D 268 29.11 -2.42 17.15
CA MET D 268 27.82 -2.28 17.81
C MET D 268 26.81 -3.16 17.09
N ASP D 269 26.38 -4.22 17.74
CA ASP D 269 25.47 -5.18 17.12
C ASP D 269 24.04 -4.66 17.25
N SER D 270 23.41 -4.40 16.10
CA SER D 270 22.04 -3.91 15.98
C SER D 270 21.79 -2.59 16.68
N VAL D 271 22.28 -1.50 16.07
CA VAL D 271 21.84 -0.14 16.41
C VAL D 271 20.34 0.05 16.22
N THR D 272 19.69 -0.79 15.41
CA THR D 272 18.25 -0.77 15.30
C THR D 272 17.54 -1.15 16.59
N ARG D 273 18.19 -1.84 17.54
CA ARG D 273 17.53 -2.11 18.81
C ARG D 273 17.45 -0.84 19.66
N TYR D 274 18.49 -0.01 19.58
CA TYR D 274 18.39 1.37 20.06
C TYR D 274 17.26 2.12 19.38
N ALA D 275 17.11 1.95 18.07
CA ALA D 275 16.05 2.67 17.37
C ALA D 275 14.65 2.21 17.81
N ARG D 276 14.48 0.92 18.08
CA ARG D 276 13.19 0.41 18.56
C ARG D 276 12.89 0.93 19.95
N ALA D 277 13.90 0.94 20.85
CA ALA D 277 13.68 1.41 22.21
C ALA D 277 13.37 2.90 22.25
N ALA D 278 14.06 3.69 21.41
CA ALA D 278 13.76 5.11 21.32
C ALA D 278 12.40 5.37 20.71
N ARG D 279 11.97 4.52 19.76
CA ARG D 279 10.60 4.62 19.23
C ARG D 279 9.56 4.40 20.32
N ASP D 280 9.75 3.35 21.13
CA ASP D 280 8.81 3.06 22.21
C ASP D 280 8.72 4.19 23.21
N VAL D 281 9.88 4.73 23.62
CA VAL D 281 9.89 5.81 24.61
C VAL D 281 9.31 7.11 24.03
N GLY D 282 9.65 7.42 22.78
CA GLY D 282 9.15 8.64 22.18
C GLY D 282 7.68 8.61 21.84
N LEU D 283 7.14 7.43 21.55
CA LEU D 283 5.70 7.32 21.35
C LEU D 283 4.94 7.29 22.67
N ALA D 284 5.53 6.72 23.71
CA ALA D 284 4.87 6.76 25.01
C ALA D 284 4.93 8.15 25.62
N SER D 285 5.86 8.98 25.18
CA SER D 285 5.94 10.37 25.61
C SER D 285 5.09 11.32 24.77
N GLY D 286 4.30 10.79 23.83
CA GLY D 286 3.40 11.63 23.06
C GLY D 286 4.03 12.41 21.93
N GLU D 287 4.59 11.72 20.96
CA GLU D 287 5.17 12.32 19.76
C GLU D 287 4.55 11.64 18.54
N PRO D 288 4.48 12.33 17.39
CA PRO D 288 3.78 11.74 16.24
C PRO D 288 4.53 10.62 15.55
N ASP D 289 3.99 10.19 14.41
CA ASP D 289 4.61 9.15 13.58
C ASP D 289 5.07 9.84 12.30
N VAL D 290 6.35 9.69 11.98
CA VAL D 290 6.88 10.06 10.68
C VAL D 290 7.69 8.89 10.13
N ARG D 291 7.38 8.50 8.89
CA ARG D 291 8.08 7.43 8.16
C ARG D 291 8.00 6.10 8.90
N GLY D 292 6.77 5.58 9.01
CA GLY D 292 6.55 4.24 9.52
C GLY D 292 6.81 4.00 11.00
N GLY D 293 5.97 4.56 11.87
CA GLY D 293 6.28 4.57 13.29
C GLY D 293 7.34 5.62 13.48
N PHE D 294 8.25 5.43 14.43
CA PHE D 294 9.51 6.17 14.55
C PHE D 294 9.36 7.69 14.65
N PRO D 295 9.13 8.22 15.84
CA PRO D 295 8.98 9.67 16.05
C PRO D 295 10.17 10.48 15.55
N PRO D 296 10.07 11.81 15.46
CA PRO D 296 11.23 12.62 15.07
C PRO D 296 12.42 12.52 16.03
N SER D 297 12.21 12.06 17.26
CA SER D 297 13.31 11.87 18.20
C SER D 297 14.30 10.81 17.73
N VAL D 298 13.82 9.79 17.02
CA VAL D 298 14.69 8.72 16.56
C VAL D 298 15.62 9.23 15.47
N PHE D 299 15.07 9.90 14.46
CA PHE D 299 15.89 10.42 13.37
C PHE D 299 16.70 11.64 13.78
N SER D 300 16.34 12.26 14.91
CA SER D 300 17.15 13.33 15.48
C SER D 300 18.28 12.82 16.36
N SER D 301 18.11 11.67 17.00
CA SER D 301 19.12 11.17 17.91
C SER D 301 20.01 10.08 17.33
N LEU D 302 19.69 9.55 16.16
CA LEU D 302 20.68 8.71 15.46
C LEU D 302 21.92 9.47 15.01
N PRO D 303 21.86 10.69 14.43
CA PRO D 303 23.12 11.39 14.15
C PRO D 303 23.86 11.85 15.38
N LYS D 304 23.20 12.08 16.51
CA LYS D 304 23.95 12.40 17.71
C LYS D 304 24.73 11.22 18.25
N LEU D 305 24.31 10.00 17.94
CA LEU D 305 25.06 8.79 18.28
C LEU D 305 26.12 8.44 17.26
N LEU D 306 25.83 8.59 15.97
CA LEU D 306 26.73 8.08 14.95
C LEU D 306 27.81 9.08 14.56
N GLU D 307 27.63 10.37 14.80
CA GLU D 307 28.68 11.32 14.48
C GLU D 307 29.81 11.33 15.51
N ARG D 308 29.66 10.65 16.64
CA ARG D 308 30.66 10.64 17.68
C ARG D 308 31.81 9.68 17.43
N ALA D 309 31.80 8.96 16.30
CA ALA D 309 32.79 7.93 16.04
C ALA D 309 33.40 8.16 14.66
N GLY D 310 34.63 8.66 14.64
CA GLY D 310 35.35 8.87 13.41
C GLY D 310 36.76 9.34 13.70
N PRO D 311 37.37 10.03 12.74
CA PRO D 311 38.69 10.61 13.00
C PRO D 311 38.59 11.78 13.97
N ALA D 312 39.73 12.08 14.58
CA ALA D 312 39.80 12.97 15.72
C ALA D 312 41.21 13.53 15.78
N PRO D 313 41.45 14.59 16.58
CA PRO D 313 42.84 15.02 16.77
C PRO D 313 43.73 13.99 17.45
N LYS D 314 43.26 13.36 18.52
CA LYS D 314 44.00 12.31 19.21
C LYS D 314 43.32 10.98 18.91
N GLY D 315 43.95 10.17 18.07
CA GLY D 315 43.41 8.86 17.76
C GLY D 315 42.20 8.94 16.86
N SER D 316 41.53 7.80 16.72
CA SER D 316 40.34 7.70 15.87
C SER D 316 39.55 6.47 16.27
N ILE D 317 38.24 6.54 16.08
CA ILE D 317 37.34 5.41 16.34
C ILE D 317 36.84 4.88 15.01
N THR D 318 37.28 3.69 14.64
CA THR D 318 36.72 2.97 13.51
C THR D 318 35.51 2.23 14.03
N ALA D 319 34.35 2.45 13.41
CA ALA D 319 33.11 1.90 13.94
C ALA D 319 32.44 1.01 12.89
N ILE D 320 31.87 -0.10 13.35
CA ILE D 320 31.17 -1.05 12.49
C ILE D 320 29.83 -1.37 13.14
N TYR D 321 28.75 -0.87 12.55
CA TYR D 321 27.41 -0.99 13.09
C TYR D 321 26.62 -1.97 12.24
N THR D 322 25.90 -2.90 12.87
CA THR D 322 25.02 -3.77 12.12
C THR D 322 23.59 -3.23 12.20
N VAL D 323 22.84 -3.39 11.12
CA VAL D 323 21.50 -2.84 11.00
C VAL D 323 20.56 -3.95 10.53
N LEU D 324 19.49 -4.18 11.29
CA LEU D 324 18.45 -5.13 10.94
C LEU D 324 17.35 -4.42 10.18
N LEU D 325 16.81 -5.06 9.17
CA LEU D 325 15.78 -4.45 8.32
C LEU D 325 14.43 -5.08 8.63
N GLU D 326 13.36 -4.30 8.48
CA GLU D 326 12.01 -4.74 8.84
C GLU D 326 11.45 -5.79 7.89
N SER D 327 12.12 -6.02 6.78
CA SER D 327 11.88 -7.12 5.87
C SER D 327 13.24 -7.43 5.30
N ASP D 328 13.32 -8.04 4.14
CA ASP D 328 14.58 -7.95 3.45
C ASP D 328 14.65 -6.73 2.53
N ASN D 329 13.79 -5.74 2.73
CA ASN D 329 13.91 -4.50 1.96
C ASN D 329 15.01 -3.63 2.53
N VAL D 330 15.90 -3.18 1.65
CA VAL D 330 16.98 -2.30 2.10
C VAL D 330 16.45 -0.88 2.30
N ASN D 331 15.30 -0.57 1.70
CA ASN D 331 14.72 0.76 1.78
C ASN D 331 13.72 0.84 2.94
N ASP D 332 14.26 0.62 4.13
CA ASP D 332 13.53 0.71 5.39
C ASP D 332 13.48 2.20 5.74
N PRO D 333 12.73 2.59 6.77
CA PRO D 333 13.00 3.91 7.37
C PRO D 333 14.38 4.00 8.02
N ILE D 334 14.63 3.11 8.97
CA ILE D 334 15.90 3.11 9.69
C ILE D 334 17.04 2.67 8.79
N GLY D 335 16.78 1.74 7.88
CA GLY D 335 17.82 1.31 6.94
C GLY D 335 18.29 2.43 6.03
N ASP D 336 17.34 3.19 5.48
CA ASP D 336 17.70 4.31 4.62
C ASP D 336 18.35 5.45 5.40
N GLU D 337 17.87 5.72 6.61
CA GLU D 337 18.44 6.84 7.37
C GLU D 337 19.86 6.53 7.83
N VAL D 338 20.10 5.32 8.36
CA VAL D 338 21.44 4.94 8.79
C VAL D 338 22.35 4.72 7.59
N ARG D 339 21.79 4.41 6.41
CA ARG D 339 22.62 4.39 5.20
C ARG D 339 23.03 5.79 4.78
N SER D 340 22.17 6.78 5.02
CA SER D 340 22.54 8.14 4.67
C SER D 340 23.43 8.81 5.71
N ILE D 341 23.59 8.23 6.90
CA ILE D 341 24.50 8.78 7.90
C ILE D 341 25.89 8.15 7.82
N LEU D 342 25.98 6.84 7.62
CA LEU D 342 27.26 6.14 7.73
C LEU D 342 28.11 6.33 6.48
N ASP D 343 29.41 5.99 6.63
CA ASP D 343 30.42 6.19 5.60
C ASP D 343 30.67 4.95 4.77
N GLY D 344 29.75 4.01 4.76
CA GLY D 344 29.90 2.79 3.99
C GLY D 344 28.84 1.81 4.39
N HIS D 345 28.28 1.09 3.43
CA HIS D 345 27.22 0.16 3.74
C HIS D 345 27.47 -1.17 3.03
N ILE D 346 27.26 -2.26 3.77
CA ILE D 346 27.52 -3.63 3.31
C ILE D 346 26.18 -4.34 3.34
N VAL D 347 25.56 -4.56 2.19
CA VAL D 347 24.21 -5.09 2.15
C VAL D 347 24.27 -6.59 1.96
N LEU D 348 23.68 -7.33 2.90
CA LEU D 348 23.59 -8.78 2.82
C LEU D 348 22.16 -9.15 2.45
N THR D 349 22.01 -10.11 1.56
CA THR D 349 20.71 -10.44 0.99
C THR D 349 20.35 -11.88 1.34
N ARG D 350 19.06 -12.15 1.55
CA ARG D 350 18.63 -13.49 1.88
C ARG D 350 18.70 -14.41 0.68
N GLU D 351 18.49 -13.91 -0.52
CA GLU D 351 18.51 -14.79 -1.68
C GLU D 351 19.92 -15.14 -2.13
N LEU D 352 20.95 -14.65 -1.47
CA LEU D 352 22.26 -15.24 -1.56
C LEU D 352 22.57 -16.11 -0.35
N ALA D 353 21.68 -16.16 0.62
CA ALA D 353 21.83 -17.11 1.71
C ALA D 353 20.96 -18.35 1.51
N GLU D 354 19.98 -18.28 0.61
CA GLU D 354 19.25 -19.47 0.18
C GLU D 354 20.10 -20.36 -0.71
N GLU D 355 21.20 -19.84 -1.24
CA GLU D 355 22.00 -20.50 -2.24
C GLU D 355 23.32 -21.02 -1.71
N ASN D 356 23.52 -20.97 -0.38
CA ASN D 356 24.78 -21.27 0.30
C ASN D 356 25.94 -20.46 -0.29
N HIS D 357 25.68 -19.18 -0.53
CA HIS D 357 26.71 -18.22 -0.92
C HIS D 357 27.03 -17.35 0.29
N PHE D 358 28.01 -17.80 1.06
CA PHE D 358 28.31 -17.07 2.28
C PHE D 358 29.74 -16.55 2.28
N PRO D 359 30.02 -15.31 2.73
CA PRO D 359 29.14 -14.29 3.27
C PRO D 359 28.29 -13.65 2.18
N ALA D 360 27.04 -13.35 2.50
CA ALA D 360 26.00 -13.20 1.49
C ALA D 360 25.92 -11.80 0.93
N ILE D 361 27.02 -11.06 0.92
CA ILE D 361 26.96 -9.62 0.67
C ILE D 361 26.67 -9.38 -0.81
N ASP D 362 25.83 -8.39 -1.07
CA ASP D 362 25.42 -8.01 -2.42
C ASP D 362 26.39 -6.93 -2.88
N ILE D 363 27.22 -7.26 -3.87
CA ILE D 363 28.31 -6.36 -4.24
C ILE D 363 27.78 -5.13 -4.96
N GLY D 364 26.74 -5.31 -5.78
CA GLY D 364 26.22 -4.18 -6.52
C GLY D 364 25.44 -3.20 -5.68
N LEU D 365 24.89 -3.66 -4.56
CA LEU D 365 24.03 -2.83 -3.74
C LEU D 365 24.77 -2.23 -2.54
N SER D 366 26.03 -2.60 -2.35
CA SER D 366 26.85 -2.12 -1.25
C SER D 366 28.00 -1.27 -1.77
N ALA D 367 28.46 -0.35 -0.94
CA ALA D 367 29.49 0.61 -1.36
C ALA D 367 30.42 0.89 -0.20
N SER D 368 31.45 1.69 -0.49
CA SER D 368 32.48 2.02 0.48
C SER D 368 32.99 3.42 0.16
N ARG D 369 32.59 4.40 0.95
CA ARG D 369 32.80 5.78 0.56
C ARG D 369 34.21 6.27 0.78
N VAL D 370 35.17 5.44 1.16
CA VAL D 370 36.51 5.98 1.37
C VAL D 370 37.57 5.16 0.66
N MET D 371 37.17 4.31 -0.29
CA MET D 371 38.18 3.48 -0.92
C MET D 371 38.82 4.16 -2.12
N HIS D 372 38.30 5.28 -2.58
CA HIS D 372 39.02 6.06 -3.58
C HIS D 372 40.10 6.93 -2.97
N ASN D 373 40.25 6.92 -1.65
CA ASN D 373 41.29 7.66 -0.95
C ASN D 373 42.35 6.77 -0.36
N VAL D 374 42.03 5.51 -0.04
CA VAL D 374 42.91 4.70 0.79
C VAL D 374 43.76 3.73 0.00
N VAL D 375 43.61 3.66 -1.32
CA VAL D 375 44.30 2.65 -2.09
C VAL D 375 44.61 3.16 -3.49
N THR D 376 45.57 2.51 -4.14
CA THR D 376 46.12 2.90 -5.43
C THR D 376 45.09 2.73 -6.54
N SER D 377 45.40 3.27 -7.71
CA SER D 377 44.45 3.26 -8.81
C SER D 377 44.35 1.90 -9.47
N GLU D 378 45.37 1.05 -9.31
CA GLU D 378 45.34 -0.26 -9.95
C GLU D 378 44.35 -1.20 -9.26
N HIS D 379 44.37 -1.22 -7.92
CA HIS D 379 43.37 -1.93 -7.14
C HIS D 379 41.98 -1.37 -7.39
N LEU D 380 41.88 -0.05 -7.60
CA LEU D 380 40.59 0.58 -7.83
C LEU D 380 40.01 0.17 -9.19
N ARG D 381 40.86 0.11 -10.22
CA ARG D 381 40.39 -0.34 -11.53
C ARG D 381 40.04 -1.83 -11.53
N ALA D 382 40.80 -2.64 -10.80
CA ALA D 382 40.48 -4.07 -10.76
C ALA D 382 39.18 -4.32 -10.01
N ALA D 383 38.95 -3.60 -8.92
CA ALA D 383 37.69 -3.74 -8.19
C ALA D 383 36.52 -3.23 -9.00
N ALA D 384 36.73 -2.18 -9.80
CA ALA D 384 35.68 -1.69 -10.68
C ALA D 384 35.33 -2.70 -11.76
N GLU D 385 36.34 -3.37 -12.31
CA GLU D 385 36.05 -4.37 -13.34
C GLU D 385 35.38 -5.62 -12.75
N CYS D 386 35.73 -5.98 -11.51
CA CYS D 386 35.08 -7.13 -10.89
C CYS D 386 33.63 -6.82 -10.54
N LYS D 387 33.35 -5.59 -10.08
CA LYS D 387 31.96 -5.18 -9.83
C LYS D 387 31.15 -5.13 -11.12
N LYS D 388 31.79 -4.66 -12.21
CA LYS D 388 31.10 -4.63 -13.50
C LYS D 388 30.82 -6.04 -14.03
N LEU D 389 31.72 -6.99 -13.78
CA LEU D 389 31.48 -8.36 -14.20
C LEU D 389 30.36 -9.03 -13.39
N ILE D 390 30.30 -8.76 -12.08
CA ILE D 390 29.22 -9.30 -11.26
C ILE D 390 27.87 -8.76 -11.74
N ALA D 391 27.78 -7.44 -11.95
CA ALA D 391 26.52 -6.85 -12.39
C ALA D 391 26.14 -7.28 -13.80
N THR D 392 27.14 -7.51 -14.67
CA THR D 392 26.86 -7.97 -16.02
C THR D 392 26.30 -9.39 -16.03
N TYR D 393 26.89 -10.28 -15.22
CA TYR D 393 26.35 -11.64 -15.15
C TYR D 393 24.96 -11.65 -14.51
N LYS D 394 24.72 -10.79 -13.53
CA LYS D 394 23.38 -10.74 -12.94
C LYS D 394 22.36 -10.15 -13.91
N ASN D 395 22.83 -9.34 -14.87
CA ASN D 395 21.94 -8.87 -15.93
C ASN D 395 21.69 -9.95 -16.99
N VAL D 396 22.64 -10.88 -17.15
CA VAL D 396 22.49 -11.93 -18.16
C VAL D 396 21.78 -13.18 -17.64
N GLU D 397 21.87 -13.47 -16.34
CA GLU D 397 21.61 -14.81 -15.79
C GLU D 397 20.17 -15.27 -15.98
N LEU D 398 19.23 -14.33 -16.13
CA LEU D 398 17.83 -14.71 -16.33
C LEU D 398 17.63 -15.42 -17.65
N LEU D 399 18.21 -14.91 -18.73
CA LEU D 399 18.10 -15.56 -20.02
C LEU D 399 19.17 -16.63 -20.25
N ILE D 400 19.78 -17.15 -19.19
CA ILE D 400 20.48 -18.43 -19.26
C ILE D 400 19.61 -19.55 -18.70
N ARG D 401 18.85 -19.27 -17.64
CA ARG D 401 18.05 -20.31 -17.00
C ARG D 401 16.71 -20.51 -17.71
N ILE D 402 16.48 -19.79 -18.81
CA ILE D 402 15.40 -20.17 -19.72
C ILE D 402 15.90 -20.40 -21.13
N GLY D 403 17.20 -20.66 -21.30
CA GLY D 403 17.76 -21.21 -22.52
C GLY D 403 17.71 -20.33 -23.75
N GLU D 404 18.01 -19.04 -23.61
CA GLU D 404 17.96 -18.13 -24.73
C GLU D 404 19.26 -17.37 -24.96
N TYR D 405 20.23 -17.48 -24.07
CA TYR D 405 21.51 -16.80 -24.28
C TYR D 405 22.32 -17.51 -25.34
N THR D 406 22.73 -16.76 -26.35
CA THR D 406 23.52 -17.28 -27.45
C THR D 406 24.95 -16.77 -27.31
N MET D 407 25.91 -17.68 -27.43
CA MET D 407 27.29 -17.34 -27.15
C MET D 407 27.92 -16.66 -28.36
N GLY D 408 28.79 -15.68 -28.09
CA GLY D 408 29.72 -15.15 -29.07
C GLY D 408 29.34 -13.78 -29.63
N GLN D 409 28.14 -13.30 -29.34
CA GLN D 409 27.66 -12.08 -29.96
C GLN D 409 27.88 -10.84 -29.09
N ASP D 410 27.89 -11.00 -27.77
CA ASP D 410 28.14 -9.90 -26.84
C ASP D 410 29.46 -10.14 -26.13
N PRO D 411 30.49 -9.33 -26.40
CA PRO D 411 31.82 -9.64 -25.85
C PRO D 411 31.94 -9.37 -24.35
N GLU D 412 31.12 -8.47 -23.79
CA GLU D 412 31.17 -8.19 -22.37
C GLU D 412 30.49 -9.26 -21.53
N ALA D 413 29.41 -9.85 -22.02
CA ALA D 413 28.68 -10.85 -21.24
C ALA D 413 29.45 -12.15 -21.16
N ASP D 414 30.15 -12.52 -22.24
CA ASP D 414 30.88 -13.78 -22.28
C ASP D 414 32.00 -13.81 -21.25
N LYS D 415 32.74 -12.71 -21.13
CA LYS D 415 33.79 -12.60 -20.14
C LYS D 415 33.20 -12.49 -18.74
N ALA D 416 31.92 -12.13 -18.64
CA ALA D 416 31.19 -12.17 -17.37
C ALA D 416 30.82 -13.57 -16.96
N ILE D 417 30.74 -14.51 -17.90
CA ILE D 417 30.37 -15.89 -17.61
C ILE D 417 31.60 -16.77 -17.47
N LYS D 418 32.61 -16.56 -18.32
CA LYS D 418 33.83 -17.36 -18.31
C LYS D 418 34.62 -17.20 -17.01
N ASN D 419 34.43 -16.10 -16.29
CA ASN D 419 35.05 -15.92 -15.01
C ASN D 419 34.11 -16.10 -13.83
N ARG D 420 32.90 -16.63 -14.03
CA ARG D 420 31.86 -16.60 -12.99
C ARG D 420 32.29 -17.41 -11.78
N LYS D 421 32.54 -18.70 -11.95
CA LYS D 421 33.06 -19.48 -10.83
C LYS D 421 34.53 -19.20 -10.56
N LEU D 422 35.15 -18.31 -11.33
CA LEU D 422 36.46 -17.82 -10.94
C LEU D 422 36.34 -16.58 -10.06
N ILE D 423 35.29 -15.78 -10.23
CA ILE D 423 35.15 -14.64 -9.32
C ILE D 423 34.49 -15.07 -8.01
N GLN D 424 33.61 -16.08 -8.05
CA GLN D 424 32.82 -16.40 -6.86
C GLN D 424 33.62 -17.14 -5.81
N ASN D 425 34.59 -17.97 -6.19
CA ASN D 425 35.48 -18.54 -5.19
C ASN D 425 36.38 -17.48 -4.57
N PHE D 426 36.51 -16.31 -5.19
CA PHE D 426 37.08 -15.16 -4.50
C PHE D 426 36.07 -14.54 -3.54
N ILE D 427 34.82 -14.41 -3.96
CA ILE D 427 33.89 -13.52 -3.26
C ILE D 427 33.24 -14.19 -2.05
N GLN D 428 33.22 -15.52 -1.99
CA GLN D 428 32.63 -16.24 -0.88
C GLN D 428 33.72 -16.97 -0.10
N GLN D 429 33.48 -17.17 1.19
CA GLN D 429 34.57 -17.44 2.12
C GLN D 429 34.03 -18.15 3.35
N SER D 430 34.83 -19.06 3.90
CA SER D 430 34.48 -19.76 5.12
C SER D 430 34.58 -18.83 6.32
N THR D 431 34.04 -19.28 7.45
CA THR D 431 33.97 -18.47 8.66
C THR D 431 35.30 -18.45 9.39
N LYS D 432 35.92 -19.61 9.57
CA LYS D 432 37.17 -19.74 10.32
C LYS D 432 38.41 -19.48 9.46
N ASP D 433 38.23 -18.87 8.30
CA ASP D 433 39.31 -18.57 7.38
C ASP D 433 39.53 -17.06 7.35
N ILE D 434 40.71 -16.63 7.73
CA ILE D 434 41.10 -15.23 7.59
C ILE D 434 42.21 -15.14 6.55
N SER D 435 42.24 -14.03 5.84
CA SER D 435 43.12 -13.85 4.70
C SER D 435 44.06 -12.68 4.96
N SER D 436 45.15 -12.63 4.21
CA SER D 436 46.03 -11.48 4.26
C SER D 436 45.66 -10.49 3.17
N TYR D 437 46.04 -9.24 3.37
CA TYR D 437 45.73 -8.18 2.42
C TYR D 437 46.51 -8.30 1.12
N GLU D 438 47.66 -8.97 1.14
CA GLU D 438 48.47 -9.11 -0.06
C GLU D 438 47.94 -10.17 -1.01
N LYS D 439 47.65 -11.38 -0.53
CA LYS D 439 47.11 -12.39 -1.42
C LYS D 439 45.66 -12.09 -1.80
N THR D 440 44.99 -11.21 -1.04
CA THR D 440 43.67 -10.71 -1.45
C THR D 440 43.76 -9.93 -2.76
N ILE D 441 44.65 -8.94 -2.83
CA ILE D 441 44.72 -8.13 -4.04
C ILE D 441 45.43 -8.88 -5.16
N GLU D 442 46.29 -9.84 -4.81
CA GLU D 442 46.87 -10.68 -5.87
C GLU D 442 45.83 -11.63 -6.45
N SER D 443 44.94 -12.17 -5.61
CA SER D 443 43.82 -12.95 -6.11
C SER D 443 42.86 -12.10 -6.91
N LEU D 444 42.70 -10.82 -6.55
CA LEU D 444 41.83 -9.94 -7.30
C LEU D 444 42.37 -9.68 -8.71
N PHE D 445 43.68 -9.39 -8.81
CA PHE D 445 44.31 -9.22 -10.12
C PHE D 445 44.28 -10.50 -10.94
N LYS D 446 44.43 -11.65 -10.31
CA LYS D 446 44.36 -12.92 -11.03
C LYS D 446 42.94 -13.26 -11.45
N VAL D 447 41.95 -12.76 -10.70
CA VAL D 447 40.55 -13.09 -10.95
C VAL D 447 39.96 -12.22 -12.05
N VAL D 448 40.27 -10.92 -12.04
CA VAL D 448 39.73 -10.03 -13.06
C VAL D 448 40.28 -10.31 -14.45
N ALA D 449 41.60 -10.26 -14.62
CA ALA D 449 42.20 -10.50 -15.93
C ALA D 449 42.17 -11.98 -16.30
N GLU E 38 9.91 38.24 31.07
CA GLU E 38 8.75 38.62 30.27
C GLU E 38 7.84 37.42 30.01
N GLY E 39 8.07 36.35 30.75
CA GLY E 39 7.27 35.13 30.60
C GLY E 39 7.94 33.92 31.21
N LYS E 40 7.15 32.90 31.50
CA LYS E 40 7.66 31.66 32.08
C LYS E 40 7.46 30.50 31.13
N ILE E 41 8.44 29.59 31.11
CA ILE E 41 8.38 28.38 30.32
C ILE E 41 7.50 27.38 31.05
N ILE E 42 6.54 26.78 30.34
CA ILE E 42 5.61 25.88 30.98
C ILE E 42 5.84 24.41 30.65
N ASN E 43 6.28 24.06 29.43
CA ASN E 43 6.68 22.67 29.25
C ASN E 43 7.85 22.55 28.29
N ILE E 44 8.54 21.42 28.34
CA ILE E 44 9.67 21.10 27.47
C ILE E 44 9.31 19.80 26.78
N GLY E 45 9.30 19.81 25.46
CA GLY E 45 9.13 18.60 24.69
C GLY E 45 10.47 17.99 24.36
N GLY E 46 10.55 17.42 23.17
CA GLY E 46 11.83 16.97 22.65
C GLY E 46 12.49 18.06 21.82
N THR E 47 11.72 18.60 20.88
CA THR E 47 12.23 19.62 19.96
C THR E 47 11.73 21.01 20.29
N ILE E 48 10.74 21.13 21.19
CA ILE E 48 9.90 22.30 21.26
C ILE E 48 9.89 22.83 22.69
N ILE E 49 9.68 24.14 22.81
CA ILE E 49 9.49 24.82 24.09
C ILE E 49 8.11 25.47 24.03
N LYS E 50 7.44 25.57 25.17
CA LYS E 50 6.17 26.29 25.25
C LYS E 50 6.19 27.22 26.45
N ALA E 51 5.72 28.45 26.25
CA ALA E 51 5.83 29.45 27.29
C ALA E 51 4.57 30.29 27.35
N ARG E 52 4.47 31.13 28.38
CA ARG E 52 3.37 32.06 28.52
C ARG E 52 3.90 33.47 28.28
N LEU E 53 3.94 33.86 27.02
CA LEU E 53 4.36 35.18 26.59
C LEU E 53 3.16 35.88 25.96
N PRO E 54 2.40 36.66 26.72
CA PRO E 54 1.23 37.33 26.15
C PRO E 54 1.60 38.45 25.19
N LYS E 55 0.96 38.43 24.02
CA LYS E 55 1.16 39.38 22.93
C LYS E 55 2.62 39.41 22.45
N ALA E 56 3.11 38.23 22.11
CA ALA E 56 4.43 38.08 21.51
C ALA E 56 4.27 37.82 20.01
N ARG E 57 5.19 38.40 19.24
CA ARG E 57 5.16 38.30 17.79
C ARG E 57 5.85 37.03 17.35
N ILE E 58 5.69 36.69 16.07
CA ILE E 58 6.35 35.52 15.52
C ILE E 58 7.66 35.95 14.88
N GLY E 59 8.73 35.23 15.17
CA GLY E 59 10.06 35.60 14.78
C GLY E 59 10.83 36.34 15.85
N ALA E 60 10.12 36.88 16.84
CA ALA E 60 10.74 37.56 17.97
C ALA E 60 11.51 36.55 18.79
N PHE E 61 12.84 36.68 18.84
CA PHE E 61 13.65 35.73 19.57
C PHE E 61 13.99 36.25 20.95
N TYR E 62 13.94 35.34 21.92
CA TYR E 62 14.08 35.58 23.35
C TYR E 62 15.27 34.78 23.85
N LYS E 63 15.95 35.29 24.88
CA LYS E 63 16.94 34.47 25.55
C LYS E 63 16.47 34.11 26.94
N ILE E 64 16.92 32.95 27.40
CA ILE E 64 16.50 32.36 28.66
C ILE E 64 17.39 32.94 29.76
N GLU E 65 16.76 33.59 30.75
CA GLU E 65 17.50 34.39 31.72
C GLU E 65 18.47 33.62 32.61
N PRO E 66 18.18 32.41 33.13
CA PRO E 66 19.24 31.70 33.87
C PRO E 66 20.35 31.14 33.01
N SER E 67 20.14 30.98 31.69
CA SER E 67 20.99 30.05 30.96
C SER E 67 21.52 30.57 29.62
N GLN E 68 21.38 31.86 29.32
CA GLN E 68 22.12 32.60 28.29
C GLN E 68 21.73 32.21 26.85
N ARG E 69 20.93 31.16 26.65
CA ARG E 69 20.68 30.62 25.32
C ARG E 69 19.40 31.19 24.73
N LEU E 70 19.37 31.29 23.40
CA LEU E 70 18.32 31.97 22.65
C LEU E 70 17.24 30.99 22.19
N ALA E 71 16.08 31.55 21.84
CA ALA E 71 14.92 30.79 21.35
C ALA E 71 13.96 31.74 20.66
N GLU E 72 13.40 31.31 19.53
CA GLU E 72 12.51 32.17 18.76
C GLU E 72 11.11 31.58 18.69
N VAL E 73 10.11 32.45 18.55
CA VAL E 73 8.70 32.05 18.61
C VAL E 73 8.27 31.52 17.26
N ILE E 74 7.65 30.34 17.25
CA ILE E 74 7.13 29.78 16.01
C ILE E 74 5.61 29.68 15.99
N ALA E 75 4.91 29.72 17.13
CA ALA E 75 3.46 29.65 17.05
C ALA E 75 2.83 30.39 18.22
N ILE E 76 1.55 30.72 18.07
CA ILE E 76 0.73 31.36 19.08
C ILE E 76 -0.43 30.41 19.40
N ASP E 77 -0.86 30.37 20.66
CA ASP E 77 -2.09 29.70 21.06
C ASP E 77 -2.83 30.55 22.09
N GLU E 78 -2.91 31.85 21.79
CA GLU E 78 -3.70 32.97 22.34
C GLU E 78 -3.30 33.41 23.73
N ASP E 79 -2.52 32.62 24.46
CA ASP E 79 -1.92 33.08 25.70
C ASP E 79 -0.56 32.42 25.81
N GLU E 80 -0.35 31.43 24.98
CA GLU E 80 0.61 30.36 25.19
C GLU E 80 1.33 30.08 23.88
N VAL E 81 2.62 30.37 23.84
CA VAL E 81 3.37 30.45 22.59
C VAL E 81 4.29 29.25 22.49
N PHE E 82 4.55 28.82 21.25
CA PHE E 82 5.51 27.76 20.95
C PHE E 82 6.80 28.40 20.49
N LEU E 83 7.88 28.15 21.22
CA LEU E 83 9.22 28.60 20.89
C LEU E 83 10.08 27.42 20.44
N LEU E 84 11.12 27.74 19.66
CA LEU E 84 12.08 26.77 19.17
C LEU E 84 13.48 27.23 19.58
N PRO E 85 14.22 26.44 20.35
CA PRO E 85 15.49 26.94 20.92
C PRO E 85 16.66 26.76 19.98
N PHE E 86 17.71 27.56 20.21
CA PHE E 86 18.89 27.48 19.35
C PHE E 86 19.81 26.32 19.71
N GLU E 87 19.66 25.73 20.89
CA GLU E 87 20.60 24.72 21.38
C GLU E 87 19.81 23.55 21.93
N HIS E 88 20.49 22.68 22.66
CA HIS E 88 19.86 21.55 23.31
C HIS E 88 19.14 21.98 24.59
N VAL E 89 18.39 21.05 25.16
CA VAL E 89 17.65 21.27 26.40
C VAL E 89 18.30 20.41 27.48
N SER E 90 19.22 21.01 28.25
CA SER E 90 20.00 20.27 29.25
C SER E 90 19.34 20.35 30.62
N GLY E 91 19.20 21.56 31.16
CA GLY E 91 18.43 21.77 32.37
C GLY E 91 17.40 22.84 32.14
N MET E 92 16.13 22.47 32.13
CA MET E 92 15.03 23.33 31.74
C MET E 92 13.90 23.11 32.74
N TYR E 93 13.89 23.90 33.81
CA TYR E 93 12.85 23.71 34.81
C TYR E 93 11.64 24.56 34.45
N CYS E 94 10.48 24.16 34.98
CA CYS E 94 9.25 24.88 34.74
C CYS E 94 9.28 26.26 35.38
N GLY E 95 8.70 27.24 34.71
CA GLY E 95 8.74 28.59 35.20
C GLY E 95 10.05 29.30 34.98
N GLN E 96 10.86 28.82 34.05
CA GLN E 96 12.13 29.47 33.74
C GLN E 96 11.86 30.68 32.86
N TRP E 97 12.54 31.78 33.14
CA TRP E 97 12.15 33.06 32.57
C TRP E 97 12.66 33.21 31.14
N LEU E 98 12.17 34.25 30.47
CA LEU E 98 12.55 34.60 29.11
C LEU E 98 12.66 36.11 29.01
N SER E 99 13.51 36.60 28.13
CA SER E 99 13.70 38.04 28.05
C SER E 99 13.76 38.46 26.59
N TYR E 100 13.11 39.58 26.29
CA TYR E 100 12.97 40.04 24.91
C TYR E 100 14.30 40.50 24.36
N GLN E 101 14.70 39.91 23.23
CA GLN E 101 15.94 40.25 22.57
C GLN E 101 15.72 40.89 21.22
N GLY E 102 14.93 40.27 20.34
CA GLY E 102 14.73 40.85 19.03
C GLY E 102 13.35 40.52 18.47
N ASP E 103 12.95 41.33 17.48
CA ASP E 103 11.67 41.09 16.83
C ASP E 103 11.83 40.19 15.62
N GLU E 104 13.02 40.17 15.03
CA GLU E 104 13.36 39.15 14.04
C GLU E 104 14.86 38.90 14.14
N PHE E 105 15.27 37.74 13.64
CA PHE E 105 16.67 37.34 13.70
C PHE E 105 17.36 37.78 12.42
N LYS E 106 18.49 38.47 12.57
CA LYS E 106 19.27 38.99 11.46
C LYS E 106 20.69 38.46 11.51
N ILE E 107 21.33 38.42 10.34
CA ILE E 107 22.71 37.96 10.24
C ILE E 107 23.59 39.11 9.75
N ARG E 108 24.87 39.03 10.09
CA ARG E 108 25.86 40.03 9.72
C ARG E 108 26.51 39.58 8.43
N VAL E 109 26.31 40.33 7.36
CA VAL E 109 26.95 40.06 6.08
C VAL E 109 27.81 41.25 5.69
N GLY E 110 28.65 41.01 4.69
CA GLY E 110 29.58 42.00 4.20
C GLY E 110 30.52 41.35 3.22
N ASP E 111 31.33 42.19 2.58
CA ASP E 111 32.25 41.70 1.57
C ASP E 111 33.43 40.95 2.18
N ALA E 112 33.71 41.14 3.47
CA ALA E 112 34.83 40.49 4.15
C ALA E 112 34.39 39.16 4.75
N LEU E 113 33.80 38.33 3.88
CA LEU E 113 33.28 37.05 4.28
C LEU E 113 33.85 35.92 3.44
N LEU E 114 34.68 36.22 2.46
CA LEU E 114 35.19 35.22 1.53
C LEU E 114 36.27 34.37 2.17
N GLY E 115 36.39 33.13 1.70
CA GLY E 115 37.38 32.21 2.21
C GLY E 115 37.12 31.72 3.60
N ARG E 116 35.89 31.85 4.09
CA ARG E 116 35.57 31.59 5.48
C ARG E 116 34.57 30.46 5.58
N LEU E 117 34.37 29.99 6.81
CA LEU E 117 33.35 29.00 7.12
C LEU E 117 32.36 29.60 8.09
N ILE E 118 31.08 29.46 7.77
CA ILE E 118 29.97 30.03 8.53
C ILE E 118 29.07 28.86 8.91
N ASP E 119 28.43 28.94 10.07
CA ASP E 119 27.45 27.91 10.39
C ASP E 119 26.09 28.34 9.88
N GLY E 120 25.02 27.66 10.32
CA GLY E 120 23.69 28.02 9.86
C GLY E 120 23.19 29.32 10.46
N ILE E 121 23.60 29.62 11.69
CA ILE E 121 23.18 30.85 12.34
C ILE E 121 23.81 32.06 11.67
N GLY E 122 25.11 32.03 11.44
CA GLY E 122 25.75 33.16 10.79
C GLY E 122 27.12 33.45 11.36
N ARG E 123 27.40 32.91 12.48
CA ARG E 123 28.67 33.14 13.13
C ARG E 123 29.75 32.29 12.49
N PRO E 124 31.01 32.74 12.49
CA PRO E 124 32.08 31.94 11.90
C PRO E 124 32.33 30.66 12.69
N MET E 125 32.76 29.61 11.99
CA MET E 125 32.86 28.30 12.58
C MET E 125 34.29 27.94 12.93
N GLU E 126 35.25 28.51 12.22
CA GLU E 126 36.65 28.39 12.58
C GLU E 126 37.00 29.39 13.67
N SER E 127 37.67 28.91 14.72
CA SER E 127 37.90 29.69 15.92
C SER E 127 39.34 30.09 16.12
N ASN E 128 40.29 29.44 15.45
CA ASN E 128 41.69 29.85 15.54
C ASN E 128 41.97 31.16 14.81
N ILE E 129 41.09 31.56 13.91
CA ILE E 129 41.25 32.76 13.12
C ILE E 129 40.68 33.93 13.92
N VAL E 130 41.14 35.14 13.60
CA VAL E 130 40.54 36.34 14.18
C VAL E 130 39.17 36.57 13.56
N ALA E 131 38.25 37.10 14.37
CA ALA E 131 36.90 37.36 13.91
C ALA E 131 36.89 38.51 12.91
N PRO E 132 36.19 38.39 11.80
CA PRO E 132 36.22 39.43 10.76
C PRO E 132 35.33 40.61 11.13
N TYR E 133 35.23 41.55 10.21
CA TYR E 133 34.35 42.71 10.36
C TYR E 133 33.30 42.66 9.27
N LEU E 134 32.08 42.27 9.66
CA LEU E 134 30.96 42.28 8.73
C LEU E 134 30.20 43.58 8.94
N PRO E 135 30.13 44.46 7.94
CA PRO E 135 29.51 45.78 8.16
C PRO E 135 28.00 45.75 8.33
N PHE E 136 27.28 45.02 7.48
CA PHE E 136 25.84 45.22 7.36
C PHE E 136 25.08 44.04 7.95
N GLU E 137 23.80 44.25 8.20
CA GLU E 137 22.95 43.16 8.67
C GLU E 137 21.76 42.99 7.74
N ARG E 138 21.35 41.74 7.57
CA ARG E 138 20.24 41.39 6.70
C ARG E 138 19.39 40.33 7.35
N SER E 139 18.07 40.46 7.18
CA SER E 139 17.16 39.42 7.61
C SER E 139 17.23 38.26 6.64
N LEU E 140 16.82 37.08 7.12
CA LEU E 140 16.94 35.88 6.32
C LEU E 140 15.78 35.70 5.36
N TYR E 141 14.71 36.44 5.54
CA TYR E 141 13.51 36.32 4.73
C TYR E 141 13.42 37.55 3.84
N ALA E 142 13.83 37.41 2.60
CA ALA E 142 13.65 38.42 1.58
C ALA E 142 12.69 37.87 0.53
N GLU E 143 12.39 38.67 -0.47
CA GLU E 143 11.40 38.33 -1.47
C GLU E 143 12.11 38.13 -2.79
N PRO E 144 11.64 37.21 -3.64
CA PRO E 144 12.26 37.02 -4.96
C PRO E 144 12.11 38.26 -5.84
N PRO E 145 12.95 38.41 -6.86
CA PRO E 145 12.89 39.62 -7.70
C PRO E 145 11.60 39.69 -8.50
N ASP E 146 11.35 40.87 -9.06
CA ASP E 146 10.17 41.09 -9.86
C ASP E 146 10.29 40.30 -11.15
N PRO E 147 9.30 39.45 -11.49
CA PRO E 147 9.43 38.57 -12.65
C PRO E 147 9.42 39.30 -13.97
N LEU E 148 8.96 40.56 -14.00
CA LEU E 148 9.03 41.38 -15.20
C LEU E 148 10.39 42.06 -15.34
N LEU E 149 11.25 41.96 -14.34
CA LEU E 149 12.56 42.59 -14.37
C LEU E 149 13.71 41.59 -14.36
N ARG E 150 13.41 40.29 -14.39
CA ARG E 150 14.47 39.30 -14.54
C ARG E 150 14.99 39.33 -15.98
N GLN E 151 16.27 39.02 -16.13
CA GLN E 151 16.90 39.02 -17.44
C GLN E 151 16.52 37.74 -18.20
N VAL E 152 17.09 37.56 -19.38
CA VAL E 152 16.81 36.41 -20.22
C VAL E 152 18.09 35.58 -20.31
N ILE E 153 18.00 34.30 -19.96
CA ILE E 153 19.16 33.43 -19.92
C ILE E 153 19.58 33.07 -21.33
N ASP E 154 20.81 33.42 -21.70
CA ASP E 154 21.28 33.18 -23.05
C ASP E 154 22.65 32.52 -23.14
N GLN E 155 23.53 32.71 -22.15
CA GLN E 155 24.90 32.24 -22.28
C GLN E 155 25.14 31.05 -21.35
N PRO E 156 25.99 30.09 -21.73
CA PRO E 156 26.12 28.87 -20.94
C PRO E 156 26.94 29.04 -19.67
N PHE E 157 26.69 28.14 -18.73
CA PHE E 157 27.46 28.03 -17.50
C PHE E 157 28.29 26.76 -17.65
N ILE E 158 29.59 26.93 -17.83
CA ILE E 158 30.49 25.81 -18.06
C ILE E 158 30.62 25.03 -16.76
N LEU E 159 30.21 23.77 -16.79
CA LEU E 159 30.00 23.00 -15.56
C LEU E 159 31.12 22.03 -15.25
N GLY E 160 31.71 21.41 -16.27
CA GLY E 160 32.87 20.57 -16.04
C GLY E 160 32.66 19.12 -16.39
N VAL E 161 31.45 18.62 -16.17
CA VAL E 161 31.14 17.23 -16.48
C VAL E 161 30.66 17.14 -17.92
N ARG E 162 31.14 16.14 -18.65
CA ARG E 162 30.87 16.04 -20.08
C ARG E 162 29.40 15.77 -20.38
N ALA E 163 28.68 15.10 -19.48
CA ALA E 163 27.28 14.82 -19.74
C ALA E 163 26.42 16.06 -19.59
N ILE E 164 26.68 16.89 -18.56
CA ILE E 164 25.85 18.05 -18.27
C ILE E 164 26.48 19.27 -18.96
N ASP E 165 27.34 19.02 -19.93
CA ASP E 165 27.71 20.06 -20.88
C ASP E 165 27.36 19.69 -22.29
N GLY E 166 27.49 18.41 -22.65
CA GLY E 166 27.23 18.00 -24.01
C GLY E 166 25.79 17.61 -24.23
N LEU E 167 25.08 17.26 -23.17
CA LEU E 167 23.72 16.78 -23.33
C LEU E 167 22.69 17.61 -22.59
N LEU E 168 23.03 18.14 -21.43
CA LEU E 168 22.08 18.94 -20.67
C LEU E 168 22.81 20.21 -20.28
N THR E 169 22.87 21.18 -21.19
CA THR E 169 23.72 22.35 -20.98
C THR E 169 23.03 23.31 -20.03
N CYS E 170 23.79 23.84 -19.07
CA CYS E 170 23.25 24.77 -18.09
C CYS E 170 23.58 26.20 -18.46
N GLY E 171 22.62 27.10 -18.24
CA GLY E 171 22.81 28.51 -18.48
C GLY E 171 23.15 29.25 -17.21
N ILE E 172 23.61 30.48 -17.36
CA ILE E 172 23.97 31.30 -16.20
C ILE E 172 22.71 31.94 -15.66
N GLY E 173 22.23 31.45 -14.52
CA GLY E 173 20.95 31.83 -13.98
C GLY E 173 19.94 30.71 -13.93
N GLN E 174 20.33 29.48 -14.22
CA GLN E 174 19.41 28.35 -14.19
C GLN E 174 19.47 27.68 -12.83
N ARG E 175 18.31 27.25 -12.34
CA ARG E 175 18.20 26.51 -11.09
C ARG E 175 18.00 25.04 -11.45
N ILE E 176 19.04 24.23 -11.31
CA ILE E 176 18.92 22.81 -11.56
C ILE E 176 18.92 22.07 -10.24
N GLY E 177 18.43 20.84 -10.25
CA GLY E 177 18.42 20.01 -9.06
C GLY E 177 18.87 18.61 -9.41
N ILE E 178 19.52 17.95 -8.45
CA ILE E 178 20.08 16.63 -8.66
C ILE E 178 19.33 15.66 -7.77
N PHE E 179 18.62 14.72 -8.37
CA PHE E 179 17.65 13.88 -7.68
C PHE E 179 18.16 12.46 -7.60
N ALA E 180 18.39 11.95 -6.39
CA ALA E 180 18.82 10.58 -6.23
C ALA E 180 18.42 10.08 -4.85
N GLY E 181 18.62 8.79 -4.63
CA GLY E 181 18.35 8.17 -3.34
C GLY E 181 19.50 8.34 -2.38
N SER E 182 19.89 7.29 -1.66
CA SER E 182 21.02 7.39 -0.72
C SER E 182 22.31 6.95 -1.38
N GLY E 183 23.37 7.72 -1.18
CA GLY E 183 24.67 7.26 -1.63
C GLY E 183 24.70 6.89 -3.09
N VAL E 184 23.92 7.56 -3.93
CA VAL E 184 23.97 7.30 -5.35
C VAL E 184 24.99 8.19 -6.05
N GLY E 185 25.44 9.27 -5.40
CA GLY E 185 26.46 10.11 -6.01
C GLY E 185 26.09 11.56 -6.17
N LYS E 186 25.24 12.08 -5.28
CA LYS E 186 24.92 13.50 -5.30
C LYS E 186 26.09 14.35 -4.85
N SER E 187 26.70 14.00 -3.72
CA SER E 187 27.83 14.80 -3.25
C SER E 187 29.07 14.63 -4.10
N THR E 188 29.25 13.49 -4.76
CA THR E 188 30.42 13.34 -5.62
C THR E 188 30.29 14.17 -6.87
N LEU E 189 29.07 14.37 -7.35
CA LEU E 189 28.82 15.19 -8.53
C LEU E 189 28.96 16.66 -8.20
N LEU E 190 28.60 17.08 -6.98
CA LEU E 190 28.92 18.44 -6.58
C LEU E 190 30.41 18.66 -6.40
N GLY E 191 31.16 17.63 -6.03
CA GLY E 191 32.61 17.77 -6.05
C GLY E 191 33.17 17.97 -7.44
N MET E 192 32.62 17.25 -8.42
CA MET E 192 33.06 17.40 -9.81
C MET E 192 32.66 18.75 -10.39
N ILE E 193 31.48 19.27 -10.00
CA ILE E 193 31.06 20.58 -10.46
C ILE E 193 31.88 21.68 -9.78
N CYS E 194 32.03 21.60 -8.47
CA CYS E 194 32.68 22.63 -7.69
C CYS E 194 34.18 22.69 -7.96
N ASN E 195 34.77 21.58 -8.40
CA ASN E 195 36.16 21.57 -8.81
C ASN E 195 36.34 22.36 -10.10
N GLY E 196 35.60 21.99 -11.15
CA GLY E 196 35.66 22.70 -12.42
C GLY E 196 34.60 23.76 -12.60
N ALA E 197 34.47 24.68 -11.66
CA ALA E 197 33.52 25.78 -11.77
C ALA E 197 34.26 27.09 -12.05
N SER E 198 33.63 27.95 -12.84
CA SER E 198 34.25 29.16 -13.36
C SER E 198 33.56 30.42 -12.86
N ALA E 199 32.73 30.29 -11.83
CA ALA E 199 31.91 31.39 -11.35
C ALA E 199 32.76 32.43 -10.61
N ASP E 200 32.24 33.66 -10.57
CA ASP E 200 32.98 34.75 -9.96
C ASP E 200 33.01 34.65 -8.44
N ILE E 201 32.04 33.95 -7.85
CA ILE E 201 31.96 33.73 -6.41
C ILE E 201 31.07 32.53 -6.11
N ILE E 202 31.52 31.64 -5.24
CA ILE E 202 30.86 30.37 -4.98
C ILE E 202 30.40 30.36 -3.52
N VAL E 203 29.10 30.13 -3.30
CA VAL E 203 28.57 29.91 -1.96
C VAL E 203 28.13 28.46 -1.89
N LEU E 204 28.78 27.68 -1.03
CA LEU E 204 28.52 26.26 -0.89
C LEU E 204 27.81 26.01 0.43
N ALA E 205 26.58 25.51 0.36
CA ALA E 205 25.80 25.22 1.54
C ALA E 205 25.76 23.73 1.78
N LEU E 206 26.39 23.28 2.86
CA LEU E 206 26.40 21.88 3.26
C LEU E 206 25.41 21.74 4.40
N ILE E 207 24.17 21.38 4.08
CA ILE E 207 23.06 21.43 5.03
C ILE E 207 22.77 20.01 5.50
N GLY E 208 22.95 19.77 6.81
CA GLY E 208 22.55 18.56 7.49
C GLY E 208 23.20 17.27 7.02
N GLU E 209 24.53 17.28 6.87
CA GLU E 209 25.30 16.14 6.38
C GLU E 209 26.49 15.84 7.30
N ARG E 210 27.24 14.79 7.01
CA ARG E 210 28.32 14.38 7.90
C ARG E 210 29.43 15.40 8.09
N GLY E 211 29.84 15.59 9.34
CA GLY E 211 30.96 16.46 9.62
C GLY E 211 32.25 16.06 8.95
N ARG E 212 32.36 14.79 8.54
CA ARG E 212 33.60 14.28 7.97
C ARG E 212 33.95 15.00 6.66
N GLU E 213 32.95 15.29 5.87
CA GLU E 213 33.15 15.65 4.47
C GLU E 213 33.37 17.14 4.24
N VAL E 214 33.44 17.96 5.28
CA VAL E 214 33.76 19.37 5.08
C VAL E 214 35.22 19.54 4.63
N ASN E 215 36.12 18.71 5.15
CA ASN E 215 37.51 18.66 4.74
C ASN E 215 37.69 18.00 3.39
N GLU E 216 36.79 17.09 3.00
CA GLU E 216 36.87 16.52 1.67
C GLU E 216 36.39 17.47 0.58
N PHE E 217 35.50 18.41 0.91
CA PHE E 217 35.22 19.49 -0.03
C PHE E 217 36.33 20.52 -0.06
N LEU E 218 36.97 20.80 1.08
CA LEU E 218 38.08 21.74 1.05
C LEU E 218 39.35 21.13 0.45
N ALA E 219 39.38 19.80 0.27
CA ALA E 219 40.53 19.16 -0.35
C ALA E 219 40.48 19.23 -1.86
N LEU E 220 39.30 19.48 -2.45
CA LEU E 220 39.17 19.67 -3.89
C LEU E 220 38.74 21.08 -4.25
N LEU E 221 38.98 22.05 -3.38
CA LEU E 221 38.90 23.47 -3.70
C LEU E 221 40.32 24.01 -3.79
N PRO E 222 40.82 24.35 -4.97
CA PRO E 222 42.10 25.05 -5.06
C PRO E 222 42.01 26.45 -4.49
N GLN E 223 43.18 27.04 -4.23
CA GLN E 223 43.28 28.36 -3.61
C GLN E 223 42.66 29.46 -4.46
N SER E 224 42.68 29.31 -5.79
CA SER E 224 42.08 30.31 -6.68
C SER E 224 40.56 30.34 -6.54
N THR E 225 39.94 29.24 -6.16
CA THR E 225 38.50 29.22 -5.93
C THR E 225 38.14 29.08 -4.46
N LEU E 226 39.12 28.92 -3.58
CA LEU E 226 38.89 29.00 -2.14
C LEU E 226 39.07 30.42 -1.61
N SER E 227 39.75 31.28 -2.37
CA SER E 227 39.85 32.69 -1.99
C SER E 227 38.58 33.47 -2.27
N LYS E 228 37.58 32.87 -2.93
CA LYS E 228 36.34 33.54 -3.24
C LYS E 228 35.11 32.67 -2.94
N CYS E 229 35.23 31.74 -1.99
CA CYS E 229 34.16 30.81 -1.67
C CYS E 229 33.73 31.00 -0.23
N VAL E 230 32.42 30.89 0.01
CA VAL E 230 31.84 30.97 1.34
C VAL E 230 31.15 29.65 1.62
N LEU E 231 31.62 28.91 2.62
CA LEU E 231 31.00 27.65 3.00
C LEU E 231 30.08 27.86 4.20
N VAL E 232 28.78 27.68 3.99
CA VAL E 232 27.81 27.67 5.06
C VAL E 232 27.54 26.22 5.38
N VAL E 233 28.15 25.71 6.44
CA VAL E 233 28.13 24.28 6.77
C VAL E 233 27.41 24.07 8.09
N THR E 234 26.40 23.21 8.07
CA THR E 234 25.81 22.70 9.31
C THR E 234 25.72 21.18 9.21
N THR E 235 26.00 20.54 10.32
CA THR E 235 26.20 19.10 10.41
C THR E 235 24.89 18.47 10.89
N SER E 236 24.73 17.17 10.63
CA SER E 236 23.47 16.49 10.90
C SER E 236 23.17 16.32 12.39
N ASP E 237 24.12 16.61 13.26
CA ASP E 237 23.91 16.50 14.69
C ASP E 237 23.45 17.81 15.31
N ARG E 238 23.51 18.90 14.55
CA ARG E 238 23.16 20.22 15.03
C ARG E 238 21.65 20.31 15.26
N PRO E 239 21.20 21.22 16.17
CA PRO E 239 19.75 21.32 16.45
C PRO E 239 18.90 21.77 15.26
N ALA E 240 17.58 21.76 15.46
CA ALA E 240 16.63 21.76 14.35
C ALA E 240 16.64 23.06 13.55
N LEU E 241 16.75 24.21 14.20
CA LEU E 241 16.59 25.41 13.40
C LEU E 241 17.89 25.90 12.78
N GLU E 242 19.06 25.46 13.26
CA GLU E 242 20.27 25.74 12.50
C GLU E 242 20.24 24.99 11.18
N ARG E 243 19.82 23.73 11.23
CA ARG E 243 19.62 22.93 10.04
C ARG E 243 18.44 23.42 9.20
N MET E 244 17.51 24.17 9.80
CA MET E 244 16.40 24.74 9.07
C MET E 244 16.71 26.13 8.49
N LYS E 245 17.70 26.82 9.02
CA LYS E 245 17.99 28.20 8.61
C LYS E 245 19.32 28.36 7.90
N ALA E 246 20.09 27.29 7.72
CA ALA E 246 21.31 27.39 6.93
C ALA E 246 21.03 27.66 5.46
N ALA E 247 19.90 27.17 4.94
CA ALA E 247 19.53 27.45 3.56
C ALA E 247 19.22 28.92 3.36
N PHE E 248 18.52 29.52 4.31
CA PHE E 248 18.23 30.94 4.28
C PHE E 248 19.50 31.77 4.45
N THR E 249 20.45 31.31 5.28
CA THR E 249 21.71 32.04 5.44
C THR E 249 22.53 32.02 4.16
N ALA E 250 22.59 30.86 3.49
CA ALA E 250 23.32 30.77 2.23
C ALA E 250 22.67 31.62 1.14
N THR E 251 21.34 31.62 1.07
CA THR E 251 20.68 32.43 0.05
C THR E 251 20.80 33.92 0.36
N THR E 252 20.85 34.29 1.65
CA THR E 252 21.06 35.69 2.02
C THR E 252 22.45 36.17 1.61
N ILE E 253 23.48 35.35 1.86
CA ILE E 253 24.84 35.70 1.44
C ILE E 253 24.94 35.77 -0.08
N ALA E 254 24.26 34.85 -0.78
CA ALA E 254 24.26 34.85 -2.23
C ALA E 254 23.54 36.06 -2.79
N GLU E 255 22.45 36.50 -2.17
CA GLU E 255 21.77 37.70 -2.63
C GLU E 255 22.57 38.96 -2.33
N TYR E 256 23.36 38.97 -1.25
CA TYR E 256 24.24 40.10 -0.99
C TYR E 256 25.28 40.24 -2.10
N PHE E 257 26.01 39.16 -2.37
CA PHE E 257 27.01 39.26 -3.43
C PHE E 257 26.39 39.30 -4.82
N ARG E 258 25.11 38.99 -4.96
CA ARG E 258 24.41 39.25 -6.22
C ARG E 258 24.13 40.73 -6.36
N ASP E 259 23.64 41.37 -5.30
CA ASP E 259 23.32 42.80 -5.34
C ASP E 259 24.56 43.67 -5.43
N GLN E 260 25.75 43.14 -5.12
CA GLN E 260 26.96 43.88 -5.50
C GLN E 260 27.11 43.96 -7.01
N GLY E 261 26.66 42.94 -7.75
CA GLY E 261 26.60 43.06 -9.19
C GLY E 261 27.27 41.96 -9.97
N LYS E 262 27.65 40.87 -9.31
CA LYS E 262 28.41 39.79 -9.92
C LYS E 262 27.61 38.50 -9.87
N ASN E 263 27.84 37.63 -10.85
CA ASN E 263 27.13 36.36 -10.87
C ASN E 263 27.77 35.36 -9.92
N VAL E 264 26.92 34.57 -9.27
CA VAL E 264 27.31 33.79 -8.10
C VAL E 264 26.72 32.39 -8.21
N LEU E 265 27.54 31.39 -7.92
CA LEU E 265 27.12 30.01 -7.88
C LEU E 265 26.76 29.57 -6.46
N LEU E 266 25.51 29.21 -6.26
CA LEU E 266 25.02 28.67 -5.01
C LEU E 266 24.77 27.18 -5.18
N MET E 267 25.31 26.38 -4.27
CA MET E 267 25.18 24.93 -4.34
C MET E 267 24.74 24.41 -2.99
N MET E 268 23.48 24.01 -2.88
CA MET E 268 22.98 23.44 -1.64
C MET E 268 23.07 21.92 -1.69
N ASP E 269 23.51 21.33 -0.59
CA ASP E 269 23.68 19.89 -0.49
C ASP E 269 22.58 19.38 0.42
N SER E 270 21.63 18.66 -0.17
CA SER E 270 20.46 18.07 0.49
C SER E 270 19.61 19.17 1.15
N VAL E 271 18.88 19.88 0.29
CA VAL E 271 17.77 20.73 0.72
C VAL E 271 16.62 19.89 1.31
N THR E 272 16.61 18.57 1.07
CA THR E 272 15.72 17.67 1.78
C THR E 272 15.99 17.67 3.28
N ARG E 273 17.21 17.98 3.71
CA ARG E 273 17.49 18.14 5.13
C ARG E 273 16.83 19.37 5.71
N TYR E 274 16.78 20.47 4.95
CA TYR E 274 15.90 21.59 5.31
C TYR E 274 14.45 21.14 5.40
N ALA E 275 13.99 20.36 4.43
CA ALA E 275 12.58 19.97 4.37
C ALA E 275 12.17 19.12 5.55
N ARG E 276 13.01 18.16 5.96
CA ARG E 276 12.62 17.33 7.09
C ARG E 276 12.98 17.95 8.43
N ALA E 277 13.90 18.92 8.47
CA ALA E 277 14.03 19.74 9.67
C ALA E 277 12.78 20.58 9.92
N ALA E 278 12.26 21.21 8.86
CA ALA E 278 11.02 21.97 8.96
C ALA E 278 9.83 21.07 9.24
N ARG E 279 9.87 19.83 8.76
CA ARG E 279 8.84 18.85 9.08
C ARG E 279 8.83 18.54 10.58
N ASP E 280 10.00 18.28 11.15
CA ASP E 280 10.08 17.96 12.57
C ASP E 280 9.76 19.17 13.45
N VAL E 281 10.04 20.37 12.95
CA VAL E 281 9.67 21.58 13.70
C VAL E 281 8.18 21.80 13.67
N GLY E 282 7.60 21.90 12.47
CA GLY E 282 6.20 22.27 12.36
C GLY E 282 5.24 21.19 12.80
N LEU E 283 5.59 19.92 12.60
CA LEU E 283 4.65 18.85 12.88
C LEU E 283 4.50 18.62 14.38
N ALA E 284 5.50 19.03 15.17
CA ALA E 284 5.42 18.98 16.62
C ALA E 284 4.91 20.28 17.21
N SER E 285 4.45 21.22 16.37
CA SER E 285 3.85 22.45 16.84
C SER E 285 2.35 22.50 16.57
N GLY E 286 1.67 21.37 16.68
CA GLY E 286 0.23 21.34 16.51
C GLY E 286 -0.25 21.54 15.09
N GLU E 287 0.27 20.78 14.14
CA GLU E 287 0.01 21.01 12.74
C GLU E 287 -0.10 19.67 12.04
N PRO E 288 -1.08 19.47 11.17
CA PRO E 288 -1.39 18.11 10.71
C PRO E 288 -0.49 17.61 9.60
N ASP E 289 -0.29 16.30 9.61
CA ASP E 289 0.21 15.54 8.46
C ASP E 289 -0.62 15.82 7.23
N VAL E 290 0.04 15.98 6.10
CA VAL E 290 -0.64 16.33 4.86
C VAL E 290 -0.27 15.40 3.71
N ARG E 291 1.03 15.24 3.40
CA ARG E 291 1.36 14.34 2.31
C ARG E 291 2.47 13.33 2.59
N GLY E 292 3.37 13.61 3.51
CA GLY E 292 4.41 12.63 3.78
C GLY E 292 4.84 12.58 5.22
N GLY E 293 4.00 13.09 6.09
CA GLY E 293 4.45 13.55 7.37
C GLY E 293 4.70 15.04 7.41
N PHE E 294 4.65 15.69 6.28
CA PHE E 294 4.99 17.10 6.15
C PHE E 294 3.78 17.97 6.43
N PRO E 295 3.97 19.08 7.13
CA PRO E 295 2.87 20.03 7.33
C PRO E 295 2.62 20.83 6.06
N PRO E 296 1.59 21.68 6.02
CA PRO E 296 1.48 22.59 4.87
C PRO E 296 2.54 23.68 4.85
N SER E 297 3.16 23.97 6.00
CA SER E 297 4.14 25.04 6.08
C SER E 297 5.43 24.71 5.33
N VAL E 298 5.76 23.43 5.18
CA VAL E 298 6.90 23.04 4.36
C VAL E 298 6.65 23.38 2.91
N PHE E 299 5.46 23.03 2.40
CA PHE E 299 5.10 23.31 1.02
C PHE E 299 4.79 24.78 0.80
N SER E 300 4.63 25.56 1.86
CA SER E 300 4.51 27.00 1.73
C SER E 300 5.86 27.70 1.76
N SER E 301 6.84 27.20 2.51
CA SER E 301 8.11 27.88 2.66
C SER E 301 9.22 27.36 1.75
N LEU E 302 9.04 26.21 1.12
CA LEU E 302 10.06 25.71 0.20
C LEU E 302 10.02 26.36 -1.20
N PRO E 303 8.87 26.59 -1.86
CA PRO E 303 8.91 27.31 -3.14
C PRO E 303 9.27 28.79 -3.05
N LYS E 304 9.32 29.39 -1.86
CA LYS E 304 9.81 30.75 -1.74
C LYS E 304 11.32 30.80 -1.58
N LEU E 305 11.88 29.86 -0.82
CA LEU E 305 13.33 29.69 -0.77
C LEU E 305 13.90 29.30 -2.12
N LEU E 306 13.22 28.39 -2.81
CA LEU E 306 13.85 27.74 -3.94
C LEU E 306 13.68 28.53 -5.23
N GLU E 307 13.14 29.75 -5.15
CA GLU E 307 12.84 30.59 -6.31
C GLU E 307 13.43 31.98 -6.20
N ARG E 308 13.93 32.37 -5.02
CA ARG E 308 14.65 33.64 -4.85
C ARG E 308 16.09 33.60 -5.33
N ALA E 309 16.48 32.55 -6.03
CA ALA E 309 17.69 32.53 -6.86
C ALA E 309 17.31 32.94 -8.27
N GLY E 310 18.18 32.69 -9.24
CA GLY E 310 17.84 32.90 -10.63
C GLY E 310 18.35 34.21 -11.17
N PRO E 311 17.79 34.66 -12.29
CA PRO E 311 18.20 35.94 -12.88
C PRO E 311 17.71 37.11 -12.05
N ALA E 312 18.20 38.29 -12.39
CA ALA E 312 17.96 39.49 -11.59
C ALA E 312 18.28 40.70 -12.45
N PRO E 313 17.81 41.89 -12.07
CA PRO E 313 18.20 43.10 -12.82
C PRO E 313 19.68 43.42 -12.78
N LYS E 314 20.41 42.98 -11.76
CA LYS E 314 21.87 43.17 -11.70
C LYS E 314 22.46 41.96 -10.99
N GLY E 315 23.16 41.11 -11.74
CA GLY E 315 23.69 39.87 -11.20
C GLY E 315 22.74 38.72 -11.45
N SER E 316 23.19 37.52 -11.05
CA SER E 316 22.40 36.31 -11.27
C SER E 316 22.95 35.22 -10.36
N ILE E 317 22.08 34.65 -9.52
CA ILE E 317 22.42 33.45 -8.77
C ILE E 317 22.10 32.24 -9.62
N THR E 318 23.07 31.36 -9.83
CA THR E 318 22.84 30.07 -10.45
C THR E 318 22.99 28.99 -9.40
N ALA E 319 21.98 28.14 -9.28
CA ALA E 319 21.86 27.27 -8.11
C ALA E 319 21.77 25.82 -8.49
N ILE E 320 22.43 24.98 -7.71
CA ILE E 320 22.42 23.53 -7.87
C ILE E 320 21.99 22.93 -6.55
N TYR E 321 20.82 22.32 -6.52
CA TYR E 321 20.22 21.81 -5.30
C TYR E 321 20.26 20.30 -5.31
N THR E 322 21.12 19.72 -4.49
CA THR E 322 21.05 18.30 -4.21
C THR E 322 19.74 17.97 -3.49
N VAL E 323 19.01 16.98 -3.96
CA VAL E 323 17.73 16.57 -3.39
C VAL E 323 17.83 15.08 -3.05
N LEU E 324 17.57 14.73 -1.80
CA LEU E 324 17.57 13.34 -1.36
C LEU E 324 16.14 12.84 -1.47
N LEU E 325 15.99 11.56 -1.80
CA LEU E 325 14.66 11.01 -1.97
C LEU E 325 14.39 9.95 -0.90
N GLU E 326 13.13 9.85 -0.47
CA GLU E 326 12.75 8.95 0.62
C GLU E 326 13.02 7.50 0.27
N SER E 327 12.31 6.98 -0.73
CA SER E 327 12.67 5.75 -1.38
C SER E 327 13.25 6.11 -2.74
N ASP E 328 13.43 5.10 -3.59
CA ASP E 328 13.78 5.34 -4.98
C ASP E 328 12.55 5.36 -5.88
N ASN E 329 11.37 5.61 -5.31
CA ASN E 329 10.07 5.59 -5.98
C ASN E 329 9.84 6.86 -6.79
N VAL E 330 8.61 7.02 -7.25
CA VAL E 330 8.20 8.18 -8.02
C VAL E 330 7.23 9.07 -7.25
N ASN E 331 6.55 8.52 -6.25
CA ASN E 331 5.60 9.30 -5.46
C ASN E 331 6.24 9.75 -4.14
N ASP E 332 7.23 10.62 -4.26
CA ASP E 332 7.92 11.22 -3.13
C ASP E 332 7.29 12.58 -2.90
N PRO E 333 6.72 12.86 -1.73
CA PRO E 333 5.98 14.12 -1.54
C PRO E 333 6.86 15.36 -1.50
N ILE E 334 8.17 15.22 -1.37
CA ILE E 334 9.06 16.37 -1.34
C ILE E 334 10.03 16.38 -2.51
N GLY E 335 10.12 15.31 -3.28
CA GLY E 335 10.95 15.31 -4.47
C GLY E 335 10.20 15.78 -5.69
N ASP E 336 8.89 15.50 -5.73
CA ASP E 336 8.10 15.77 -6.92
C ASP E 336 7.83 17.26 -7.10
N GLU E 337 7.54 17.97 -6.02
CA GLU E 337 7.23 19.38 -6.20
C GLU E 337 8.49 20.24 -6.33
N VAL E 338 9.62 19.79 -5.77
CA VAL E 338 10.90 20.38 -6.09
C VAL E 338 11.25 20.13 -7.55
N ARG E 339 10.93 18.94 -8.08
CA ARG E 339 11.07 18.70 -9.52
C ARG E 339 10.16 19.62 -10.34
N SER E 340 9.01 19.99 -9.79
CA SER E 340 8.07 20.79 -10.57
C SER E 340 8.39 22.29 -10.55
N ILE E 341 8.98 22.81 -9.47
CA ILE E 341 9.11 24.27 -9.42
C ILE E 341 10.53 24.73 -9.74
N LEU E 342 11.27 23.90 -10.45
CA LEU E 342 12.70 24.13 -10.67
C LEU E 342 13.00 23.84 -12.13
N ASP E 343 13.72 24.74 -12.81
CA ASP E 343 13.82 24.66 -14.27
C ASP E 343 15.06 23.89 -14.70
N GLY E 344 14.95 22.56 -14.68
CA GLY E 344 16.04 21.69 -15.06
C GLY E 344 16.33 20.72 -13.94
N HIS E 345 16.56 19.45 -14.25
CA HIS E 345 16.81 18.45 -13.22
C HIS E 345 17.62 17.28 -13.77
N ILE E 346 18.64 16.87 -13.03
CA ILE E 346 19.51 15.76 -13.37
C ILE E 346 19.13 14.59 -12.47
N VAL E 347 18.68 13.48 -13.04
CA VAL E 347 18.18 12.37 -12.26
C VAL E 347 19.24 11.27 -12.22
N LEU E 348 19.78 11.03 -11.03
CA LEU E 348 20.70 9.94 -10.80
C LEU E 348 19.92 8.73 -10.30
N THR E 349 20.04 7.62 -11.01
CA THR E 349 19.34 6.40 -10.65
C THR E 349 20.38 5.39 -10.19
N ARG E 350 20.10 4.65 -9.11
CA ARG E 350 21.08 3.71 -8.61
C ARG E 350 21.14 2.42 -9.41
N GLU E 351 20.21 2.21 -10.35
CA GLU E 351 20.34 1.05 -11.22
C GLU E 351 21.54 1.16 -12.16
N LEU E 352 22.01 2.36 -12.45
CA LEU E 352 23.27 2.57 -13.15
C LEU E 352 24.45 2.61 -12.18
N ALA E 353 24.22 2.91 -10.92
CA ALA E 353 25.27 2.80 -9.92
C ALA E 353 25.53 1.37 -9.50
N GLU E 354 24.64 0.44 -9.85
CA GLU E 354 24.90 -0.96 -9.53
C GLU E 354 25.75 -1.65 -10.59
N GLU E 355 25.70 -1.17 -11.84
CA GLU E 355 26.64 -1.69 -12.84
C GLU E 355 27.92 -0.86 -12.91
N ASN E 356 28.15 0.01 -11.93
CA ASN E 356 29.36 0.82 -11.81
C ASN E 356 29.55 1.72 -13.03
N HIS E 357 28.55 2.56 -13.26
CA HIS E 357 28.50 3.48 -14.40
C HIS E 357 28.42 4.90 -13.82
N PHE E 358 29.58 5.47 -13.50
CA PHE E 358 29.60 6.70 -12.75
C PHE E 358 30.14 7.85 -13.60
N PRO E 359 29.44 8.99 -13.68
CA PRO E 359 28.24 9.39 -12.94
C PRO E 359 26.96 8.73 -13.45
N ALA E 360 26.06 8.40 -12.52
CA ALA E 360 24.91 7.58 -12.81
C ALA E 360 23.75 8.39 -13.36
N ILE E 361 24.00 9.21 -14.38
CA ILE E 361 23.00 10.10 -14.93
C ILE E 361 22.14 9.31 -15.92
N ASP E 362 20.84 9.27 -15.67
CA ASP E 362 19.92 8.66 -16.61
C ASP E 362 19.45 9.78 -17.54
N ILE E 363 19.94 9.77 -18.77
CA ILE E 363 19.76 10.90 -19.67
C ILE E 363 18.33 10.93 -20.21
N GLY E 364 17.63 9.80 -20.17
CA GLY E 364 16.23 9.81 -20.55
C GLY E 364 15.34 10.41 -19.49
N LEU E 365 15.70 10.25 -18.21
CA LEU E 365 14.89 10.76 -17.12
C LEU E 365 15.25 12.17 -16.71
N SER E 366 16.34 12.73 -17.22
CA SER E 366 16.77 14.06 -16.86
C SER E 366 16.53 15.01 -18.02
N ALA E 367 16.39 16.30 -17.70
CA ALA E 367 16.07 17.30 -18.71
C ALA E 367 16.66 18.64 -18.27
N SER E 368 16.72 19.57 -19.23
CA SER E 368 17.26 20.91 -18.99
C SER E 368 16.46 21.92 -19.81
N ARG E 369 15.48 22.59 -19.17
CA ARG E 369 14.61 23.43 -19.98
C ARG E 369 15.32 24.64 -20.59
N VAL E 370 16.58 24.89 -20.24
CA VAL E 370 17.16 26.18 -20.58
C VAL E 370 18.33 25.96 -21.52
N MET E 371 18.36 24.85 -22.25
CA MET E 371 19.49 24.62 -23.14
C MET E 371 19.19 24.97 -24.58
N HIS E 372 17.93 24.94 -25.02
CA HIS E 372 17.58 25.31 -26.37
C HIS E 372 17.71 26.81 -26.61
N ASN E 373 17.73 27.61 -25.55
CA ASN E 373 17.98 29.04 -25.66
C ASN E 373 19.45 29.38 -25.64
N VAL E 374 20.33 28.42 -25.35
CA VAL E 374 21.71 28.71 -25.02
C VAL E 374 22.67 28.24 -26.11
N VAL E 375 22.61 26.95 -26.45
CA VAL E 375 23.59 26.36 -27.36
C VAL E 375 23.20 26.64 -28.81
N THR E 376 24.13 26.38 -29.72
CA THR E 376 23.85 26.51 -31.14
C THR E 376 22.96 25.38 -31.63
N SER E 377 22.51 25.48 -32.88
CA SER E 377 21.55 24.51 -33.41
C SER E 377 22.22 23.17 -33.70
N GLU E 378 23.47 23.18 -34.17
CA GLU E 378 24.16 21.92 -34.41
C GLU E 378 24.53 21.23 -33.11
N HIS E 379 24.72 21.99 -32.04
CA HIS E 379 24.91 21.40 -30.72
C HIS E 379 23.64 20.71 -30.24
N LEU E 380 22.48 21.32 -30.49
CA LEU E 380 21.19 20.68 -30.21
C LEU E 380 21.01 19.41 -31.02
N ARG E 381 21.41 19.43 -32.29
CA ARG E 381 21.23 18.25 -33.12
C ARG E 381 22.13 17.11 -32.67
N ALA E 382 23.38 17.42 -32.30
CA ALA E 382 24.29 16.39 -31.82
C ALA E 382 23.84 15.81 -30.49
N ALA E 383 23.35 16.67 -29.59
CA ALA E 383 22.86 16.21 -28.30
C ALA E 383 21.64 15.31 -28.46
N ALA E 384 20.67 15.73 -29.28
CA ALA E 384 19.47 14.93 -29.51
C ALA E 384 19.79 13.62 -30.21
N GLU E 385 20.76 13.63 -31.13
CA GLU E 385 21.12 12.43 -31.86
C GLU E 385 21.76 11.39 -30.94
N CYS E 386 22.70 11.82 -30.08
CA CYS E 386 23.31 10.78 -29.26
C CYS E 386 22.47 10.40 -28.04
N LYS E 387 21.55 11.25 -27.58
CA LYS E 387 20.53 10.78 -26.65
C LYS E 387 19.64 9.72 -27.30
N LYS E 388 19.32 9.90 -28.59
CA LYS E 388 18.57 8.90 -29.34
C LYS E 388 19.35 7.61 -29.47
N LEU E 389 20.68 7.70 -29.63
CA LEU E 389 21.51 6.50 -29.71
C LEU E 389 21.57 5.74 -28.39
N ILE E 390 21.65 6.46 -27.26
CA ILE E 390 21.62 5.79 -25.96
C ILE E 390 20.28 5.12 -25.72
N ALA E 391 19.18 5.80 -26.08
CA ALA E 391 17.85 5.21 -25.92
C ALA E 391 17.63 4.02 -26.85
N THR E 392 18.26 4.02 -28.02
CA THR E 392 18.14 2.88 -28.92
C THR E 392 18.94 1.69 -28.40
N TYR E 393 20.16 1.91 -27.93
CA TYR E 393 20.96 0.78 -27.48
C TYR E 393 20.45 0.21 -26.15
N LYS E 394 19.69 0.98 -25.38
CA LYS E 394 19.16 0.40 -24.15
C LYS E 394 18.09 -0.66 -24.37
N ASN E 395 17.57 -0.86 -25.59
CA ASN E 395 16.73 -2.02 -25.83
C ASN E 395 17.13 -2.86 -27.04
N VAL E 396 18.07 -2.40 -27.87
CA VAL E 396 18.65 -3.29 -28.86
C VAL E 396 19.60 -4.29 -28.19
N GLU E 397 20.12 -3.94 -27.01
CA GLU E 397 21.02 -4.78 -26.22
C GLU E 397 20.45 -6.15 -25.90
N LEU E 398 19.14 -6.25 -25.67
CA LEU E 398 18.51 -7.54 -25.37
C LEU E 398 18.58 -8.49 -26.56
N LEU E 399 18.22 -8.02 -27.74
CA LEU E 399 18.27 -8.87 -28.93
C LEU E 399 19.64 -8.91 -29.57
N ILE E 400 20.68 -8.51 -28.86
CA ILE E 400 22.05 -8.94 -29.17
C ILE E 400 22.41 -10.17 -28.35
N ARG E 401 22.00 -10.19 -27.07
CA ARG E 401 22.28 -11.33 -26.22
C ARG E 401 21.44 -12.54 -26.62
N ILE E 402 20.12 -12.38 -26.69
CA ILE E 402 19.28 -13.28 -27.47
C ILE E 402 19.71 -13.15 -28.91
N GLY E 403 20.06 -14.26 -29.54
CA GLY E 403 20.67 -14.18 -30.85
C GLY E 403 19.75 -13.82 -32.01
N GLU E 404 19.05 -12.69 -31.91
CA GLU E 404 18.12 -12.26 -32.94
C GLU E 404 18.46 -10.81 -33.29
N TYR E 405 19.49 -10.64 -34.13
CA TYR E 405 19.79 -9.34 -34.73
C TYR E 405 20.59 -9.60 -35.99
N THR E 406 19.95 -9.47 -37.14
CA THR E 406 20.62 -9.50 -38.42
C THR E 406 21.06 -8.09 -38.76
N MET E 407 22.31 -7.93 -39.19
CA MET E 407 22.93 -6.62 -39.42
C MET E 407 22.24 -5.93 -40.59
N GLY E 408 21.97 -4.64 -40.44
CA GLY E 408 21.48 -3.86 -41.57
C GLY E 408 19.99 -3.64 -41.58
N GLN E 409 19.24 -4.51 -40.88
CA GLN E 409 17.79 -4.41 -40.89
C GLN E 409 17.31 -3.22 -40.06
N ASP E 410 18.08 -2.84 -39.05
CA ASP E 410 17.83 -1.58 -38.38
C ASP E 410 19.10 -0.76 -38.45
N PRO E 411 19.19 0.23 -39.35
CA PRO E 411 20.47 0.93 -39.53
C PRO E 411 20.83 1.83 -38.37
N GLU E 412 19.83 2.49 -37.78
CA GLU E 412 20.04 3.34 -36.61
C GLU E 412 20.56 2.55 -35.42
N ALA E 413 19.95 1.39 -35.16
CA ALA E 413 20.50 0.44 -34.19
C ALA E 413 21.88 -0.04 -34.62
N ASP E 414 22.09 -0.21 -35.93
CA ASP E 414 23.41 -0.53 -36.45
C ASP E 414 24.38 0.62 -36.22
N LYS E 415 23.88 1.84 -36.11
CA LYS E 415 24.69 2.97 -35.73
C LYS E 415 24.80 3.12 -34.21
N ALA E 416 23.91 2.46 -33.46
CA ALA E 416 23.95 2.51 -32.01
C ALA E 416 24.74 1.36 -31.40
N ILE E 417 25.24 0.44 -32.21
CA ILE E 417 26.07 -0.67 -31.74
C ILE E 417 27.51 -0.35 -32.11
N LYS E 418 27.71 0.30 -33.25
CA LYS E 418 29.04 0.66 -33.70
C LYS E 418 29.66 1.74 -32.82
N ASN E 419 28.88 2.76 -32.44
CA ASN E 419 29.36 3.83 -31.60
C ASN E 419 28.98 3.67 -30.13
N ARG E 420 28.90 2.43 -29.64
CA ARG E 420 28.57 2.25 -28.23
C ARG E 420 29.74 2.65 -27.36
N LYS E 421 30.96 2.35 -27.80
CA LYS E 421 32.11 2.56 -26.94
C LYS E 421 32.50 4.03 -26.87
N LEU E 422 32.33 4.76 -27.97
CA LEU E 422 32.61 6.19 -27.97
C LEU E 422 31.63 6.95 -27.08
N ILE E 423 30.36 6.55 -27.12
CA ILE E 423 29.35 7.12 -26.22
C ILE E 423 29.68 6.79 -24.77
N GLN E 424 30.03 5.53 -24.49
CA GLN E 424 30.24 5.14 -23.11
C GLN E 424 31.63 5.54 -22.61
N ASN E 425 32.43 6.19 -23.45
CA ASN E 425 33.55 6.96 -22.92
C ASN E 425 33.26 8.45 -22.87
N PHE E 426 32.26 8.93 -23.62
CA PHE E 426 31.86 10.32 -23.51
C PHE E 426 31.00 10.57 -22.28
N ILE E 427 30.18 9.60 -21.87
CA ILE E 427 29.20 9.83 -20.83
C ILE E 427 29.82 9.74 -19.46
N GLN E 428 30.33 8.57 -19.09
CA GLN E 428 30.90 8.44 -17.75
C GLN E 428 32.37 8.81 -17.77
N GLN E 429 32.78 9.59 -16.78
CA GLN E 429 34.16 10.00 -16.66
C GLN E 429 34.58 9.89 -15.20
N SER E 430 35.88 10.02 -14.97
CA SER E 430 36.43 9.86 -13.64
C SER E 430 36.12 11.10 -12.79
N THR E 431 36.37 10.97 -11.49
CA THR E 431 36.14 12.09 -10.59
C THR E 431 37.16 13.20 -10.79
N LYS E 432 38.42 12.85 -11.01
CA LYS E 432 39.47 13.83 -11.22
C LYS E 432 39.66 14.19 -12.69
N ASP E 433 38.71 13.84 -13.54
CA ASP E 433 38.81 14.08 -14.98
C ASP E 433 37.84 15.20 -15.33
N ILE E 434 38.30 16.43 -15.24
CA ILE E 434 37.50 17.58 -15.64
C ILE E 434 37.95 18.02 -17.03
N SER E 435 37.01 18.54 -17.81
CA SER E 435 37.27 18.85 -19.21
C SER E 435 36.62 20.16 -19.59
N SER E 436 37.28 20.93 -20.44
CA SER E 436 36.76 22.22 -20.84
C SER E 436 35.65 22.06 -21.87
N TYR E 437 35.00 23.18 -22.18
CA TYR E 437 33.78 23.14 -22.98
C TYR E 437 34.05 22.81 -24.45
N GLU E 438 35.20 23.28 -24.97
CA GLU E 438 35.51 23.05 -26.38
C GLU E 438 35.87 21.59 -26.64
N LYS E 439 36.54 20.95 -25.68
CA LYS E 439 36.81 19.52 -25.80
C LYS E 439 35.52 18.70 -25.73
N THR E 440 34.57 19.14 -24.90
CA THR E 440 33.30 18.42 -24.81
C THR E 440 32.51 18.53 -26.10
N ILE E 441 32.48 19.71 -26.73
CA ILE E 441 31.69 19.81 -27.96
C ILE E 441 32.42 19.15 -29.14
N GLU E 442 33.76 19.17 -29.17
CA GLU E 442 34.51 18.44 -30.19
C GLU E 442 34.31 16.94 -30.06
N SER E 443 34.40 16.42 -28.84
CA SER E 443 34.21 15.00 -28.61
C SER E 443 32.77 14.59 -28.84
N LEU E 444 31.81 15.48 -28.56
CA LEU E 444 30.41 15.23 -28.87
C LEU E 444 30.19 15.08 -30.37
N PHE E 445 30.80 15.98 -31.15
CA PHE E 445 30.68 15.92 -32.60
C PHE E 445 31.34 14.67 -33.18
N LYS E 446 32.48 14.23 -32.63
CA LYS E 446 33.10 13.04 -33.20
C LYS E 446 32.45 11.76 -32.70
N VAL E 447 31.75 11.81 -31.56
CA VAL E 447 30.93 10.69 -31.14
C VAL E 447 29.69 10.53 -32.01
N VAL E 448 28.98 11.62 -32.29
CA VAL E 448 27.77 11.55 -33.11
C VAL E 448 28.11 11.21 -34.55
N ALA E 449 29.17 11.79 -35.10
CA ALA E 449 29.59 11.43 -36.44
C ALA E 449 30.25 10.05 -36.45
N GLU F 38 -13.21 44.60 14.48
CA GLU F 38 -14.11 43.67 13.79
C GLU F 38 -13.64 42.23 13.95
N GLY F 39 -12.95 41.94 15.04
CA GLY F 39 -12.45 40.63 15.31
C GLY F 39 -10.98 40.56 15.67
N LYS F 40 -10.67 39.94 16.79
CA LYS F 40 -9.29 39.71 17.18
C LYS F 40 -8.83 38.33 16.75
N ILE F 41 -7.53 38.19 16.52
CA ILE F 41 -6.94 36.93 16.09
C ILE F 41 -6.67 36.07 17.31
N ILE F 42 -7.24 34.87 17.32
CA ILE F 42 -7.03 33.95 18.42
C ILE F 42 -5.60 33.41 18.39
N ASN F 43 -5.25 32.67 17.35
CA ASN F 43 -3.94 32.03 17.33
C ASN F 43 -3.47 31.81 15.90
N ILE F 44 -2.21 31.42 15.79
CA ILE F 44 -1.56 31.19 14.52
C ILE F 44 -1.11 29.74 14.48
N GLY F 45 -1.60 28.98 13.51
CA GLY F 45 -1.26 27.58 13.37
C GLY F 45 -0.36 27.31 12.19
N GLY F 46 0.63 28.16 11.99
CA GLY F 46 1.51 28.02 10.85
C GLY F 46 0.93 28.64 9.59
N THR F 47 -0.02 27.96 8.95
CA THR F 47 -0.69 28.51 7.78
C THR F 47 -2.17 28.80 7.99
N ILE F 48 -2.70 28.63 9.20
CA ILE F 48 -4.11 28.84 9.51
C ILE F 48 -4.21 29.84 10.64
N ILE F 49 -5.00 30.88 10.44
CA ILE F 49 -5.32 31.86 11.46
C ILE F 49 -6.68 31.49 12.03
N LYS F 50 -6.86 31.69 13.33
CA LYS F 50 -8.17 31.57 13.96
C LYS F 50 -8.51 32.92 14.55
N ALA F 51 -9.75 33.34 14.38
CA ALA F 51 -10.17 34.66 14.83
C ALA F 51 -11.44 34.56 15.66
N ARG F 52 -11.73 35.65 16.38
CA ARG F 52 -12.93 35.75 17.21
C ARG F 52 -13.78 36.88 16.64
N LEU F 53 -14.68 36.54 15.73
CA LEU F 53 -15.52 37.51 15.06
C LEU F 53 -16.88 36.91 14.72
N PRO F 54 -17.97 37.62 14.95
CA PRO F 54 -19.28 37.02 14.71
C PRO F 54 -19.77 37.18 13.28
N LYS F 55 -20.48 36.16 12.78
CA LYS F 55 -21.26 36.20 11.54
C LYS F 55 -20.46 36.52 10.27
N ALA F 56 -19.58 35.63 9.87
CA ALA F 56 -18.91 35.77 8.58
C ALA F 56 -19.24 34.58 7.69
N ARG F 57 -19.28 34.83 6.37
CA ARG F 57 -19.54 33.78 5.40
C ARG F 57 -18.24 33.13 4.96
N ILE F 58 -18.36 31.87 4.53
CA ILE F 58 -17.25 31.14 3.99
C ILE F 58 -16.79 31.79 2.70
N GLY F 59 -15.50 32.09 2.60
CA GLY F 59 -14.98 32.77 1.45
C GLY F 59 -14.94 34.27 1.55
N ALA F 60 -15.44 34.85 2.64
CA ALA F 60 -15.31 36.29 2.87
C ALA F 60 -13.86 36.58 3.21
N PHE F 61 -13.31 37.63 2.62
CA PHE F 61 -11.90 37.94 2.81
C PHE F 61 -11.77 39.15 3.73
N TYR F 62 -10.97 39.02 4.78
CA TYR F 62 -10.82 40.05 5.80
C TYR F 62 -9.44 40.67 5.75
N LYS F 63 -9.22 41.72 6.54
CA LYS F 63 -8.10 42.62 6.31
C LYS F 63 -7.27 42.77 7.58
N ILE F 64 -6.02 42.33 7.53
CA ILE F 64 -5.07 42.66 8.59
C ILE F 64 -4.78 44.15 8.53
N GLU F 65 -5.35 44.91 9.46
CA GLU F 65 -5.30 46.36 9.33
C GLU F 65 -3.94 47.05 9.58
N PRO F 66 -3.00 46.60 10.49
CA PRO F 66 -1.79 47.42 10.64
C PRO F 66 -0.78 47.19 9.52
N SER F 67 -0.85 46.03 8.85
CA SER F 67 0.17 45.64 7.89
C SER F 67 -0.33 45.63 6.45
N GLN F 68 -1.63 45.83 6.24
CA GLN F 68 -2.29 45.77 4.93
C GLN F 68 -2.04 44.45 4.21
N ARG F 69 -2.39 43.36 4.88
CA ARG F 69 -2.44 42.03 4.29
C ARG F 69 -3.86 41.50 4.45
N LEU F 70 -4.19 40.45 3.71
CA LEU F 70 -5.56 40.00 3.74
C LEU F 70 -5.65 38.48 3.64
N ALA F 71 -6.81 37.96 4.07
CA ALA F 71 -6.96 36.56 4.44
C ALA F 71 -8.44 36.19 4.41
N GLU F 72 -8.77 35.04 3.80
CA GLU F 72 -10.16 34.69 3.60
C GLU F 72 -10.56 33.46 4.40
N VAL F 73 -11.87 33.33 4.59
CA VAL F 73 -12.47 32.41 5.55
C VAL F 73 -12.66 31.03 4.91
N ILE F 74 -12.20 29.99 5.59
CA ILE F 74 -12.44 28.62 5.15
C ILE F 74 -13.47 27.90 6.00
N ALA F 75 -13.60 28.23 7.29
CA ALA F 75 -14.59 27.57 8.12
C ALA F 75 -14.95 28.49 9.27
N ILE F 76 -16.18 28.37 9.77
CA ILE F 76 -16.58 29.12 10.95
C ILE F 76 -16.93 28.12 12.04
N ASP F 77 -16.66 28.51 13.28
CA ASP F 77 -17.18 27.85 14.46
C ASP F 77 -18.37 28.71 14.94
N GLU F 78 -18.88 28.48 16.16
CA GLU F 78 -20.05 29.24 16.61
C GLU F 78 -19.73 30.71 16.82
N ASP F 79 -18.50 31.03 17.23
CA ASP F 79 -18.05 32.41 17.23
C ASP F 79 -16.66 32.60 16.66
N GLU F 80 -15.78 31.62 16.78
CA GLU F 80 -14.46 31.70 16.19
C GLU F 80 -14.50 31.26 14.73
N VAL F 81 -13.48 31.63 13.97
CA VAL F 81 -13.46 31.45 12.52
C VAL F 81 -12.06 31.03 12.11
N PHE F 82 -11.95 29.85 11.47
CA PHE F 82 -10.73 29.45 10.78
C PHE F 82 -10.67 30.17 9.45
N LEU F 83 -9.65 31.00 9.26
CA LEU F 83 -9.36 31.62 7.98
C LEU F 83 -7.90 31.38 7.65
N LEU F 84 -7.50 31.63 6.41
CA LEU F 84 -6.11 31.34 6.06
C LEU F 84 -5.53 32.56 5.36
N PRO F 85 -4.29 32.92 5.66
CA PRO F 85 -3.67 34.08 5.03
C PRO F 85 -3.23 33.79 3.61
N PHE F 86 -3.22 34.84 2.79
CA PHE F 86 -2.50 34.76 1.53
C PHE F 86 -1.01 34.71 1.83
N GLU F 87 -0.48 35.80 2.34
CA GLU F 87 0.96 36.03 2.36
C GLU F 87 1.64 35.30 3.53
N HIS F 88 2.88 35.69 3.81
CA HIS F 88 3.59 35.09 4.94
C HIS F 88 2.97 35.55 6.25
N VAL F 89 3.18 34.73 7.29
CA VAL F 89 2.43 34.84 8.53
C VAL F 89 3.26 35.46 9.65
N SER F 90 4.55 35.75 9.41
CA SER F 90 5.41 36.30 10.44
C SER F 90 5.05 37.75 10.73
N GLY F 91 5.33 38.18 11.95
CA GLY F 91 4.99 39.51 12.41
C GLY F 91 3.64 39.62 13.09
N MET F 92 2.87 38.54 13.13
CA MET F 92 1.51 38.56 13.65
C MET F 92 1.53 38.15 15.12
N TYR F 93 0.63 38.73 15.89
CA TYR F 93 0.54 38.47 17.32
C TYR F 93 -0.91 38.20 17.73
N CYS F 94 -1.09 37.96 19.02
CA CYS F 94 -2.42 37.72 19.59
C CYS F 94 -3.11 39.05 19.80
N GLY F 95 -4.19 39.28 19.06
CA GLY F 95 -4.97 40.47 19.27
C GLY F 95 -4.91 41.47 18.14
N GLN F 96 -4.47 41.04 16.95
CA GLN F 96 -4.56 41.92 15.79
C GLN F 96 -6.00 42.01 15.32
N TRP F 97 -6.35 43.13 14.72
CA TRP F 97 -7.70 43.37 14.28
C TRP F 97 -7.90 42.90 12.85
N LEU F 98 -9.16 42.60 12.51
CA LEU F 98 -9.56 42.19 11.17
C LEU F 98 -10.66 43.11 10.69
N SER F 99 -10.35 43.94 9.71
CA SER F 99 -11.36 44.79 9.10
C SER F 99 -12.21 43.98 8.12
N TYR F 100 -13.51 44.28 8.11
CA TYR F 100 -14.48 43.51 7.34
C TYR F 100 -14.32 43.66 5.85
N GLN F 101 -14.51 44.88 5.31
CA GLN F 101 -14.24 45.34 3.94
C GLN F 101 -14.77 44.44 2.81
N GLY F 102 -15.71 43.54 3.09
CA GLY F 102 -16.25 42.67 2.06
C GLY F 102 -16.92 41.44 2.61
N ASP F 103 -17.58 40.67 1.74
CA ASP F 103 -18.28 39.44 2.11
C ASP F 103 -18.05 38.33 1.11
N GLU F 104 -17.60 38.66 -0.10
CA GLU F 104 -17.05 37.70 -1.05
C GLU F 104 -16.12 38.49 -1.95
N PHE F 105 -15.13 37.82 -2.52
CA PHE F 105 -14.14 38.54 -3.30
C PHE F 105 -14.60 38.70 -4.74
N LYS F 106 -14.62 39.94 -5.21
CA LYS F 106 -14.98 40.26 -6.59
C LYS F 106 -13.89 41.15 -7.17
N ILE F 107 -13.70 41.06 -8.47
CA ILE F 107 -12.58 41.73 -9.12
C ILE F 107 -13.07 42.98 -9.84
N ARG F 108 -12.32 44.07 -9.63
CA ARG F 108 -12.66 45.36 -10.23
C ARG F 108 -12.25 45.30 -11.70
N VAL F 109 -13.22 45.01 -12.57
CA VAL F 109 -12.96 44.71 -13.97
C VAL F 109 -13.72 45.72 -14.85
N GLY F 110 -13.03 46.24 -15.85
CA GLY F 110 -13.62 47.20 -16.77
C GLY F 110 -13.05 47.02 -18.16
N ASP F 111 -13.37 47.97 -19.04
CA ASP F 111 -12.94 47.89 -20.43
C ASP F 111 -11.49 48.30 -20.62
N ALA F 112 -10.90 48.99 -19.65
CA ALA F 112 -9.57 49.57 -19.81
C ALA F 112 -8.45 48.62 -19.39
N LEU F 113 -8.73 47.34 -19.22
CA LEU F 113 -7.68 46.40 -18.83
C LEU F 113 -6.90 45.84 -20.00
N LEU F 114 -7.18 46.29 -21.23
CA LEU F 114 -6.51 45.74 -22.40
C LEU F 114 -5.08 46.25 -22.48
N GLY F 115 -4.13 45.33 -22.41
CA GLY F 115 -2.74 45.71 -22.48
C GLY F 115 -2.08 45.96 -21.14
N ARG F 116 -2.53 45.27 -20.09
CA ARG F 116 -2.03 45.52 -18.75
C ARG F 116 -1.67 44.19 -18.10
N LEU F 117 -0.77 44.24 -17.12
CA LEU F 117 -0.40 43.07 -16.35
C LEU F 117 -1.24 42.97 -15.09
N ILE F 118 -1.87 41.81 -14.89
CA ILE F 118 -2.82 41.62 -13.81
C ILE F 118 -2.33 40.47 -12.95
N ASP F 119 -2.45 40.62 -11.63
CA ASP F 119 -2.17 39.55 -10.69
C ASP F 119 -3.37 38.60 -10.67
N GLY F 120 -3.23 37.44 -10.03
CA GLY F 120 -4.34 36.52 -9.91
C GLY F 120 -5.48 37.00 -9.05
N ILE F 121 -5.20 37.91 -8.14
CA ILE F 121 -6.21 38.62 -7.35
C ILE F 121 -6.89 39.71 -8.16
N GLY F 122 -6.13 40.50 -8.93
CA GLY F 122 -6.68 41.49 -9.80
C GLY F 122 -5.92 42.79 -9.86
N ARG F 123 -5.17 43.10 -8.81
CA ARG F 123 -4.35 44.32 -8.79
C ARG F 123 -3.20 44.20 -9.80
N PRO F 124 -2.67 45.33 -10.27
CA PRO F 124 -1.60 45.26 -11.26
C PRO F 124 -0.30 44.71 -10.70
N MET F 125 0.62 44.40 -11.62
CA MET F 125 1.92 43.86 -11.26
C MET F 125 2.91 44.98 -10.94
N GLU F 126 3.12 45.87 -11.89
CA GLU F 126 4.14 46.90 -11.79
C GLU F 126 3.56 48.22 -11.29
N SER F 127 4.45 49.12 -10.89
CA SER F 127 4.07 50.43 -10.40
C SER F 127 4.50 51.55 -11.34
N ASN F 128 5.11 51.22 -12.48
CA ASN F 128 5.45 52.25 -13.46
C ASN F 128 4.21 52.80 -14.16
N ILE F 129 3.19 51.96 -14.35
CA ILE F 129 1.95 52.36 -14.98
C ILE F 129 0.93 52.66 -13.87
N VAL F 130 0.04 53.61 -14.12
CA VAL F 130 -1.02 53.89 -13.17
C VAL F 130 -2.31 53.19 -13.59
N ALA F 131 -3.05 52.67 -12.60
CA ALA F 131 -4.29 51.94 -12.85
C ALA F 131 -5.36 52.87 -13.40
N PRO F 132 -5.97 52.53 -14.54
CA PRO F 132 -6.94 53.43 -15.15
C PRO F 132 -8.33 53.32 -14.53
N TYR F 133 -9.29 54.00 -15.13
CA TYR F 133 -10.66 53.97 -14.65
C TYR F 133 -11.26 52.58 -14.88
N LEU F 134 -11.91 52.05 -13.84
CA LEU F 134 -12.58 50.76 -13.89
C LEU F 134 -13.94 50.91 -13.21
N PRO F 135 -15.02 51.00 -14.00
CA PRO F 135 -16.34 51.26 -13.42
C PRO F 135 -17.00 50.05 -12.75
N PHE F 136 -16.85 48.86 -13.32
CA PHE F 136 -17.65 47.71 -12.92
C PHE F 136 -16.84 46.81 -12.00
N GLU F 137 -17.54 45.92 -11.29
CA GLU F 137 -16.91 44.79 -10.64
C GLU F 137 -17.92 43.65 -10.55
N ARG F 138 -17.43 42.44 -10.82
CA ARG F 138 -18.29 41.27 -10.80
C ARG F 138 -17.55 40.14 -10.08
N SER F 139 -18.33 39.24 -9.47
CA SER F 139 -17.73 38.17 -8.68
C SER F 139 -17.18 37.08 -9.59
N LEU F 140 -16.40 36.19 -8.99
CA LEU F 140 -15.66 35.18 -9.73
C LEU F 140 -16.50 33.94 -10.04
N TYR F 141 -17.76 33.91 -9.64
CA TYR F 141 -18.60 32.73 -9.80
C TYR F 141 -19.74 33.04 -10.74
N ALA F 142 -20.04 32.10 -11.62
CA ALA F 142 -21.18 32.17 -12.52
C ALA F 142 -21.50 30.75 -12.98
N GLU F 143 -22.77 30.36 -12.82
CA GLU F 143 -23.16 28.98 -13.09
C GLU F 143 -23.21 28.73 -14.59
N PRO F 144 -22.63 27.65 -15.08
CA PRO F 144 -22.71 27.33 -16.50
C PRO F 144 -24.08 26.74 -16.81
N PRO F 145 -24.50 26.78 -18.08
CA PRO F 145 -25.73 26.07 -18.46
C PRO F 145 -25.54 24.56 -18.35
N ASP F 146 -26.66 23.89 -18.17
CA ASP F 146 -26.66 22.43 -18.08
C ASP F 146 -26.24 21.81 -19.41
N PRO F 147 -25.58 20.64 -19.37
CA PRO F 147 -25.04 20.06 -20.60
C PRO F 147 -26.07 19.46 -21.54
N LEU F 148 -27.34 19.39 -21.11
CA LEU F 148 -28.37 18.73 -21.91
C LEU F 148 -28.78 19.55 -23.12
N LEU F 149 -28.48 20.85 -23.16
CA LEU F 149 -28.91 21.73 -24.23
C LEU F 149 -27.77 22.59 -24.78
N ARG F 150 -26.56 22.04 -24.88
CA ARG F 150 -25.44 22.79 -25.42
C ARG F 150 -25.64 23.04 -26.91
N GLN F 151 -25.20 24.22 -27.35
CA GLN F 151 -25.55 24.72 -28.67
C GLN F 151 -24.78 24.01 -29.77
N VAL F 152 -25.23 24.21 -30.99
CA VAL F 152 -24.50 23.72 -32.15
C VAL F 152 -23.36 24.69 -32.47
N ILE F 153 -22.29 24.14 -33.03
CA ILE F 153 -21.11 24.91 -33.39
C ILE F 153 -21.12 25.16 -34.89
N ASP F 154 -20.81 26.40 -35.27
CA ASP F 154 -20.63 26.81 -36.66
C ASP F 154 -19.44 27.75 -36.67
N GLN F 155 -19.26 28.49 -37.79
CA GLN F 155 -18.38 29.67 -37.88
C GLN F 155 -16.92 29.36 -37.58
N PRO F 156 -16.16 28.86 -38.56
CA PRO F 156 -14.76 28.46 -38.32
C PRO F 156 -13.89 29.56 -37.73
N PHE F 157 -13.17 29.20 -36.66
CA PHE F 157 -12.30 30.13 -35.93
C PHE F 157 -10.86 29.81 -36.28
N ILE F 158 -10.18 30.81 -36.83
CA ILE F 158 -8.84 30.59 -37.37
C ILE F 158 -7.80 30.94 -36.32
N LEU F 159 -6.95 29.96 -36.00
CA LEU F 159 -5.89 30.17 -35.02
C LEU F 159 -4.58 30.68 -35.60
N GLY F 160 -4.14 30.20 -36.75
CA GLY F 160 -2.95 30.76 -37.36
C GLY F 160 -1.94 29.71 -37.77
N VAL F 161 -1.77 28.68 -36.95
CA VAL F 161 -0.98 27.51 -37.32
C VAL F 161 -1.71 26.80 -38.45
N ARG F 162 -1.00 26.54 -39.55
CA ARG F 162 -1.73 26.04 -40.72
C ARG F 162 -2.04 24.55 -40.60
N ALA F 163 -1.36 23.86 -39.69
CA ALA F 163 -1.52 22.41 -39.56
C ALA F 163 -2.91 22.04 -39.06
N ILE F 164 -3.41 22.71 -38.03
CA ILE F 164 -4.70 22.29 -37.52
C ILE F 164 -5.85 22.88 -38.36
N ASP F 165 -5.80 24.17 -38.72
CA ASP F 165 -6.95 24.67 -39.47
C ASP F 165 -6.94 24.21 -40.94
N GLY F 166 -5.89 23.53 -41.37
CA GLY F 166 -6.00 22.68 -42.53
C GLY F 166 -6.46 21.27 -42.19
N LEU F 167 -6.17 20.79 -40.97
CA LEU F 167 -6.43 19.39 -40.65
C LEU F 167 -7.41 19.17 -39.50
N LEU F 168 -7.25 19.84 -38.36
CA LEU F 168 -8.10 19.65 -37.18
C LEU F 168 -8.68 21.01 -36.78
N THR F 169 -9.75 21.41 -37.44
CA THR F 169 -10.25 22.78 -37.34
C THR F 169 -11.00 22.95 -36.03
N CYS F 170 -11.36 24.19 -35.71
CA CYS F 170 -12.07 24.49 -34.47
C CYS F 170 -12.94 25.74 -34.61
N GLY F 171 -14.13 25.66 -34.04
CA GLY F 171 -15.13 26.70 -34.16
C GLY F 171 -15.00 27.78 -33.12
N ILE F 172 -16.02 28.64 -32.99
CA ILE F 172 -15.95 29.77 -32.06
C ILE F 172 -16.07 29.29 -30.63
N GLY F 173 -17.20 28.70 -30.26
CA GLY F 173 -17.44 28.38 -28.87
C GLY F 173 -16.80 27.10 -28.38
N GLN F 174 -15.99 26.46 -29.23
CA GLN F 174 -15.32 25.20 -28.86
C GLN F 174 -14.23 25.49 -27.84
N ARG F 175 -14.17 24.67 -26.79
CA ARG F 175 -13.04 24.71 -25.86
C ARG F 175 -12.12 23.53 -26.15
N ILE F 176 -10.82 23.80 -26.17
CA ILE F 176 -9.80 22.90 -26.71
C ILE F 176 -8.81 22.58 -25.60
N GLY F 177 -8.39 21.32 -25.52
CA GLY F 177 -7.30 20.97 -24.62
C GLY F 177 -6.01 20.66 -25.35
N ILE F 178 -4.89 21.19 -24.88
CA ILE F 178 -3.58 20.86 -25.45
C ILE F 178 -2.80 20.00 -24.47
N PHE F 179 -2.43 18.80 -24.92
CA PHE F 179 -1.69 17.84 -24.11
C PHE F 179 -0.25 17.79 -24.60
N ALA F 180 0.63 18.51 -23.93
CA ALA F 180 2.02 18.64 -24.37
C ALA F 180 2.93 18.16 -23.26
N GLY F 181 4.22 18.09 -23.56
CA GLY F 181 5.19 17.64 -22.57
C GLY F 181 6.14 18.71 -22.10
N SER F 182 7.27 18.29 -21.56
CA SER F 182 8.32 19.19 -21.11
C SER F 182 9.41 19.25 -22.17
N GLY F 183 9.71 20.46 -22.62
CA GLY F 183 10.68 20.60 -23.70
C GLY F 183 10.17 20.07 -25.02
N VAL F 184 9.02 20.57 -25.48
CA VAL F 184 8.38 20.10 -26.70
C VAL F 184 8.10 21.31 -27.56
N GLY F 185 8.34 22.50 -27.02
CA GLY F 185 8.15 23.72 -27.77
C GLY F 185 6.69 24.09 -27.86
N LYS F 186 6.00 24.10 -26.72
CA LYS F 186 4.61 24.51 -26.67
C LYS F 186 4.46 26.00 -26.44
N SER F 187 5.48 26.66 -25.89
CA SER F 187 5.40 28.08 -25.63
C SER F 187 5.43 28.88 -26.92
N THR F 188 6.23 28.44 -27.89
CA THR F 188 6.19 29.05 -29.22
C THR F 188 4.85 28.79 -29.90
N LEU F 189 4.26 27.62 -29.66
CA LEU F 189 2.95 27.30 -30.22
C LEU F 189 1.87 28.23 -29.68
N LEU F 190 1.88 28.46 -28.37
CA LEU F 190 0.93 29.38 -27.77
C LEU F 190 1.17 30.82 -28.22
N GLY F 191 2.43 31.22 -28.37
CA GLY F 191 2.72 32.56 -28.84
C GLY F 191 2.34 32.76 -30.29
N MET F 192 2.35 31.70 -31.09
CA MET F 192 1.99 31.87 -32.49
C MET F 192 0.53 31.56 -32.77
N ILE F 193 -0.22 31.01 -31.80
CA ILE F 193 -1.67 30.99 -31.93
C ILE F 193 -2.32 32.16 -31.22
N CYS F 194 -1.57 32.90 -30.41
CA CYS F 194 -1.98 34.26 -30.08
C CYS F 194 -1.75 35.21 -31.24
N ASN F 195 -0.71 34.98 -32.04
CA ASN F 195 -0.33 35.86 -33.13
C ASN F 195 -0.87 35.33 -34.44
N GLY F 196 -1.98 35.89 -34.89
CA GLY F 196 -2.66 35.38 -36.07
C GLY F 196 -3.99 34.74 -35.80
N ALA F 197 -4.63 35.07 -34.69
CA ALA F 197 -5.96 34.55 -34.38
C ALA F 197 -7.01 35.60 -34.72
N SER F 198 -8.16 35.15 -35.21
CA SER F 198 -9.23 36.05 -35.62
C SER F 198 -10.18 36.29 -34.45
N ALA F 199 -9.61 36.84 -33.37
CA ALA F 199 -10.37 37.14 -32.16
C ALA F 199 -10.09 38.58 -31.75
N ASP F 200 -11.13 39.28 -31.31
CA ASP F 200 -10.97 40.70 -30.97
C ASP F 200 -10.29 40.88 -29.62
N ILE F 201 -10.49 39.95 -28.70
CA ILE F 201 -9.86 39.96 -27.38
C ILE F 201 -9.20 38.61 -27.18
N ILE F 202 -8.00 38.61 -26.61
CA ILE F 202 -7.24 37.39 -26.32
C ILE F 202 -6.81 37.45 -24.86
N VAL F 203 -7.30 36.51 -24.06
CA VAL F 203 -7.06 36.50 -22.63
C VAL F 203 -6.28 35.26 -22.26
N LEU F 204 -5.17 35.43 -21.54
CA LEU F 204 -4.33 34.30 -21.17
C LEU F 204 -3.96 34.39 -19.70
N ALA F 205 -3.85 33.24 -19.04
CA ALA F 205 -3.57 33.17 -17.62
C ALA F 205 -2.34 32.32 -17.40
N LEU F 206 -1.21 32.97 -17.15
CA LEU F 206 0.02 32.27 -16.80
C LEU F 206 -0.06 31.90 -15.33
N ILE F 207 -0.72 30.78 -15.05
CA ILE F 207 -1.11 30.41 -13.69
C ILE F 207 -0.13 29.40 -13.14
N GLY F 208 0.76 29.86 -12.27
CA GLY F 208 1.77 29.03 -11.64
C GLY F 208 3.09 28.92 -12.36
N GLU F 209 3.45 29.89 -13.19
CA GLU F 209 4.64 29.78 -14.02
C GLU F 209 5.89 30.06 -13.19
N ARG F 210 7.06 29.84 -13.78
CA ARG F 210 8.33 30.07 -13.11
C ARG F 210 8.68 31.55 -13.18
N GLY F 211 9.83 31.89 -12.60
CA GLY F 211 10.24 33.29 -12.57
C GLY F 211 10.62 33.84 -13.93
N ARG F 212 11.52 33.17 -14.64
CA ARG F 212 11.96 33.65 -15.95
C ARG F 212 10.90 33.49 -17.03
N GLU F 213 9.96 32.55 -16.88
CA GLU F 213 9.15 32.11 -18.00
C GLU F 213 8.12 33.14 -18.44
N VAL F 214 7.79 34.11 -17.58
CA VAL F 214 6.87 35.17 -18.00
C VAL F 214 7.57 36.13 -18.97
N ASN F 215 8.84 36.45 -18.74
CA ASN F 215 9.57 37.25 -19.72
C ASN F 215 9.96 36.42 -20.92
N GLU F 216 10.22 35.12 -20.72
CA GLU F 216 10.44 34.20 -21.84
C GLU F 216 9.24 34.09 -22.75
N PHE F 217 8.03 34.22 -22.22
CA PHE F 217 6.82 34.21 -23.03
C PHE F 217 6.52 35.56 -23.66
N LEU F 218 6.64 36.65 -22.89
CA LEU F 218 6.31 37.96 -23.42
C LEU F 218 7.39 38.50 -24.37
N ALA F 219 8.55 37.86 -24.45
CA ALA F 219 9.55 38.29 -25.41
C ALA F 219 9.14 37.95 -26.83
N LEU F 220 8.26 36.97 -27.01
CA LEU F 220 7.82 36.56 -28.34
C LEU F 220 6.39 37.01 -28.66
N LEU F 221 5.88 38.03 -27.96
CA LEU F 221 4.63 38.69 -28.32
C LEU F 221 4.92 40.10 -28.80
N PRO F 222 4.39 40.53 -29.95
CA PRO F 222 4.60 41.91 -30.39
C PRO F 222 3.75 42.90 -29.59
N GLN F 223 3.85 44.17 -29.99
CA GLN F 223 3.06 45.22 -29.36
C GLN F 223 1.64 45.27 -29.90
N SER F 224 1.45 44.93 -31.19
CA SER F 224 0.11 44.84 -31.74
C SER F 224 -0.70 43.72 -31.10
N THR F 225 -0.03 42.68 -30.62
CA THR F 225 -0.67 41.62 -29.84
C THR F 225 -0.95 42.04 -28.41
N LEU F 226 0.01 42.69 -27.74
CA LEU F 226 -0.19 43.15 -26.37
C LEU F 226 -1.27 44.22 -26.26
N SER F 227 -1.48 45.03 -27.29
CA SER F 227 -2.59 45.97 -27.31
C SER F 227 -3.93 45.31 -27.61
N LYS F 228 -3.94 43.99 -27.79
CA LYS F 228 -5.16 43.20 -27.90
C LYS F 228 -5.34 42.27 -26.70
N CYS F 229 -4.25 41.97 -25.97
CA CYS F 229 -4.30 41.07 -24.84
C CYS F 229 -4.73 41.78 -23.55
N VAL F 230 -5.39 41.03 -22.69
CA VAL F 230 -5.42 41.28 -21.25
C VAL F 230 -5.07 39.97 -20.56
N LEU F 231 -4.03 40.00 -19.74
CA LEU F 231 -3.37 38.76 -19.35
C LEU F 231 -3.02 38.75 -17.88
N VAL F 232 -3.33 37.63 -17.23
CA VAL F 232 -3.10 37.44 -15.80
C VAL F 232 -1.84 36.61 -15.64
N VAL F 233 -0.91 37.07 -14.81
CA VAL F 233 0.27 36.30 -14.47
C VAL F 233 0.31 36.08 -12.97
N THR F 234 0.94 34.97 -12.57
CA THR F 234 1.23 34.65 -11.17
C THR F 234 2.33 33.60 -11.18
N THR F 235 3.18 33.62 -10.15
CA THR F 235 4.34 32.75 -10.08
C THR F 235 4.20 31.76 -8.93
N SER F 236 5.16 30.84 -8.83
CA SER F 236 5.15 29.86 -7.75
C SER F 236 5.57 30.45 -6.41
N ASP F 237 6.14 31.66 -6.43
CA ASP F 237 6.28 32.46 -5.22
C ASP F 237 4.93 32.74 -4.59
N ARG F 238 3.92 33.03 -5.42
CA ARG F 238 2.64 33.50 -4.95
C ARG F 238 1.91 32.38 -4.22
N PRO F 239 1.10 32.73 -3.22
CA PRO F 239 0.38 31.71 -2.45
C PRO F 239 -0.61 30.93 -3.28
N ALA F 240 -0.88 29.71 -2.83
CA ALA F 240 -1.76 28.79 -3.56
C ALA F 240 -3.18 29.30 -3.65
N LEU F 241 -3.59 30.18 -2.73
CA LEU F 241 -4.94 30.73 -2.74
C LEU F 241 -5.13 31.66 -3.94
N GLU F 242 -4.21 32.60 -4.14
CA GLU F 242 -4.34 33.40 -5.35
C GLU F 242 -3.87 32.66 -6.59
N ARG F 243 -3.03 31.63 -6.44
CA ARG F 243 -2.72 30.80 -7.60
C ARG F 243 -3.90 29.95 -8.06
N MET F 244 -4.90 29.69 -7.22
CA MET F 244 -6.10 29.08 -7.76
C MET F 244 -7.17 30.11 -8.12
N LYS F 245 -7.14 31.31 -7.52
CA LYS F 245 -8.09 32.34 -7.95
C LYS F 245 -7.66 33.05 -9.23
N ALA F 246 -6.44 32.82 -9.72
CA ALA F 246 -6.04 33.36 -11.02
C ALA F 246 -6.89 32.80 -12.16
N ALA F 247 -7.28 31.53 -12.07
CA ALA F 247 -8.10 30.92 -13.12
C ALA F 247 -9.48 31.53 -13.16
N PHE F 248 -10.10 31.71 -11.99
CA PHE F 248 -11.42 32.32 -11.92
C PHE F 248 -11.37 33.80 -12.31
N THR F 249 -10.27 34.49 -11.98
CA THR F 249 -10.11 35.88 -12.42
C THR F 249 -10.05 35.98 -13.93
N ALA F 250 -9.25 35.13 -14.57
CA ALA F 250 -9.13 35.20 -16.03
C ALA F 250 -10.42 34.78 -16.72
N THR F 251 -11.11 33.77 -16.17
CA THR F 251 -12.38 33.35 -16.75
C THR F 251 -13.44 34.44 -16.60
N THR F 252 -13.42 35.15 -15.47
CA THR F 252 -14.38 36.21 -15.21
C THR F 252 -14.13 37.43 -16.10
N ILE F 253 -12.87 37.81 -16.29
CA ILE F 253 -12.54 38.90 -17.20
C ILE F 253 -12.89 38.55 -18.64
N ALA F 254 -12.69 37.29 -19.02
CA ALA F 254 -13.04 36.87 -20.37
C ALA F 254 -14.54 36.81 -20.57
N GLU F 255 -15.31 36.48 -19.52
CA GLU F 255 -16.75 36.60 -19.59
C GLU F 255 -17.23 38.04 -19.65
N TYR F 256 -16.51 38.97 -19.03
CA TYR F 256 -16.84 40.38 -19.17
C TYR F 256 -16.66 40.85 -20.61
N PHE F 257 -15.53 40.49 -21.24
CA PHE F 257 -15.35 40.88 -22.63
C PHE F 257 -16.18 40.05 -23.59
N ARG F 258 -16.74 38.93 -23.12
CA ARG F 258 -17.71 38.18 -23.92
C ARG F 258 -19.02 38.94 -24.06
N ASP F 259 -19.45 39.64 -23.00
CA ASP F 259 -20.76 40.28 -22.99
C ASP F 259 -20.83 41.55 -23.83
N GLN F 260 -19.70 42.09 -24.27
CA GLN F 260 -19.69 43.32 -25.05
C GLN F 260 -19.77 43.09 -26.55
N GLY F 261 -20.30 41.94 -26.97
CA GLY F 261 -20.46 41.68 -28.38
C GLY F 261 -19.17 41.32 -29.10
N LYS F 262 -18.20 40.82 -28.34
CA LYS F 262 -16.87 40.54 -28.87
C LYS F 262 -16.59 39.06 -28.84
N ASN F 263 -15.90 38.58 -29.87
CA ASN F 263 -15.32 37.24 -29.88
C ASN F 263 -14.04 37.29 -29.05
N VAL F 264 -13.94 36.42 -28.06
CA VAL F 264 -12.85 36.47 -27.10
C VAL F 264 -12.23 35.07 -27.00
N LEU F 265 -10.91 35.03 -26.86
CA LEU F 265 -10.19 33.77 -26.70
C LEU F 265 -9.60 33.71 -25.30
N LEU F 266 -9.91 32.64 -24.58
CA LEU F 266 -9.35 32.38 -23.26
C LEU F 266 -8.22 31.36 -23.40
N MET F 267 -7.10 31.60 -22.73
CA MET F 267 -6.05 30.61 -22.59
C MET F 267 -5.74 30.38 -21.12
N MET F 268 -5.67 29.12 -20.75
CA MET F 268 -5.22 28.80 -19.39
C MET F 268 -4.07 27.83 -19.54
N ASP F 269 -2.89 28.30 -19.20
CA ASP F 269 -1.69 27.51 -19.37
C ASP F 269 -1.42 26.74 -18.10
N SER F 270 -1.29 25.42 -18.23
CA SER F 270 -1.09 24.47 -17.13
C SER F 270 -2.27 24.50 -16.14
N VAL F 271 -3.39 23.95 -16.61
CA VAL F 271 -4.50 23.53 -15.76
C VAL F 271 -4.04 22.65 -14.61
N THR F 272 -3.02 21.82 -14.84
CA THR F 272 -2.47 20.98 -13.78
C THR F 272 -1.86 21.79 -12.64
N ARG F 273 -1.32 22.98 -12.94
CA ARG F 273 -0.80 23.81 -11.86
C ARG F 273 -1.93 24.47 -11.08
N TYR F 274 -3.05 24.78 -11.74
CA TYR F 274 -4.27 25.10 -11.01
C TYR F 274 -4.71 23.94 -10.13
N ALA F 275 -4.57 22.71 -10.63
CA ALA F 275 -4.99 21.54 -9.88
C ALA F 275 -4.15 21.34 -8.63
N ARG F 276 -2.84 21.49 -8.75
CA ARG F 276 -1.99 21.34 -7.57
C ARG F 276 -2.14 22.52 -6.62
N ALA F 277 -2.47 23.72 -7.12
CA ALA F 277 -2.69 24.85 -6.23
C ALA F 277 -3.99 24.69 -5.45
N ALA F 278 -5.06 24.28 -6.12
CA ALA F 278 -6.32 24.05 -5.44
C ALA F 278 -6.24 22.82 -4.54
N ARG F 279 -5.39 21.85 -4.88
CA ARG F 279 -5.06 20.76 -3.98
C ARG F 279 -4.44 21.27 -2.69
N ASP F 280 -3.45 22.16 -2.81
CA ASP F 280 -2.76 22.67 -1.64
C ASP F 280 -3.69 23.51 -0.76
N VAL F 281 -4.58 24.27 -1.39
CA VAL F 281 -5.60 25.00 -0.64
C VAL F 281 -6.59 24.04 0.03
N GLY F 282 -6.95 22.95 -0.66
CA GLY F 282 -7.94 22.03 -0.13
C GLY F 282 -7.46 21.25 1.07
N LEU F 283 -6.35 20.51 0.92
CA LEU F 283 -5.82 19.80 2.09
C LEU F 283 -4.97 20.68 2.99
N ALA F 284 -4.84 21.97 2.70
CA ALA F 284 -4.36 22.88 3.72
C ALA F 284 -5.50 23.30 4.64
N SER F 285 -6.72 23.33 4.13
CA SER F 285 -7.89 23.58 4.96
C SER F 285 -8.30 22.34 5.74
N GLY F 286 -7.94 21.17 5.23
CA GLY F 286 -8.27 19.91 5.87
C GLY F 286 -9.28 19.10 5.08
N GLU F 287 -8.81 18.13 4.29
CA GLU F 287 -9.66 17.27 3.51
C GLU F 287 -8.85 16.06 3.07
N PRO F 288 -9.36 14.84 3.26
CA PRO F 288 -8.64 13.66 2.78
C PRO F 288 -8.77 13.50 1.28
N ASP F 289 -7.73 12.96 0.65
CA ASP F 289 -7.73 12.83 -0.80
C ASP F 289 -8.38 11.53 -1.26
N VAL F 290 -8.72 11.48 -2.54
CA VAL F 290 -9.46 10.36 -3.12
C VAL F 290 -8.66 9.73 -4.26
N ARG F 291 -8.39 10.50 -5.31
CA ARG F 291 -7.70 9.97 -6.48
C ARG F 291 -6.36 10.68 -6.63
N GLY F 292 -5.30 9.89 -6.83
CA GLY F 292 -3.95 10.43 -6.87
C GLY F 292 -3.53 11.00 -5.52
N GLY F 293 -3.40 12.32 -5.48
CA GLY F 293 -3.19 13.01 -4.23
C GLY F 293 -4.17 14.15 -4.07
N PHE F 294 -5.14 14.21 -4.98
CA PHE F 294 -6.03 15.35 -5.05
C PHE F 294 -7.28 15.13 -4.19
N PRO F 295 -7.72 16.13 -3.46
CA PRO F 295 -9.01 16.05 -2.77
C PRO F 295 -10.15 16.06 -3.77
N PRO F 296 -11.36 15.68 -3.36
CA PRO F 296 -12.51 15.80 -4.29
C PRO F 296 -12.98 17.22 -4.50
N SER F 297 -12.44 18.19 -3.76
CA SER F 297 -12.77 19.59 -4.02
C SER F 297 -12.24 20.06 -5.37
N VAL F 298 -11.08 19.57 -5.81
CA VAL F 298 -10.61 19.98 -7.12
C VAL F 298 -11.40 19.26 -8.22
N PHE F 299 -11.97 18.10 -7.91
CA PHE F 299 -12.84 17.38 -8.82
C PHE F 299 -14.25 17.95 -8.83
N SER F 300 -14.59 18.79 -7.86
CA SER F 300 -15.83 19.55 -7.92
C SER F 300 -15.61 20.94 -8.51
N SER F 301 -14.38 21.45 -8.46
CA SER F 301 -14.14 22.80 -8.93
C SER F 301 -13.65 22.84 -10.37
N LEU F 302 -13.00 21.80 -10.86
CA LEU F 302 -12.46 21.84 -12.23
C LEU F 302 -13.55 21.64 -13.30
N PRO F 303 -14.55 20.75 -13.15
CA PRO F 303 -15.67 20.82 -14.09
C PRO F 303 -16.50 22.09 -13.98
N LYS F 304 -16.57 22.68 -12.79
CA LYS F 304 -17.24 23.97 -12.66
C LYS F 304 -16.47 25.09 -13.33
N LEU F 305 -15.14 25.00 -13.34
CA LEU F 305 -14.31 26.01 -13.97
C LEU F 305 -14.23 25.81 -15.47
N LEU F 306 -14.42 24.58 -15.93
CA LEU F 306 -14.15 24.25 -17.33
C LEU F 306 -15.44 24.14 -18.13
N GLU F 307 -16.54 23.77 -17.47
CA GLU F 307 -17.85 23.61 -18.08
C GLU F 307 -18.44 24.90 -18.59
N ARG F 308 -18.13 26.02 -17.94
CA ARG F 308 -18.45 27.36 -18.41
C ARG F 308 -17.54 27.72 -19.59
N ALA F 309 -17.64 28.98 -20.02
CA ALA F 309 -16.82 29.56 -21.08
C ALA F 309 -16.96 28.80 -22.41
N GLY F 310 -18.17 28.90 -22.96
CA GLY F 310 -18.51 28.25 -24.20
C GLY F 310 -19.32 29.12 -25.14
N PRO F 311 -20.09 28.49 -26.05
CA PRO F 311 -20.80 29.20 -27.14
C PRO F 311 -22.04 29.99 -26.72
N ALA F 312 -21.83 31.20 -26.28
CA ALA F 312 -22.91 32.10 -25.89
C ALA F 312 -23.41 32.90 -27.10
N PRO F 313 -24.65 33.42 -27.07
CA PRO F 313 -25.14 34.19 -28.23
C PRO F 313 -24.59 35.60 -28.33
N LYS F 314 -23.71 36.04 -27.43
CA LYS F 314 -23.19 37.40 -27.43
C LYS F 314 -21.84 37.49 -28.16
N GLY F 315 -21.45 36.44 -28.87
CA GLY F 315 -20.10 36.36 -29.42
C GLY F 315 -19.23 35.77 -28.33
N SER F 316 -18.64 34.61 -28.59
CA SER F 316 -18.31 33.73 -27.49
C SER F 316 -16.80 33.57 -27.35
N ILE F 317 -16.46 32.57 -26.53
CA ILE F 317 -15.21 32.51 -25.79
C ILE F 317 -14.52 31.18 -26.08
N THR F 318 -13.49 31.23 -26.92
CA THR F 318 -12.76 30.04 -27.35
C THR F 318 -11.68 29.73 -26.34
N ALA F 319 -11.86 28.66 -25.59
CA ALA F 319 -10.93 28.32 -24.52
C ALA F 319 -9.89 27.33 -25.03
N ILE F 320 -8.63 27.58 -24.68
CA ILE F 320 -7.53 26.68 -24.96
C ILE F 320 -6.82 26.42 -23.65
N TYR F 321 -6.86 25.17 -23.20
CA TYR F 321 -6.40 24.77 -21.87
C TYR F 321 -5.25 23.78 -22.02
N THR F 322 -4.11 24.08 -21.42
CA THR F 322 -2.97 23.19 -21.56
C THR F 322 -2.84 22.28 -20.35
N VAL F 323 -2.58 21.00 -20.61
CA VAL F 323 -2.40 19.97 -19.58
C VAL F 323 -1.14 19.21 -19.93
N LEU F 324 -0.25 19.01 -18.94
CA LEU F 324 0.97 18.27 -19.27
C LEU F 324 0.78 16.79 -18.92
N LEU F 325 1.60 15.96 -19.56
CA LEU F 325 1.48 14.52 -19.44
C LEU F 325 2.25 14.00 -18.22
N PRO F 333 -3.20 11.28 -14.32
CA PRO F 333 -4.05 11.11 -13.13
C PRO F 333 -5.35 11.91 -13.21
N ILE F 334 -5.25 13.18 -13.62
CA ILE F 334 -6.42 13.97 -13.96
C ILE F 334 -6.48 14.31 -15.44
N GLY F 335 -5.48 13.92 -16.21
CA GLY F 335 -5.54 14.10 -17.65
C GLY F 335 -6.64 13.27 -18.29
N ASP F 336 -7.00 12.14 -17.67
CA ASP F 336 -8.18 11.39 -18.07
C ASP F 336 -9.45 12.20 -17.83
N GLU F 337 -9.56 12.83 -16.66
CA GLU F 337 -10.75 13.60 -16.31
C GLU F 337 -10.86 14.87 -17.15
N VAL F 338 -9.73 15.42 -17.59
CA VAL F 338 -9.79 16.58 -18.49
C VAL F 338 -10.06 16.14 -19.92
N ARG F 339 -9.40 15.09 -20.38
CA ARG F 339 -9.53 14.59 -21.74
C ARG F 339 -10.91 14.03 -22.03
N SER F 340 -11.67 13.64 -21.00
CA SER F 340 -13.04 13.21 -21.20
C SER F 340 -14.06 14.31 -21.02
N ILE F 341 -13.64 15.55 -20.75
CA ILE F 341 -14.58 16.59 -20.36
C ILE F 341 -14.69 17.72 -21.38
N LEU F 342 -13.77 17.87 -22.31
CA LEU F 342 -13.89 18.91 -23.32
C LEU F 342 -13.54 18.36 -24.70
N ASP F 343 -14.13 18.98 -25.72
CA ASP F 343 -14.11 18.46 -27.08
C ASP F 343 -12.87 18.95 -27.84
N GLY F 344 -11.91 18.05 -28.02
CA GLY F 344 -10.73 18.37 -28.80
C GLY F 344 -9.43 18.31 -28.03
N HIS F 345 -8.62 17.30 -28.34
CA HIS F 345 -7.29 17.14 -27.77
C HIS F 345 -6.24 17.36 -28.85
N ILE F 346 -5.20 18.11 -28.50
CA ILE F 346 -4.05 18.32 -29.37
C ILE F 346 -2.81 17.82 -28.65
N VAL F 347 -2.08 16.90 -29.27
CA VAL F 347 -1.00 16.19 -28.59
C VAL F 347 0.33 16.61 -29.17
N LEU F 348 1.21 17.12 -28.29
CA LEU F 348 2.58 17.43 -28.64
C LEU F 348 3.49 16.41 -27.96
N THR F 349 4.39 15.81 -28.72
CA THR F 349 5.20 14.70 -28.24
C THR F 349 6.69 14.99 -28.39
N ARG F 350 7.48 14.50 -27.42
CA ARG F 350 8.94 14.56 -27.51
C ARG F 350 9.51 13.65 -28.58
N GLU F 351 8.85 12.53 -28.87
CA GLU F 351 9.28 11.62 -29.91
C GLU F 351 9.19 12.24 -31.29
N LEU F 352 8.38 13.28 -31.44
CA LEU F 352 8.32 14.04 -32.69
C LEU F 352 9.18 15.29 -32.59
N ALA F 353 9.33 15.85 -31.39
CA ALA F 353 10.08 17.08 -31.19
C ALA F 353 11.58 16.87 -31.15
N GLU F 354 12.05 15.62 -31.12
CA GLU F 354 13.48 15.37 -31.18
C GLU F 354 14.06 15.68 -32.55
N GLU F 355 13.21 15.71 -33.59
CA GLU F 355 13.63 16.26 -34.88
C GLU F 355 13.21 17.72 -34.97
N ASN F 356 13.54 18.35 -36.10
CA ASN F 356 13.18 19.76 -36.31
C ASN F 356 11.88 19.84 -37.11
N HIS F 357 10.82 19.29 -36.52
CA HIS F 357 9.49 19.31 -37.13
C HIS F 357 8.57 20.05 -36.18
N PHE F 358 8.54 21.39 -36.32
CA PHE F 358 7.77 22.26 -35.45
C PHE F 358 6.66 22.95 -36.24
N PRO F 359 5.41 23.03 -35.73
CA PRO F 359 4.84 22.63 -34.44
C PRO F 359 4.78 21.13 -34.22
N ALA F 360 5.13 20.68 -33.01
CA ALA F 360 5.44 19.28 -32.78
C ALA F 360 4.20 18.45 -32.46
N ILE F 361 3.19 18.58 -33.31
CA ILE F 361 1.93 17.86 -33.13
C ILE F 361 1.90 16.68 -34.09
N ASP F 362 1.30 15.58 -33.63
CA ASP F 362 1.12 14.39 -34.44
C ASP F 362 -0.37 14.18 -34.70
N ILE F 363 -0.75 14.20 -35.97
CA ILE F 363 -2.17 14.19 -36.32
C ILE F 363 -2.75 12.78 -36.17
N GLY F 364 -1.91 11.76 -36.10
CA GLY F 364 -2.40 10.39 -36.05
C GLY F 364 -3.07 10.02 -34.74
N LEU F 365 -2.89 10.83 -33.71
CA LEU F 365 -3.53 10.56 -32.43
C LEU F 365 -4.05 11.83 -31.75
N SER F 366 -4.35 12.88 -32.52
CA SER F 366 -5.09 14.03 -32.05
C SER F 366 -6.21 14.36 -33.03
N ALA F 367 -7.36 14.79 -32.49
CA ALA F 367 -8.50 15.15 -33.31
C ALA F 367 -9.45 16.06 -32.54
N SER F 368 -9.89 17.12 -33.22
CA SER F 368 -10.92 18.02 -32.70
C SER F 368 -12.26 17.43 -33.10
N ARG F 369 -13.19 17.33 -32.15
CA ARG F 369 -14.34 16.47 -32.34
C ARG F 369 -15.42 17.10 -33.21
N VAL F 370 -15.30 18.39 -33.52
CA VAL F 370 -16.31 19.09 -34.30
C VAL F 370 -15.62 19.73 -35.52
N MET F 371 -15.73 19.06 -36.65
CA MET F 371 -15.25 19.56 -37.93
C MET F 371 -16.33 19.59 -39.00
N HIS F 372 -17.24 18.60 -38.99
CA HIS F 372 -18.35 18.58 -39.92
C HIS F 372 -19.35 19.69 -39.64
N ASN F 373 -19.41 20.17 -38.40
CA ASN F 373 -20.25 21.32 -38.11
C ASN F 373 -19.52 22.63 -38.36
N VAL F 374 -18.25 22.56 -38.77
CA VAL F 374 -17.41 23.74 -38.89
C VAL F 374 -17.01 23.95 -40.34
N VAL F 375 -16.29 22.99 -40.91
CA VAL F 375 -15.71 23.14 -42.24
C VAL F 375 -16.50 22.27 -43.21
N THR F 376 -16.37 22.57 -44.50
CA THR F 376 -17.19 21.92 -45.53
C THR F 376 -16.76 20.47 -45.73
N SER F 377 -17.56 19.75 -46.52
CA SER F 377 -17.37 18.31 -46.70
C SER F 377 -16.16 18.01 -47.56
N GLU F 378 -15.90 18.84 -48.57
CA GLU F 378 -14.72 18.69 -49.40
C GLU F 378 -13.44 18.83 -48.58
N HIS F 379 -13.35 19.91 -47.80
CA HIS F 379 -12.20 20.15 -46.95
C HIS F 379 -12.06 19.07 -45.87
N LEU F 380 -13.18 18.60 -45.33
CA LEU F 380 -13.13 17.56 -44.30
C LEU F 380 -12.61 16.24 -44.84
N ARG F 381 -13.12 15.80 -46.00
CA ARG F 381 -12.68 14.51 -46.51
C ARG F 381 -11.27 14.59 -47.08
N ALA F 382 -10.88 15.75 -47.63
CA ALA F 382 -9.51 15.92 -48.08
C ALA F 382 -8.53 15.94 -46.90
N ALA F 383 -8.91 16.59 -45.80
CA ALA F 383 -8.09 16.58 -44.60
C ALA F 383 -7.98 15.18 -44.01
N ALA F 384 -9.08 14.42 -44.01
CA ALA F 384 -9.04 13.07 -43.45
C ALA F 384 -8.23 12.14 -44.33
N GLU F 385 -8.26 12.32 -45.65
CA GLU F 385 -7.46 11.45 -46.50
C GLU F 385 -5.99 11.84 -46.42
N CYS F 386 -5.67 13.11 -46.15
CA CYS F 386 -4.29 13.47 -45.87
C CYS F 386 -3.83 12.93 -44.52
N LYS F 387 -4.75 12.85 -43.55
CA LYS F 387 -4.43 12.23 -42.26
C LYS F 387 -4.08 10.76 -42.42
N LYS F 388 -4.89 10.02 -43.17
CA LYS F 388 -4.54 8.62 -43.40
C LYS F 388 -3.43 8.43 -44.44
N LEU F 389 -3.07 9.48 -45.18
CA LEU F 389 -1.88 9.46 -46.02
C LEU F 389 -0.62 9.64 -45.19
N ILE F 390 -0.70 10.42 -44.11
CA ILE F 390 0.42 10.51 -43.17
C ILE F 390 0.53 9.23 -42.36
N ALA F 391 -0.61 8.72 -41.87
CA ALA F 391 -0.62 7.56 -40.98
C ALA F 391 -0.14 6.27 -41.65
N THR F 392 -0.20 6.18 -42.98
CA THR F 392 0.30 5.02 -43.69
C THR F 392 1.78 5.12 -44.01
N TYR F 393 2.39 6.29 -43.83
CA TYR F 393 3.83 6.41 -44.03
C TYR F 393 4.59 5.74 -42.90
N LYS F 394 4.15 5.96 -41.66
CA LYS F 394 4.82 5.39 -40.49
C LYS F 394 4.63 3.88 -40.38
N ASN F 395 3.64 3.31 -41.07
CA ASN F 395 3.53 1.87 -41.19
C ASN F 395 4.23 1.35 -42.44
N VAL F 396 4.82 2.22 -43.24
CA VAL F 396 5.59 1.79 -44.41
C VAL F 396 7.00 2.37 -44.42
N GLU F 397 7.30 3.36 -43.58
CA GLU F 397 8.70 3.75 -43.40
C GLU F 397 9.47 2.69 -42.64
N LEU F 398 8.84 2.11 -41.60
CA LEU F 398 9.45 1.00 -40.87
C LEU F 398 9.62 -0.24 -41.73
N LEU F 399 8.77 -0.40 -42.76
CA LEU F 399 8.94 -1.47 -43.73
C LEU F 399 9.82 -1.07 -44.91
N ILE F 400 10.25 0.18 -44.98
CA ILE F 400 11.27 0.53 -45.97
C ILE F 400 12.57 0.90 -45.27
N ARG F 401 12.57 0.93 -43.93
CA ARG F 401 13.82 0.83 -43.17
C ARG F 401 14.52 -0.49 -43.46
N ILE F 402 13.76 -1.58 -43.43
CA ILE F 402 14.23 -2.85 -43.96
C ILE F 402 14.04 -2.84 -45.46
N GLY F 403 14.87 -3.59 -46.17
CA GLY F 403 14.80 -3.58 -47.62
C GLY F 403 13.82 -4.58 -48.20
N GLU F 404 12.51 -4.31 -48.10
CA GLU F 404 11.54 -5.25 -48.66
C GLU F 404 10.45 -4.58 -49.48
N TYR F 405 10.10 -3.32 -49.19
CA TYR F 405 8.87 -2.75 -49.72
C TYR F 405 9.07 -2.23 -51.14
N THR F 406 8.18 -2.63 -52.04
CA THR F 406 8.18 -2.18 -53.41
C THR F 406 6.85 -1.53 -53.74
N MET F 407 6.65 -1.23 -55.03
CA MET F 407 5.41 -0.70 -55.55
C MET F 407 4.59 -1.84 -56.17
N GLY F 408 3.54 -1.46 -56.88
CA GLY F 408 2.81 -2.37 -57.76
C GLY F 408 1.36 -2.57 -57.41
N GLN F 409 1.05 -2.79 -56.12
CA GLN F 409 -0.34 -2.72 -55.66
C GLN F 409 -0.33 -2.34 -54.19
N ASP F 410 -0.35 -1.03 -53.91
CA ASP F 410 -0.70 -0.46 -52.61
C ASP F 410 -1.01 1.02 -52.82
N PRO F 411 -2.24 1.39 -53.16
CA PRO F 411 -2.50 2.76 -53.64
C PRO F 411 -2.43 3.85 -52.58
N GLU F 412 -2.17 3.52 -51.31
CA GLU F 412 -2.16 4.54 -50.28
C GLU F 412 -0.77 4.89 -49.78
N ALA F 413 0.16 3.94 -49.76
CA ALA F 413 1.53 4.24 -49.33
C ALA F 413 2.47 4.58 -50.46
N ASP F 414 2.14 4.24 -51.72
CA ASP F 414 2.98 4.69 -52.82
C ASP F 414 2.79 6.18 -53.07
N LYS F 415 1.64 6.72 -52.69
CA LYS F 415 1.39 8.15 -52.84
C LYS F 415 2.09 8.96 -51.76
N ALA F 416 2.32 8.38 -50.59
CA ALA F 416 2.99 9.09 -49.51
C ALA F 416 4.47 9.32 -49.83
N ILE F 417 5.09 8.36 -50.52
CA ILE F 417 6.52 8.44 -50.79
C ILE F 417 6.82 9.58 -51.76
N LYS F 418 6.06 9.67 -52.85
CA LYS F 418 6.24 10.77 -53.78
C LYS F 418 5.76 12.08 -53.16
N ASN F 419 4.52 12.09 -52.68
CA ASN F 419 3.92 13.29 -52.10
C ASN F 419 4.15 13.31 -50.59
N ARG F 420 5.42 13.17 -50.19
CA ARG F 420 5.79 13.35 -48.79
C ARG F 420 6.19 14.78 -48.46
N LYS F 421 6.99 15.43 -49.30
CA LYS F 421 7.57 16.70 -48.88
C LYS F 421 6.55 17.83 -48.90
N LEU F 422 5.53 17.73 -49.76
CA LEU F 422 4.45 18.72 -49.73
C LEU F 422 3.61 18.61 -48.47
N ILE F 423 3.34 17.37 -48.04
CA ILE F 423 2.80 17.12 -46.70
C ILE F 423 3.69 17.75 -45.63
N GLN F 424 4.96 17.40 -45.64
CA GLN F 424 5.85 17.70 -44.53
C GLN F 424 6.35 19.13 -44.53
N ASN F 425 6.05 19.93 -45.55
CA ASN F 425 6.18 21.37 -45.38
C ASN F 425 4.83 22.08 -45.35
N PHE F 426 3.74 21.33 -45.50
CA PHE F 426 2.42 21.89 -45.20
C PHE F 426 2.14 21.88 -43.70
N ILE F 427 2.62 20.87 -42.99
CA ILE F 427 2.25 20.67 -41.60
C ILE F 427 3.32 21.20 -40.64
N GLN F 428 4.18 22.11 -41.10
CA GLN F 428 5.15 22.75 -40.24
C GLN F 428 5.46 24.13 -40.79
N GLN F 429 5.74 25.08 -39.91
CA GLN F 429 6.30 26.38 -40.26
C GLN F 429 6.95 27.00 -39.02
N SER F 430 7.59 28.15 -39.22
CA SER F 430 8.37 28.78 -38.16
C SER F 430 7.45 29.55 -37.21
N THR F 431 8.04 30.23 -36.24
CA THR F 431 7.29 30.96 -35.23
C THR F 431 6.57 32.18 -35.80
N LYS F 432 7.23 32.98 -36.62
CA LYS F 432 6.61 34.17 -37.20
C LYS F 432 6.31 33.96 -38.67
N ASP F 433 5.83 32.76 -38.99
CA ASP F 433 5.31 32.44 -40.32
C ASP F 433 3.80 32.30 -40.16
N ILE F 434 3.07 33.29 -40.67
CA ILE F 434 1.62 33.28 -40.62
C ILE F 434 1.09 32.74 -41.94
N SER F 435 -0.01 32.00 -41.88
CA SER F 435 -0.66 31.46 -43.07
C SER F 435 -2.18 31.59 -42.92
N SER F 436 -2.75 32.46 -43.74
CA SER F 436 -4.16 32.80 -43.61
C SER F 436 -5.04 31.65 -44.07
N TYR F 437 -6.33 31.75 -43.74
CA TYR F 437 -7.25 30.64 -43.97
C TYR F 437 -7.57 30.48 -45.44
N GLU F 438 -7.54 31.57 -46.21
CA GLU F 438 -7.79 31.48 -47.64
C GLU F 438 -6.54 31.17 -48.44
N LYS F 439 -5.49 30.68 -47.79
CA LYS F 439 -4.33 30.12 -48.48
C LYS F 439 -4.15 28.64 -48.18
N THR F 440 -4.45 28.22 -46.95
CA THR F 440 -4.23 26.83 -46.55
C THR F 440 -5.24 25.91 -47.20
N ILE F 441 -6.41 26.44 -47.60
CA ILE F 441 -7.41 25.60 -48.25
C ILE F 441 -6.95 25.14 -49.63
N GLU F 442 -6.57 26.08 -50.52
CA GLU F 442 -6.11 25.67 -51.83
C GLU F 442 -4.71 25.05 -51.76
N SER F 443 -3.94 25.40 -50.72
CA SER F 443 -2.67 24.71 -50.51
C SER F 443 -2.90 23.25 -50.13
N LEU F 444 -3.89 22.98 -49.28
CA LEU F 444 -4.24 21.61 -48.91
C LEU F 444 -4.85 20.88 -50.10
N PHE F 445 -5.55 21.59 -50.98
CA PHE F 445 -6.16 20.95 -52.13
C PHE F 445 -5.15 20.74 -53.26
N LYS F 446 -4.00 21.40 -53.21
CA LYS F 446 -2.89 21.03 -54.09
C LYS F 446 -1.87 20.15 -53.37
N VAL F 447 -2.10 19.85 -52.10
CA VAL F 447 -1.37 18.79 -51.42
C VAL F 447 -1.93 17.42 -51.78
N VAL F 448 -3.26 17.33 -51.94
CA VAL F 448 -3.90 16.04 -52.19
C VAL F 448 -3.61 15.50 -53.59
N ALA F 449 -3.06 16.31 -54.49
CA ALA F 449 -2.76 15.88 -55.84
C ALA F 449 -1.46 15.09 -55.90
N HIS G 3 10.32 -8.99 -15.39
CA HIS G 3 9.51 -8.08 -16.19
C HIS G 3 9.99 -8.07 -17.64
N MET G 4 11.25 -8.43 -17.84
CA MET G 4 11.85 -8.49 -19.16
C MET G 4 11.54 -9.79 -19.88
N LEU G 5 10.91 -10.75 -19.22
CA LEU G 5 10.48 -11.95 -19.91
C LEU G 5 9.19 -11.71 -20.66
N ASP G 6 8.43 -10.68 -20.27
CA ASP G 6 7.32 -10.20 -21.09
C ASP G 6 7.81 -9.57 -22.39
N ARG G 7 9.02 -9.00 -22.39
CA ARG G 7 9.52 -8.36 -23.60
C ARG G 7 10.00 -9.39 -24.62
N ILE G 8 10.36 -10.59 -24.18
CA ILE G 8 10.97 -11.55 -25.10
C ILE G 8 9.93 -12.16 -26.03
N LEU G 9 8.73 -12.46 -25.53
CA LEU G 9 7.73 -13.03 -26.43
C LEU G 9 7.15 -11.98 -27.37
N SER G 10 7.31 -10.68 -27.05
CA SER G 10 7.01 -9.64 -28.02
C SER G 10 7.97 -9.69 -29.20
N ILE G 11 9.18 -10.20 -28.98
CA ILE G 11 10.08 -10.51 -30.08
C ILE G 11 9.71 -11.84 -30.71
N ARG G 12 9.32 -12.82 -29.88
CA ARG G 12 9.02 -14.16 -30.40
C ARG G 12 7.74 -14.17 -31.21
N LYS G 13 6.73 -13.40 -30.79
CA LYS G 13 5.51 -13.32 -31.59
C LYS G 13 5.70 -12.47 -32.83
N SER G 14 6.54 -11.44 -32.77
CA SER G 14 6.82 -10.65 -33.97
C SER G 14 7.69 -11.42 -34.94
N ARG G 15 8.53 -12.32 -34.44
CA ARG G 15 9.22 -13.27 -35.30
C ARG G 15 8.24 -14.21 -35.98
N ALA G 16 7.13 -14.54 -35.31
CA ALA G 16 6.13 -15.40 -35.90
C ALA G 16 5.36 -14.69 -37.02
N ASN G 17 5.05 -13.41 -36.83
CA ASN G 17 4.33 -12.65 -37.85
C ASN G 17 5.19 -12.44 -39.08
N ARG G 18 6.49 -12.22 -38.89
CA ARG G 18 7.43 -12.05 -39.99
C ARG G 18 7.86 -13.37 -40.62
N LEU G 19 7.36 -14.51 -40.13
CA LEU G 19 7.54 -15.78 -40.80
C LEU G 19 6.26 -16.34 -41.38
N ARG G 20 5.10 -15.82 -40.98
CA ARG G 20 3.86 -16.19 -41.65
C ARG G 20 3.46 -15.20 -42.74
N GLU G 21 3.97 -13.96 -42.68
CA GLU G 21 3.81 -13.11 -43.85
C GLU G 21 4.77 -13.52 -44.95
N SER G 22 5.92 -14.10 -44.60
CA SER G 22 6.81 -14.66 -45.61
C SER G 22 6.26 -15.98 -46.12
N MET G 23 5.52 -16.70 -45.29
CA MET G 23 4.80 -17.88 -45.75
C MET G 23 3.73 -17.50 -46.75
N ALA G 24 3.09 -16.35 -46.54
CA ALA G 24 2.13 -15.83 -47.51
C ALA G 24 2.82 -15.26 -48.74
N LYS G 25 4.10 -14.93 -48.66
CA LYS G 25 4.83 -14.53 -49.86
C LYS G 25 5.06 -15.72 -50.79
N ILE G 26 5.51 -16.85 -50.24
CA ILE G 26 5.79 -18.01 -51.06
C ILE G 26 4.49 -18.67 -51.53
N ASN G 27 3.46 -18.67 -50.67
CA ASN G 27 2.17 -19.22 -51.07
C ASN G 27 1.47 -18.35 -52.11
N SER G 28 1.86 -17.09 -52.25
CA SER G 28 1.36 -16.27 -53.34
C SER G 28 2.10 -16.55 -54.65
N GLN G 29 3.36 -17.00 -54.56
CA GLN G 29 4.15 -17.25 -55.77
C GLN G 29 4.50 -18.73 -55.94
N ILE G 30 3.77 -19.63 -55.29
CA ILE G 30 3.71 -21.00 -55.79
C ILE G 30 2.71 -21.12 -56.93
N LYS G 31 1.82 -20.14 -57.08
CA LYS G 31 0.80 -20.18 -58.12
C LYS G 31 1.36 -19.83 -59.48
N GLU G 32 2.35 -18.93 -59.54
CA GLU G 32 2.88 -18.49 -60.82
C GLU G 32 3.87 -19.48 -61.41
N VAL G 33 4.56 -20.25 -60.58
CA VAL G 33 5.52 -21.24 -61.05
C VAL G 33 5.19 -22.62 -60.48
N GLU G 93 10.95 -23.59 -60.91
CA GLU G 93 11.57 -22.79 -59.85
C GLU G 93 10.82 -23.03 -58.54
N LYS G 94 9.56 -23.48 -58.66
CA LYS G 94 8.73 -23.71 -57.49
C LYS G 94 9.27 -24.84 -56.63
N ARG G 95 9.88 -25.85 -57.24
CA ARG G 95 10.56 -26.89 -56.47
C ARG G 95 11.78 -26.36 -55.75
N SER G 96 12.47 -25.38 -56.33
CA SER G 96 13.51 -24.66 -55.60
C SER G 96 12.91 -23.60 -54.66
N LEU G 97 11.63 -23.26 -54.85
CA LEU G 97 10.98 -22.26 -54.02
C LEU G 97 10.18 -22.89 -52.89
N LEU G 98 9.72 -24.13 -53.05
CA LEU G 98 9.14 -24.84 -51.92
C LEU G 98 10.19 -25.29 -50.92
N ASP G 99 11.47 -25.27 -51.30
CA ASP G 99 12.55 -25.50 -50.35
C ASP G 99 12.67 -24.38 -49.32
N SER G 100 12.17 -23.19 -49.64
CA SER G 100 12.22 -22.06 -48.72
C SER G 100 11.02 -22.03 -47.78
N GLN G 101 9.82 -22.35 -48.28
CA GLN G 101 8.66 -22.40 -47.40
C GLN G 101 8.72 -23.59 -46.46
N LYS G 102 9.40 -24.67 -46.86
CA LYS G 102 9.56 -25.82 -45.99
C LYS G 102 10.44 -25.47 -44.79
N ARG G 103 11.52 -24.74 -45.03
CA ARG G 103 12.30 -24.21 -43.92
C ARG G 103 11.57 -23.10 -43.19
N THR G 104 10.66 -22.40 -43.88
CA THR G 104 9.87 -21.36 -43.22
C THR G 104 8.85 -21.98 -42.27
N LYS G 105 8.09 -22.97 -42.75
CA LYS G 105 6.97 -23.49 -41.97
C LYS G 105 7.47 -24.36 -40.82
N GLU G 106 8.62 -25.02 -40.96
CA GLU G 106 9.15 -25.74 -39.81
C GLU G 106 9.76 -24.78 -38.80
N ASN G 107 10.23 -23.61 -39.26
CA ASN G 107 10.66 -22.59 -38.32
C ASN G 107 9.46 -21.88 -37.71
N LEU G 108 8.38 -21.72 -38.48
CA LEU G 108 7.17 -21.14 -37.92
C LEU G 108 6.54 -22.06 -36.88
N GLN G 109 6.62 -23.38 -37.11
CA GLN G 109 6.29 -24.32 -36.05
C GLN G 109 7.28 -24.24 -34.91
N HIS G 110 8.56 -23.98 -35.21
CA HIS G 110 9.55 -23.82 -34.15
C HIS G 110 9.36 -22.53 -33.38
N VAL G 111 8.90 -21.48 -34.05
CA VAL G 111 8.66 -20.22 -33.35
C VAL G 111 7.37 -20.27 -32.55
N ASN G 112 6.32 -20.90 -33.11
CA ASN G 112 5.07 -21.06 -32.38
C ASN G 112 5.23 -21.94 -31.15
N LYS G 113 6.07 -22.98 -31.23
CA LYS G 113 6.40 -23.75 -30.03
C LYS G 113 7.20 -22.92 -29.05
N SER G 114 8.03 -22.00 -29.55
CA SER G 114 8.81 -21.15 -28.66
C SER G 114 7.97 -20.10 -27.96
N VAL G 115 6.78 -19.80 -28.44
CA VAL G 115 5.92 -18.85 -27.73
C VAL G 115 5.09 -19.56 -26.69
N GLU G 116 4.51 -20.71 -27.03
CA GLU G 116 3.60 -21.40 -26.12
C GLU G 116 4.31 -22.06 -24.95
N LYS G 117 5.63 -22.22 -24.98
CA LYS G 117 6.38 -22.58 -23.80
C LYS G 117 6.99 -21.38 -23.12
N LEU G 118 6.83 -20.19 -23.69
CA LEU G 118 7.26 -18.96 -23.05
C LEU G 118 6.08 -18.13 -22.57
N SER G 119 4.91 -18.29 -23.17
CA SER G 119 3.69 -17.72 -22.63
C SER G 119 3.10 -18.57 -21.51
N PHE G 120 3.43 -19.86 -21.47
CA PHE G 120 3.06 -20.70 -20.35
C PHE G 120 4.07 -20.59 -19.21
N ALA G 121 5.28 -20.11 -19.50
CA ALA G 121 6.29 -19.93 -18.48
C ALA G 121 6.10 -18.66 -17.67
N ILE G 122 5.12 -17.82 -18.01
CA ILE G 122 4.81 -16.67 -17.18
C ILE G 122 3.90 -17.08 -16.02
N LYS G 123 3.01 -18.04 -16.28
CA LYS G 123 2.08 -18.50 -15.26
C LYS G 123 2.79 -19.27 -14.15
N GLU G 124 3.93 -19.90 -14.47
CA GLU G 124 4.68 -20.65 -13.47
C GLU G 124 5.37 -19.74 -12.45
N HIS G 125 5.55 -18.47 -12.76
CA HIS G 125 6.00 -17.49 -11.78
C HIS G 125 4.83 -16.65 -11.30
PB ADP H . -21.77 -19.06 -5.45
O1B ADP H . -21.14 -17.68 -5.57
O2B ADP H . -23.20 -19.05 -4.98
O3B ADP H . -20.90 -20.07 -4.76
PA ADP H . -22.80 -20.82 -7.35
O1A ADP H . -22.17 -22.08 -6.80
O2A ADP H . -24.22 -20.47 -6.99
O3A ADP H . -21.86 -19.57 -6.97
O5' ADP H . -22.69 -20.87 -8.96
C5' ADP H . -23.85 -21.12 -9.76
C4' ADP H . -23.44 -21.17 -11.22
O4' ADP H . -22.19 -21.84 -11.36
C3' ADP H . -24.48 -21.94 -12.05
O3' ADP H . -25.04 -21.07 -13.03
C2' ADP H . -23.74 -23.12 -12.66
O2' ADP H . -23.76 -23.11 -14.09
C1' ADP H . -22.30 -23.01 -12.18
N9 ADP H . -21.94 -24.22 -11.37
C8 ADP H . -21.49 -24.21 -10.11
N7 ADP H . -21.27 -25.47 -9.67
C5 ADP H . -21.57 -26.32 -10.67
C6 ADP H . -21.56 -27.78 -10.88
N6 ADP H . -21.17 -28.62 -9.89
N1 ADP H . -21.97 -28.25 -12.08
C2 ADP H . -22.37 -27.43 -13.07
N3 ADP H . -22.39 -26.08 -12.95
C4 ADP H . -22.02 -25.48 -11.80
MG MG I . -24.39 -18.96 -2.83
AL AF3 J . -22.03 -15.89 -4.27
F1 AF3 J . -22.10 -14.79 -5.61
F2 AF3 J . -20.73 -16.00 -3.21
F3 AF3 J . -23.37 -16.84 -4.09
PB ADP K . -1.41 -26.88 11.03
O1B ADP K . 0.09 -26.82 10.96
O2B ADP K . -1.95 -27.38 12.35
O3B ADP K . -2.11 -25.65 10.50
PA ADP K . -1.80 -29.59 10.43
O1A ADP K . -0.49 -29.86 11.13
O2A ADP K . -3.11 -29.88 11.12
O3A ADP K . -1.81 -28.04 9.99
O5' ADP K . -1.79 -30.36 9.02
C5' ADP K . -2.34 -29.74 7.85
C4' ADP K . -2.93 -30.81 6.95
O4' ADP K . -1.94 -31.25 6.01
C3' ADP K . -3.39 -32.02 7.74
O3' ADP K . -4.80 -32.19 7.60
C2' ADP K . -2.60 -33.21 7.20
O2' ADP K . -3.45 -34.24 6.67
C1' ADP K . -1.71 -32.66 6.10
N9 ADP K . -0.28 -32.92 6.44
C8 ADP K . 0.59 -32.01 6.92
N7 ADP K . 1.81 -32.56 7.12
C5 ADP K . 1.73 -33.86 6.76
C6 ADP K . 2.66 -35.01 6.72
N6 ADP K . 3.94 -34.90 7.12
N1 ADP K . 2.17 -36.20 6.28
C2 ADP K . 0.89 -36.33 5.88
N3 ADP K . 0.00 -35.33 5.89
C4 ADP K . 0.35 -34.09 6.31
MG MG L . -2.00 -26.86 14.56
AL AF3 M . -3.55 -24.09 12.16
F1 AF3 M . -4.88 -23.88 11.06
F2 AF3 M . -2.29 -23.01 12.29
F3 AF3 M . -3.62 -25.47 13.07
PB ADP N . 22.03 -12.57 12.06
O1B ADP N . 22.71 -11.68 11.03
O2B ADP N . 22.68 -12.54 13.42
O3B ADP N . 20.53 -12.45 12.08
PA ADP N . 23.68 -14.82 11.88
O1A ADP N . 24.83 -13.99 11.34
O2A ADP N . 23.64 -15.20 13.34
O3A ADP N . 22.31 -14.06 11.53
O5' ADP N . 23.58 -16.16 11.00
C5' ADP N . 22.31 -16.68 10.62
C4' ADP N . 22.45 -18.16 10.30
O4' ADP N . 22.96 -18.33 8.97
C3' ADP N . 23.39 -18.85 11.26
O3' ADP N . 22.68 -19.84 12.02
C2' ADP N . 24.50 -19.45 10.40
O2' ADP N . 24.59 -20.88 10.52
C1' ADP N . 24.17 -19.09 8.96
N9 ADP N . 25.27 -18.27 8.39
C8 ADP N . 25.30 -16.92 8.34
N7 ADP N . 26.45 -16.48 7.76
C5 ADP N . 27.17 -17.57 7.42
C6 ADP N . 28.48 -17.82 6.77
N6 ADP N . 29.26 -16.80 6.36
N1 ADP N . 28.87 -19.10 6.61
C2 ADP N . 28.10 -20.13 7.03
N3 ADP N . 26.91 -19.97 7.62
C4 ADP N . 26.39 -18.73 7.84
MG MG O . 22.97 -11.74 15.40
AL AF3 P . 19.18 -11.67 14.16
F1 AF3 P . 17.89 -12.83 14.08
F2 AF3 P . 19.11 -10.16 13.45
F3 AF3 P . 20.52 -12.18 15.00
PB ADP Q . 25.67 10.69 -1.82
O1B ADP Q . 26.53 11.87 -1.47
O2B ADP Q . 24.56 10.98 -2.79
O3B ADP Q . 25.24 9.86 -0.64
PA ADP Q . 28.24 10.00 -2.68
O1A ADP Q . 28.50 11.09 -3.70
O2A ADP Q . 28.71 10.17 -1.25
O3A ADP Q . 26.65 9.72 -2.64
O5' ADP Q . 28.83 8.62 -3.24
C5' ADP Q . 28.10 7.40 -3.11
C4' ADP Q . 29.02 6.22 -3.37
O4' ADP Q . 29.02 5.92 -4.77
C3' ADP Q . 30.45 6.52 -2.96
O3' ADP Q . 30.85 5.64 -1.91
C2' ADP Q . 31.29 6.37 -4.22
O2' ADP Q . 32.30 5.35 -4.09
C1' ADP Q . 30.33 6.00 -5.34
N9 ADP Q . 30.36 7.05 -6.39
C8 ADP Q . 29.52 8.10 -6.48
N7 ADP Q . 29.81 8.87 -7.56
C5 ADP Q . 30.86 8.30 -8.18
C6 ADP Q . 31.67 8.60 -9.38
N6 ADP Q . 31.42 9.69 -10.15
N1 ADP Q . 32.69 7.75 -9.69
C2 ADP Q . 32.96 6.68 -8.94
N3 ADP Q . 32.26 6.34 -7.83
C4 ADP Q . 31.22 7.10 -7.40
MG MG R . 26.43 13.60 0.37
AL AF3 S . 23.64 10.73 1.34
F1 AF3 S . 23.56 9.14 2.00
F2 AF3 S . 22.33 11.52 0.65
F3 AF3 S . 25.14 11.45 1.41
#